data_7XTG
#
_entry.id   7XTG
#
_cell.length_a   1.00
_cell.length_b   1.00
_cell.length_c   1.00
_cell.angle_alpha   90.00
_cell.angle_beta   90.00
_cell.angle_gamma   90.00
#
_symmetry.space_group_name_H-M   'P 1'
#
loop_
_entity.id
_entity.type
_entity.pdbx_description
1 polymer 'Bacteriocin curvacin-A'
2 polymer 'Sakacin-A immunity factor'
3 polymer 'Mannose permease IIC component'
4 polymer 'Mannose permease IID component'
5 non-polymer alpha-D-mannopyranose
#
loop_
_entity_poly.entity_id
_entity_poly.type
_entity_poly.pdbx_seq_one_letter_code
_entity_poly.pdbx_strand_id
1 'polypeptide(L)' MARSYGNGVYCNNKKCWVNRGEATQSIIGGMISGWASGLAGM A,C,G
2 'polypeptide(L)'
;ADYKKINSILTYTSTALKNPKIIKDKDLVVLLTIIQEEAKQNRIFYDYKRKFRPAVTRFTIDNNFEIPDCLVKLLSAVET
PKAWSGFS
;
B,F,J
3 'polypeptide(L)'
;DLNFIQVILVIFVAFLAGVEGILDQFHFHQPVIACTLIGLVTGNLLPCLILGGTLQMIALGWANVGAAVAPDAALASIAS
AIILVLGGQGKAGVTSAIAIAVPLAVAGLLLTIIVRTLATGIVHIMDAAAKEGNFRKIEMWQYIAIIMQGVRIAIPAGLI
LAIGAGPVKEMLTAMPVWLTDGLAIGGGMVVAVGYAMVINMMATKEVWPFFAIGFVLATISQLTLIGLGAIGISLALIYL
ALSKQGSG
;
D,H,Y
4 'polypeptide(L)'
;QLKLTKKDRISVWLRSTFLQGSWNYERMQNGGWAYTLIPALKKLYKTKEDRSAALVRHMEFFNTHPYVAAPILGVTLALE
EERANGAPIDDVTIQGVKVGMMGPLAGIGDPVFWFTVKPIIGALAASLAMSGNILGPIIYFVAWNAIRMAFTWYTQEFGY
RAGSKITEDLSGGILQDITKGASILGMFILGSLVNRWVSVKFTPTVSSVKLDKGAFIDWDKLPSGAKGIQSALQQQAQGL
SLTDHKITTLQDNLDSLIPGLAALGLTLFCMWLLKKKVSPIVIILGLFVVGIVFHLLHLM
;
E,I,Z
#
loop_
_chem_comp.id
_chem_comp.type
_chem_comp.name
_chem_comp.formula
MAN D-saccharide, alpha linking alpha-D-mannopyranose 'C6 H12 O6'
#
# COMPACT_ATOMS: atom_id res chain seq x y z
N MET A 1 -16.64 -31.62 -4.26
CA MET A 1 -18.05 -31.94 -4.07
C MET A 1 -18.93 -30.80 -4.58
N ALA A 2 -18.36 -29.61 -4.68
CA ALA A 2 -19.09 -28.44 -5.17
C ALA A 2 -18.30 -27.80 -6.30
N ARG A 3 -18.91 -27.67 -7.46
CA ARG A 3 -18.24 -27.23 -8.68
C ARG A 3 -18.47 -25.75 -8.94
N SER A 4 -17.41 -24.95 -8.85
CA SER A 4 -17.53 -23.52 -9.02
C SER A 4 -17.88 -23.15 -10.46
N TYR A 5 -19.10 -22.66 -10.66
CA TYR A 5 -19.50 -22.07 -11.94
C TYR A 5 -19.52 -20.55 -11.90
N GLY A 6 -19.00 -19.94 -10.83
CA GLY A 6 -18.78 -18.51 -10.79
C GLY A 6 -20.03 -17.72 -10.48
N ASN A 7 -19.82 -16.44 -10.18
CA ASN A 7 -20.87 -15.47 -9.92
C ASN A 7 -21.77 -15.89 -8.74
N GLY A 8 -21.25 -16.73 -7.86
CA GLY A 8 -21.96 -17.12 -6.66
C GLY A 8 -22.58 -18.51 -6.67
N VAL A 9 -22.87 -19.08 -7.83
CA VAL A 9 -23.52 -20.38 -7.91
C VAL A 9 -22.47 -21.44 -8.20
N TYR A 10 -22.39 -22.48 -7.37
CA TYR A 10 -21.46 -23.52 -7.77
C TYR A 10 -22.20 -24.69 -8.39
N CYS A 11 -22.62 -25.66 -7.55
CA CYS A 11 -23.63 -26.68 -7.73
C CYS A 11 -23.46 -27.75 -6.64
N ASN A 12 -24.35 -28.73 -6.62
CA ASN A 12 -24.06 -30.03 -5.99
C ASN A 12 -24.48 -31.10 -6.99
N ASN A 13 -24.37 -32.36 -6.60
CA ASN A 13 -24.75 -33.44 -7.51
C ASN A 13 -26.25 -33.53 -7.70
N LYS A 14 -27.05 -32.84 -6.88
CA LYS A 14 -28.50 -32.82 -7.07
C LYS A 14 -29.12 -31.46 -6.79
N LYS A 15 -28.33 -30.41 -6.54
CA LYS A 15 -28.86 -29.12 -6.13
C LYS A 15 -27.81 -28.05 -6.42
N CYS A 16 -28.26 -26.92 -6.96
CA CYS A 16 -27.37 -25.79 -7.20
C CYS A 16 -27.92 -24.57 -6.49
N TRP A 17 -27.03 -23.82 -5.85
CA TRP A 17 -27.37 -22.65 -5.04
C TRP A 17 -26.35 -21.57 -5.28
N VAL A 18 -26.73 -20.32 -4.97
CA VAL A 18 -25.86 -19.17 -5.17
C VAL A 18 -25.30 -18.76 -3.81
N ASN A 19 -24.00 -18.46 -3.79
CA ASN A 19 -23.35 -17.81 -2.65
C ASN A 19 -23.55 -16.31 -2.83
N ARG A 20 -24.34 -15.71 -1.95
CA ARG A 20 -24.74 -14.33 -2.14
C ARG A 20 -23.54 -13.38 -2.05
N GLY A 21 -22.62 -13.64 -1.13
CA GLY A 21 -21.43 -12.83 -1.04
C GLY A 21 -20.61 -12.84 -2.32
N GLU A 22 -20.46 -14.02 -2.95
CA GLU A 22 -19.71 -14.08 -4.19
C GLU A 22 -20.46 -13.42 -5.33
N ALA A 23 -21.79 -13.51 -5.34
CA ALA A 23 -22.58 -12.76 -6.32
C ALA A 23 -22.35 -11.26 -6.17
N THR A 24 -22.33 -10.77 -4.92
CA THR A 24 -22.09 -9.36 -4.67
C THR A 24 -20.69 -8.93 -5.13
N GLN A 25 -19.68 -9.74 -4.77
CA GLN A 25 -18.31 -9.41 -5.18
C GLN A 25 -18.17 -9.41 -6.69
N SER A 26 -18.77 -10.40 -7.36
CA SER A 26 -18.69 -10.44 -8.82
C SER A 26 -19.40 -9.25 -9.45
N ILE A 27 -20.55 -8.84 -8.91
CA ILE A 27 -21.26 -7.71 -9.49
C ILE A 27 -20.44 -6.43 -9.32
N ILE A 28 -19.81 -6.25 -8.16
CA ILE A 28 -19.03 -5.04 -7.93
C ILE A 28 -17.78 -5.03 -8.82
N GLY A 29 -17.10 -6.17 -8.91
CA GLY A 29 -15.93 -6.25 -9.76
C GLY A 29 -16.25 -6.07 -11.23
N GLY A 30 -17.37 -6.63 -11.69
CA GLY A 30 -17.81 -6.40 -13.04
C GLY A 30 -18.12 -4.94 -13.29
N MET A 31 -18.75 -4.28 -12.32
CA MET A 31 -19.02 -2.86 -12.43
C MET A 31 -17.73 -2.07 -12.62
N ILE A 32 -16.74 -2.34 -11.77
CA ILE A 32 -15.47 -1.61 -11.85
C ILE A 32 -14.79 -1.89 -13.18
N SER A 33 -14.74 -3.16 -13.60
CA SER A 33 -14.03 -3.51 -14.82
C SER A 33 -14.70 -2.89 -16.03
N GLY A 34 -16.03 -2.98 -16.12
CA GLY A 34 -16.73 -2.39 -17.25
C GLY A 34 -16.56 -0.88 -17.30
N TRP A 35 -16.64 -0.21 -16.15
CA TRP A 35 -16.48 1.24 -16.15
C TRP A 35 -15.08 1.64 -16.59
N ALA A 36 -14.06 1.01 -16.01
CA ALA A 36 -12.69 1.37 -16.34
C ALA A 36 -12.38 1.09 -17.81
N SER A 37 -12.80 -0.08 -18.31
CA SER A 37 -12.54 -0.42 -19.69
C SER A 37 -13.29 0.49 -20.66
N GLY A 38 -14.56 0.82 -20.37
CA GLY A 38 -15.27 1.74 -21.23
C GLY A 38 -14.67 3.13 -21.22
N LEU A 39 -14.15 3.55 -20.07
CA LEU A 39 -13.53 4.87 -19.98
C LEU A 39 -12.18 4.90 -20.71
N ALA A 40 -11.41 3.81 -20.62
CA ALA A 40 -10.10 3.76 -21.27
C ALA A 40 -10.20 3.50 -22.77
N GLY A 41 -11.19 2.73 -23.21
CA GLY A 41 -11.28 2.36 -24.61
C GLY A 41 -11.50 3.56 -25.51
N MET A 42 -12.09 4.63 -24.97
CA MET A 42 -12.34 5.85 -25.72
C MET A 42 -11.14 6.80 -25.65
N ALA B 1 -5.27 -11.23 -48.76
CA ALA B 1 -6.70 -11.52 -48.75
C ALA B 1 -7.36 -10.96 -50.00
N ASP B 2 -8.40 -10.14 -49.81
CA ASP B 2 -9.04 -9.48 -50.94
C ASP B 2 -8.05 -8.52 -51.59
N TYR B 3 -7.88 -8.66 -52.90
CA TYR B 3 -6.94 -7.80 -53.62
C TYR B 3 -7.50 -6.39 -53.79
N LYS B 4 -8.79 -6.29 -54.09
CA LYS B 4 -9.42 -4.98 -54.20
C LYS B 4 -9.36 -4.24 -52.86
N LYS B 5 -9.59 -4.95 -51.76
CA LYS B 5 -9.50 -4.32 -50.45
C LYS B 5 -8.08 -3.82 -50.17
N ILE B 6 -7.08 -4.64 -50.52
CA ILE B 6 -5.69 -4.23 -50.29
C ILE B 6 -5.36 -2.99 -51.10
N ASN B 7 -5.74 -2.97 -52.38
CA ASN B 7 -5.44 -1.82 -53.23
C ASN B 7 -6.15 -0.56 -52.75
N SER B 8 -7.42 -0.69 -52.37
CA SER B 8 -8.17 0.47 -51.90
C SER B 8 -7.61 0.99 -50.57
N ILE B 9 -7.20 0.07 -49.68
CA ILE B 9 -6.60 0.49 -48.41
C ILE B 9 -5.30 1.22 -48.67
N LEU B 10 -4.48 0.71 -49.60
CA LEU B 10 -3.25 1.42 -49.96
C LEU B 10 -3.55 2.81 -50.48
N THR B 11 -4.54 2.93 -51.36
CA THR B 11 -4.91 4.25 -51.90
C THR B 11 -5.39 5.18 -50.81
N TYR B 12 -6.24 4.69 -49.90
CA TYR B 12 -6.78 5.55 -48.85
C TYR B 12 -5.73 5.96 -47.83
N THR B 13 -4.83 5.05 -47.43
CA THR B 13 -3.72 5.45 -46.58
C THR B 13 -2.84 6.47 -47.28
N SER B 14 -2.60 6.27 -48.58
CA SER B 14 -1.76 7.21 -49.33
C SER B 14 -2.37 8.60 -49.34
N THR B 15 -3.68 8.71 -49.58
CA THR B 15 -4.29 10.04 -49.62
C THR B 15 -4.47 10.62 -48.22
N ALA B 16 -4.57 9.75 -47.19
CA ALA B 16 -4.64 10.25 -45.82
C ALA B 16 -3.32 10.85 -45.39
N LEU B 17 -2.20 10.24 -45.80
CA LEU B 17 -0.87 10.72 -45.42
C LEU B 17 -0.47 12.00 -46.16
N LYS B 18 -1.37 12.60 -46.94
CA LYS B 18 -1.10 13.85 -47.64
C LYS B 18 -1.96 15.01 -47.17
N ASN B 19 -2.97 14.76 -46.36
CA ASN B 19 -3.79 15.83 -45.80
C ASN B 19 -3.05 16.49 -44.63
N PRO B 20 -2.90 17.82 -44.63
CA PRO B 20 -2.10 18.46 -43.57
C PRO B 20 -2.60 18.16 -42.15
N LYS B 21 -3.91 18.19 -41.95
CA LYS B 21 -4.46 18.00 -40.61
C LYS B 21 -4.19 16.59 -40.09
N ILE B 22 -4.29 15.60 -40.98
CA ILE B 22 -3.90 14.24 -40.61
C ILE B 22 -2.39 14.14 -40.43
N ILE B 23 -1.62 14.86 -41.26
CA ILE B 23 -0.17 14.82 -41.16
C ILE B 23 0.28 15.27 -39.77
N LYS B 24 -0.42 16.26 -39.19
CA LYS B 24 -0.06 16.72 -37.85
C LYS B 24 -0.18 15.61 -36.81
N ASP B 25 -1.14 14.71 -36.98
CA ASP B 25 -1.45 13.69 -35.97
C ASP B 25 -0.40 12.58 -36.02
N LYS B 26 0.65 12.71 -35.21
CA LYS B 26 1.71 11.71 -35.18
C LYS B 26 1.20 10.37 -34.67
N ASP B 27 0.32 10.38 -33.67
CA ASP B 27 -0.28 9.13 -33.20
C ASP B 27 -1.04 8.44 -34.32
N LEU B 28 -1.78 9.20 -35.13
CA LEU B 28 -2.45 8.62 -36.29
C LEU B 28 -1.46 8.36 -37.43
N VAL B 29 -0.39 9.15 -37.51
CA VAL B 29 0.63 8.89 -38.52
C VAL B 29 1.22 7.49 -38.33
N VAL B 30 1.43 7.08 -37.08
CA VAL B 30 1.97 5.74 -36.81
C VAL B 30 1.04 4.68 -37.37
N LEU B 31 -0.24 4.76 -37.03
CA LEU B 31 -1.19 3.74 -37.46
C LEU B 31 -1.35 3.74 -38.97
N LEU B 32 -1.42 4.91 -39.59
CA LEU B 32 -1.52 4.98 -41.06
C LEU B 32 -0.29 4.41 -41.74
N THR B 33 0.90 4.73 -41.25
CA THR B 33 2.12 4.19 -41.83
C THR B 33 2.15 2.68 -41.70
N ILE B 34 1.80 2.16 -40.53
CA ILE B 34 1.83 0.71 -40.32
C ILE B 34 0.80 0.01 -41.19
N ILE B 35 -0.40 0.60 -41.31
CA ILE B 35 -1.47 0.00 -42.09
C ILE B 35 -1.13 0.01 -43.59
N GLN B 36 -0.52 1.10 -44.06
CA GLN B 36 -0.02 1.13 -45.44
C GLN B 36 1.06 0.09 -45.65
N GLU B 37 1.94 -0.11 -44.66
CA GLU B 37 2.97 -1.12 -44.81
C GLU B 37 2.38 -2.53 -44.89
N GLU B 38 1.39 -2.83 -44.04
CA GLU B 38 0.78 -4.16 -44.08
C GLU B 38 -0.03 -4.37 -45.35
N ALA B 39 -0.71 -3.32 -45.83
CA ALA B 39 -1.39 -3.43 -47.13
C ALA B 39 -0.37 -3.63 -48.25
N LYS B 40 0.82 -3.04 -48.10
CA LYS B 40 1.88 -3.25 -49.06
C LYS B 40 2.36 -4.70 -49.09
N GLN B 41 2.10 -5.47 -48.03
CA GLN B 41 2.48 -6.87 -47.98
C GLN B 41 1.29 -7.81 -48.16
N ASN B 42 0.15 -7.29 -48.61
CA ASN B 42 -1.05 -8.08 -48.86
C ASN B 42 -1.53 -8.80 -47.60
N ARG B 43 -1.65 -8.06 -46.51
CA ARG B 43 -2.24 -8.55 -45.28
C ARG B 43 -3.10 -7.45 -44.67
N ILE B 44 -4.15 -7.85 -43.98
CA ILE B 44 -5.05 -6.92 -43.31
C ILE B 44 -4.65 -6.81 -41.85
N PHE B 45 -4.32 -5.60 -41.42
CA PHE B 45 -3.79 -5.39 -40.08
C PHE B 45 -4.72 -5.93 -39.00
N TYR B 46 -4.13 -6.56 -38.00
CA TYR B 46 -4.82 -7.12 -36.85
C TYR B 46 -4.45 -6.25 -35.65
N ASP B 47 -5.45 -5.60 -35.04
CA ASP B 47 -5.18 -4.81 -33.84
C ASP B 47 -5.92 -5.45 -32.66
N TYR B 48 -5.18 -6.30 -31.93
CA TYR B 48 -5.70 -6.82 -30.67
C TYR B 48 -5.81 -5.70 -29.65
N LYS B 49 -4.94 -4.69 -29.74
CA LYS B 49 -5.15 -3.43 -29.05
C LYS B 49 -5.98 -2.54 -29.96
N ARG B 50 -7.23 -2.30 -29.58
CA ARG B 50 -8.16 -1.52 -30.40
C ARG B 50 -7.78 -0.04 -30.30
N LYS B 51 -6.76 0.34 -31.06
CA LYS B 51 -6.19 1.67 -30.98
C LYS B 51 -6.64 2.59 -32.12
N PHE B 52 -6.94 2.04 -33.30
CA PHE B 52 -7.15 2.87 -34.48
C PHE B 52 -8.44 3.68 -34.37
N ARG B 53 -9.55 3.02 -34.05
CA ARG B 53 -10.84 3.70 -33.98
C ARG B 53 -10.90 4.75 -32.87
N PRO B 54 -10.46 4.47 -31.64
CA PRO B 54 -10.41 5.56 -30.65
C PRO B 54 -9.53 6.72 -31.11
N ALA B 55 -8.46 6.42 -31.86
CA ALA B 55 -7.62 7.48 -32.41
C ALA B 55 -8.36 8.29 -33.45
N VAL B 56 -9.18 7.64 -34.29
CA VAL B 56 -9.94 8.41 -35.28
C VAL B 56 -10.95 9.31 -34.57
N THR B 57 -11.52 8.83 -33.45
CA THR B 57 -12.39 9.68 -32.65
C THR B 57 -11.61 10.87 -32.07
N ARG B 58 -10.40 10.61 -31.56
CA ARG B 58 -9.58 11.68 -30.99
C ARG B 58 -9.25 12.73 -32.03
N PHE B 59 -8.82 12.30 -33.22
CA PHE B 59 -8.50 13.25 -34.28
C PHE B 59 -9.73 14.03 -34.72
N THR B 60 -10.87 13.34 -34.89
CA THR B 60 -12.08 14.02 -35.30
C THR B 60 -12.50 15.08 -34.30
N ILE B 61 -12.43 14.75 -33.01
CA ILE B 61 -12.76 15.72 -31.97
C ILE B 61 -11.76 16.88 -31.96
N ASP B 62 -10.49 16.60 -32.26
CA ASP B 62 -9.50 17.67 -32.35
C ASP B 62 -9.65 18.52 -33.61
N ASN B 63 -10.48 18.13 -34.56
CA ASN B 63 -10.67 18.87 -35.80
C ASN B 63 -12.10 19.39 -35.91
N ASN B 64 -12.63 19.93 -34.81
CA ASN B 64 -13.96 20.54 -34.76
C ASN B 64 -15.06 19.56 -35.15
N PHE B 65 -14.90 18.30 -34.75
CA PHE B 65 -15.85 17.23 -35.03
C PHE B 65 -16.11 17.12 -36.54
N GLU B 66 -15.02 17.18 -37.30
CA GLU B 66 -15.06 17.09 -38.75
C GLU B 66 -14.07 16.03 -39.20
N ILE B 67 -14.44 15.26 -40.22
CA ILE B 67 -13.64 14.12 -40.66
C ILE B 67 -13.57 14.08 -42.18
N PRO B 68 -12.44 13.69 -42.77
CA PRO B 68 -12.38 13.52 -44.22
C PRO B 68 -12.87 12.15 -44.67
N ASP B 69 -12.73 11.90 -45.97
CA ASP B 69 -13.24 10.67 -46.57
C ASP B 69 -12.31 9.49 -46.35
N CYS B 70 -10.99 9.72 -46.33
CA CYS B 70 -10.04 8.61 -46.28
C CYS B 70 -10.11 7.87 -44.96
N LEU B 71 -10.17 8.60 -43.84
CA LEU B 71 -10.30 7.96 -42.54
C LEU B 71 -11.62 7.21 -42.43
N VAL B 72 -12.68 7.77 -42.98
CA VAL B 72 -13.99 7.10 -42.94
C VAL B 72 -13.94 5.79 -43.70
N LYS B 73 -13.33 5.79 -44.90
CA LYS B 73 -13.24 4.56 -45.68
C LYS B 73 -12.22 3.59 -45.11
N LEU B 74 -11.27 4.06 -44.30
CA LEU B 74 -10.35 3.16 -43.62
C LEU B 74 -10.87 2.68 -42.27
N LEU B 75 -12.01 3.20 -41.82
CA LEU B 75 -12.61 2.70 -40.59
C LEU B 75 -12.84 1.20 -40.63
N SER B 76 -13.05 0.63 -41.82
CA SER B 76 -13.29 -0.80 -42.00
C SER B 76 -12.05 -1.56 -42.44
N ALA B 77 -10.86 -1.08 -42.12
CA ALA B 77 -9.62 -1.71 -42.53
C ALA B 77 -8.97 -2.53 -41.43
N VAL B 78 -9.65 -2.75 -40.30
CA VAL B 78 -9.06 -3.37 -39.13
C VAL B 78 -9.81 -4.67 -38.81
N GLU B 79 -9.17 -5.51 -37.99
CA GLU B 79 -9.72 -6.83 -37.67
C GLU B 79 -10.49 -6.88 -36.35
N THR B 80 -9.95 -6.32 -35.27
CA THR B 80 -10.68 -6.12 -34.01
C THR B 80 -11.30 -7.41 -33.45
N PRO B 81 -10.51 -8.23 -32.72
CA PRO B 81 -10.98 -9.54 -32.23
C PRO B 81 -12.42 -9.61 -31.73
N LYS B 82 -13.07 -10.77 -31.92
CA LYS B 82 -14.52 -10.88 -31.81
C LYS B 82 -14.97 -12.13 -31.04
N ALA B 83 -14.34 -12.47 -29.92
CA ALA B 83 -14.71 -13.66 -29.15
C ALA B 83 -14.70 -13.38 -27.64
N TRP B 84 -15.39 -12.32 -27.22
CA TRP B 84 -15.47 -11.90 -25.82
C TRP B 84 -15.75 -13.04 -24.85
N SER B 85 -15.18 -12.94 -23.63
CA SER B 85 -15.47 -13.86 -22.54
C SER B 85 -16.19 -13.21 -21.36
N GLY B 86 -15.91 -11.96 -21.06
CA GLY B 86 -16.61 -11.24 -20.01
C GLY B 86 -15.71 -10.97 -18.81
N PHE B 87 -16.32 -10.37 -17.79
CA PHE B 87 -15.66 -10.01 -16.55
C PHE B 87 -16.04 -10.93 -15.40
N SER B 88 -17.28 -11.39 -15.36
CA SER B 88 -17.74 -12.38 -14.38
C SER B 88 -17.50 -11.95 -12.94
N MET C 1 12.70 -24.79 22.60
CA MET C 1 13.05 -26.18 22.39
C MET C 1 13.72 -26.35 21.02
N ALA C 2 13.63 -25.32 20.18
CA ALA C 2 14.24 -25.36 18.86
C ALA C 2 14.95 -24.04 18.61
N ARG C 3 16.28 -24.09 18.61
CA ARG C 3 17.11 -22.90 18.46
C ARG C 3 17.27 -22.53 16.99
N SER C 4 16.79 -21.34 16.63
CA SER C 4 16.79 -20.91 15.24
C SER C 4 18.21 -20.63 14.74
N TYR C 5 18.56 -21.22 13.60
CA TYR C 5 19.83 -20.96 12.93
C TYR C 5 19.68 -20.38 11.54
N GLY C 6 18.46 -20.07 11.13
CA GLY C 6 18.27 -19.38 9.85
C GLY C 6 18.27 -20.34 8.68
N ASN C 7 17.80 -19.83 7.53
CA ASN C 7 17.75 -20.57 6.27
C ASN C 7 16.92 -21.83 6.37
N GLY C 8 15.95 -21.86 7.29
CA GLY C 8 15.04 -22.96 7.44
C GLY C 8 15.47 -24.06 8.40
N VAL C 9 16.71 -24.04 8.87
CA VAL C 9 17.21 -25.06 9.79
C VAL C 9 17.36 -24.45 11.16
N TYR C 10 16.65 -24.99 12.16
CA TYR C 10 16.88 -24.44 13.48
C TYR C 10 17.86 -25.31 14.25
N CYS C 11 17.33 -26.34 14.92
CA CYS C 11 17.98 -27.54 15.44
C CYS C 11 17.01 -28.22 16.41
N ASN C 12 17.38 -29.39 16.95
CA ASN C 12 16.81 -29.88 18.20
C ASN C 12 17.97 -30.29 19.09
N ASN C 13 17.68 -30.98 20.19
CA ASN C 13 18.76 -31.45 21.05
C ASN C 13 19.43 -32.72 20.56
N LYS C 14 18.85 -33.41 19.57
CA LYS C 14 19.48 -34.59 19.00
C LYS C 14 19.36 -34.70 17.48
N LYS C 15 18.73 -33.74 16.81
CA LYS C 15 18.57 -33.78 15.36
C LYS C 15 18.24 -32.39 14.88
N CYS C 16 18.86 -32.00 13.77
CA CYS C 16 18.54 -30.72 13.15
C CYS C 16 17.94 -30.97 11.79
N TRP C 17 16.91 -30.19 11.45
CA TRP C 17 16.18 -30.32 10.20
C TRP C 17 16.04 -28.95 9.55
N VAL C 18 15.84 -28.96 8.24
CA VAL C 18 15.63 -27.73 7.46
C VAL C 18 14.17 -27.64 7.10
N ASN C 19 13.57 -26.47 7.32
CA ASN C 19 12.19 -26.20 6.93
C ASN C 19 12.19 -25.66 5.51
N ARG C 20 11.48 -26.35 4.61
CA ARG C 20 11.50 -25.98 3.20
C ARG C 20 10.91 -24.60 2.98
N GLY C 21 9.82 -24.26 3.67
CA GLY C 21 9.22 -22.95 3.51
C GLY C 21 10.16 -21.82 3.86
N GLU C 22 10.84 -21.93 5.01
CA GLU C 22 11.79 -20.88 5.39
C GLU C 22 13.04 -20.92 4.54
N ALA C 23 13.41 -22.10 4.02
CA ALA C 23 14.53 -22.17 3.09
C ALA C 23 14.19 -21.50 1.76
N THR C 24 12.95 -21.68 1.29
CA THR C 24 12.54 -21.07 0.02
C THR C 24 12.46 -19.55 0.14
N GLN C 25 12.00 -19.04 1.28
CA GLN C 25 11.91 -17.59 1.44
C GLN C 25 13.30 -16.97 1.57
N SER C 26 14.23 -17.67 2.23
CA SER C 26 15.60 -17.15 2.32
C SER C 26 16.31 -17.23 0.97
N ILE C 27 16.02 -18.26 0.17
CA ILE C 27 16.63 -18.35 -1.16
C ILE C 27 16.13 -17.21 -2.06
N ILE C 28 14.92 -16.71 -1.78
CA ILE C 28 14.35 -15.63 -2.58
C ILE C 28 14.72 -14.28 -2.00
N GLY C 29 14.59 -14.12 -0.68
CA GLY C 29 14.82 -12.82 -0.07
C GLY C 29 16.23 -12.30 -0.29
N GLY C 30 17.22 -13.18 -0.14
CA GLY C 30 18.59 -12.79 -0.44
C GLY C 30 18.80 -12.46 -1.89
N MET C 31 18.09 -13.16 -2.79
CA MET C 31 18.20 -12.86 -4.21
C MET C 31 17.72 -11.44 -4.52
N ILE C 32 16.57 -11.05 -3.95
CA ILE C 32 16.01 -9.72 -4.23
C ILE C 32 16.91 -8.63 -3.69
N SER C 33 17.28 -8.74 -2.41
CA SER C 33 18.11 -7.70 -1.79
C SER C 33 19.51 -7.69 -2.38
N GLY C 34 20.08 -8.87 -2.64
CA GLY C 34 21.40 -8.94 -3.23
C GLY C 34 21.47 -8.30 -4.60
N TRP C 35 20.44 -8.49 -5.41
CA TRP C 35 20.42 -7.90 -6.74
C TRP C 35 20.34 -6.38 -6.66
N ALA C 36 19.44 -5.86 -5.80
CA ALA C 36 19.26 -4.43 -5.68
C ALA C 36 20.50 -3.75 -5.11
N SER C 37 21.01 -4.25 -3.98
CA SER C 37 22.16 -3.63 -3.34
C SER C 37 23.38 -3.70 -4.25
N GLY C 38 23.59 -4.84 -4.90
CA GLY C 38 24.68 -4.95 -5.86
C GLY C 38 24.56 -3.94 -6.97
N LEU C 39 23.34 -3.68 -7.44
CA LEU C 39 23.09 -2.65 -8.43
C LEU C 39 23.24 -1.25 -7.86
N ALA C 40 22.78 -1.03 -6.62
CA ALA C 40 22.91 0.28 -6.02
C ALA C 40 24.36 0.61 -5.65
N GLY C 41 25.22 -0.42 -5.59
CA GLY C 41 26.61 -0.18 -5.24
C GLY C 41 27.43 0.47 -6.33
N MET C 42 26.97 0.38 -7.58
CA MET C 42 27.71 0.94 -8.71
C MET C 42 27.19 2.31 -9.11
N ASP D 1 40.63 -44.29 15.89
CA ASP D 1 41.59 -43.20 15.91
C ASP D 1 42.04 -42.85 14.49
N LEU D 2 43.00 -41.93 14.39
CA LEU D 2 43.56 -41.51 13.11
C LEU D 2 44.98 -41.99 13.01
N ASN D 3 45.28 -42.76 11.96
CA ASN D 3 46.64 -43.24 11.71
C ASN D 3 47.40 -42.14 10.94
N PHE D 4 48.66 -42.42 10.60
CA PHE D 4 49.52 -41.37 10.07
C PHE D 4 49.11 -40.95 8.67
N ILE D 5 48.49 -41.83 7.89
CA ILE D 5 48.05 -41.46 6.57
C ILE D 5 46.83 -40.52 6.66
N GLN D 6 45.94 -40.79 7.62
CA GLN D 6 44.74 -39.96 7.78
C GLN D 6 45.06 -38.60 8.38
N VAL D 7 45.94 -38.54 9.38
CA VAL D 7 46.24 -37.27 10.03
C VAL D 7 46.87 -36.31 9.03
N ILE D 8 47.61 -36.82 8.05
CA ILE D 8 48.15 -35.97 7.00
C ILE D 8 47.10 -35.70 5.93
N LEU D 9 46.25 -36.69 5.62
CA LEU D 9 45.21 -36.47 4.63
C LEU D 9 44.23 -35.40 5.05
N VAL D 10 43.88 -35.34 6.34
CA VAL D 10 43.01 -34.27 6.82
C VAL D 10 43.73 -32.93 6.70
N ILE D 11 45.06 -32.92 6.82
CA ILE D 11 45.84 -31.70 6.65
C ILE D 11 45.81 -31.24 5.20
N PHE D 12 45.86 -32.18 4.24
CA PHE D 12 45.87 -31.81 2.84
C PHE D 12 44.57 -31.11 2.44
N VAL D 13 43.43 -31.62 2.90
CA VAL D 13 42.16 -30.97 2.64
C VAL D 13 42.05 -29.66 3.42
N ALA D 14 42.53 -29.68 4.67
CA ALA D 14 42.46 -28.48 5.52
C ALA D 14 43.21 -27.31 4.89
N PHE D 15 44.38 -27.59 4.32
CA PHE D 15 45.15 -26.53 3.68
C PHE D 15 44.45 -26.03 2.42
N LEU D 16 43.82 -26.94 1.66
CA LEU D 16 43.21 -26.56 0.39
C LEU D 16 41.96 -25.71 0.61
N ALA D 17 41.20 -25.99 1.67
CA ALA D 17 40.05 -25.15 1.98
C ALA D 17 40.49 -23.74 2.33
N GLY D 18 41.60 -23.61 3.05
CA GLY D 18 42.19 -22.30 3.23
C GLY D 18 42.74 -21.74 1.93
N VAL D 19 43.28 -22.62 1.07
CA VAL D 19 43.68 -22.21 -0.27
C VAL D 19 42.47 -21.77 -1.08
N GLU D 20 41.39 -22.54 -1.02
CA GLU D 20 40.19 -22.21 -1.78
C GLU D 20 39.32 -21.20 -1.08
N GLY D 21 39.56 -20.93 0.21
CA GLY D 21 38.76 -19.94 0.91
C GLY D 21 39.02 -18.53 0.44
N ILE D 22 40.14 -18.33 -0.25
CA ILE D 22 40.46 -17.02 -0.81
C ILE D 22 40.30 -17.04 -2.33
N LEU D 23 40.58 -18.18 -2.96
CA LEU D 23 40.48 -18.29 -4.42
C LEU D 23 39.03 -18.25 -4.88
N ASP D 24 38.14 -18.91 -4.15
CA ASP D 24 36.71 -18.93 -4.46
C ASP D 24 36.46 -19.41 -5.89
N GLN D 25 37.22 -20.41 -6.32
CA GLN D 25 37.17 -20.83 -7.71
C GLN D 25 36.64 -22.25 -7.87
N PHE D 26 37.27 -23.25 -7.25
CA PHE D 26 36.75 -24.61 -7.28
C PHE D 26 35.83 -24.95 -6.11
N HIS D 27 35.76 -24.09 -5.10
CA HIS D 27 34.78 -24.22 -4.02
C HIS D 27 34.97 -25.49 -3.20
N PHE D 28 36.19 -25.69 -2.69
CA PHE D 28 36.41 -26.78 -1.74
C PHE D 28 36.02 -26.40 -0.32
N HIS D 29 36.01 -25.11 0.00
CA HIS D 29 35.69 -24.66 1.35
C HIS D 29 34.19 -24.64 1.64
N GLN D 30 33.36 -24.92 0.64
CA GLN D 30 31.93 -25.00 0.89
C GLN D 30 31.63 -26.14 1.86
N PRO D 31 30.66 -25.95 2.77
CA PRO D 31 30.39 -26.99 3.77
C PRO D 31 30.04 -28.35 3.18
N VAL D 32 29.30 -28.38 2.07
CA VAL D 32 28.90 -29.66 1.50
C VAL D 32 30.10 -30.40 0.90
N ILE D 33 31.11 -29.67 0.43
CA ILE D 33 32.31 -30.29 -0.15
C ILE D 33 33.40 -30.48 0.90
N ALA D 34 33.59 -29.47 1.77
CA ALA D 34 34.65 -29.56 2.77
C ALA D 34 34.36 -30.66 3.79
N CYS D 35 33.16 -30.65 4.37
CA CYS D 35 32.83 -31.68 5.37
C CYS D 35 32.89 -33.07 4.77
N THR D 36 32.47 -33.20 3.51
CA THR D 36 32.47 -34.49 2.85
C THR D 36 33.88 -35.05 2.72
N LEU D 37 34.87 -34.18 2.46
CA LEU D 37 36.24 -34.66 2.27
C LEU D 37 36.86 -35.12 3.58
N ILE D 38 36.54 -34.44 4.69
CA ILE D 38 37.09 -34.85 5.99
C ILE D 38 36.51 -36.18 6.43
N GLY D 39 35.20 -36.37 6.21
CA GLY D 39 34.59 -37.64 6.56
C GLY D 39 35.09 -38.79 5.72
N LEU D 40 35.34 -38.55 4.43
CA LEU D 40 35.83 -39.60 3.55
C LEU D 40 37.21 -40.07 3.96
N VAL D 41 38.09 -39.14 4.33
CA VAL D 41 39.48 -39.50 4.64
C VAL D 41 39.65 -40.00 6.05
N THR D 42 38.60 -39.98 6.86
CA THR D 42 38.67 -40.43 8.25
C THR D 42 37.85 -41.69 8.52
N GLY D 43 36.99 -42.09 7.60
CA GLY D 43 36.13 -43.24 7.78
C GLY D 43 34.75 -42.93 8.31
N ASN D 44 34.56 -41.77 8.93
CA ASN D 44 33.23 -41.35 9.40
C ASN D 44 32.59 -40.43 8.37
N LEU D 45 32.08 -41.05 7.30
CA LEU D 45 31.68 -40.33 6.10
C LEU D 45 30.30 -39.70 6.24
N LEU D 46 29.28 -40.54 6.49
CA LEU D 46 27.91 -40.03 6.50
C LEU D 46 27.65 -38.96 7.56
N PRO D 47 28.13 -39.09 8.80
CA PRO D 47 27.94 -37.97 9.75
C PRO D 47 28.58 -36.68 9.29
N CYS D 48 29.71 -36.76 8.60
CA CYS D 48 30.32 -35.54 8.05
C CYS D 48 29.53 -35.02 6.86
N LEU D 49 28.96 -35.92 6.06
CA LEU D 49 28.16 -35.52 4.90
C LEU D 49 26.93 -34.72 5.31
N ILE D 50 26.19 -35.21 6.30
CA ILE D 50 24.97 -34.54 6.72
C ILE D 50 25.28 -33.21 7.40
N LEU D 51 26.36 -33.16 8.18
CA LEU D 51 26.82 -31.89 8.72
C LEU D 51 27.13 -30.92 7.59
N GLY D 52 27.80 -31.39 6.54
CA GLY D 52 28.02 -30.57 5.37
C GLY D 52 26.74 -30.09 4.73
N GLY D 53 25.73 -30.96 4.64
CA GLY D 53 24.43 -30.53 4.17
C GLY D 53 23.77 -29.56 5.14
N THR D 54 23.89 -29.80 6.44
CA THR D 54 23.30 -28.91 7.42
C THR D 54 24.01 -27.56 7.41
N LEU D 55 25.34 -27.56 7.36
CA LEU D 55 26.09 -26.31 7.45
C LEU D 55 25.98 -25.49 6.18
N GLN D 56 25.94 -26.16 5.02
CA GLN D 56 25.78 -25.47 3.75
C GLN D 56 24.52 -24.63 3.74
N MET D 57 23.47 -25.10 4.42
CA MET D 57 22.25 -24.32 4.53
C MET D 57 22.47 -23.04 5.31
N ILE D 58 23.18 -23.12 6.44
CA ILE D 58 23.40 -21.92 7.25
C ILE D 58 24.31 -20.94 6.52
N ALA D 59 25.29 -21.45 5.78
CA ALA D 59 26.28 -20.64 5.07
C ALA D 59 25.88 -20.37 3.63
N LEU D 60 24.58 -20.33 3.35
CA LEU D 60 24.11 -20.08 2.00
C LEU D 60 24.49 -18.69 1.50
N GLY D 61 24.23 -17.66 2.30
CA GLY D 61 24.36 -16.29 1.87
C GLY D 61 25.68 -15.62 2.18
N TRP D 62 26.71 -16.37 2.56
CA TRP D 62 28.00 -15.80 2.91
C TRP D 62 28.83 -15.68 1.64
N ALA D 63 29.00 -14.46 1.16
CA ALA D 63 29.83 -14.19 0.00
C ALA D 63 30.52 -12.84 0.16
N ASN D 64 31.82 -12.79 -0.08
CA ASN D 64 32.56 -11.54 0.03
C ASN D 64 32.05 -10.54 -1.01
N VAL D 65 31.76 -9.31 -0.55
CA VAL D 65 31.32 -8.24 -1.44
C VAL D 65 32.28 -7.07 -1.27
N GLY D 66 33.00 -6.74 -2.35
CA GLY D 66 34.03 -5.72 -2.24
C GLY D 66 35.08 -6.09 -1.22
N ALA D 67 35.41 -5.13 -0.35
CA ALA D 67 36.37 -5.38 0.71
C ALA D 67 35.80 -6.23 1.84
N ALA D 68 34.47 -6.35 1.92
CA ALA D 68 33.84 -7.13 2.97
C ALA D 68 34.10 -8.63 2.75
N VAL D 69 34.39 -9.34 3.83
CA VAL D 69 34.71 -10.77 3.77
C VAL D 69 33.61 -11.56 4.47
N ALA D 70 33.20 -12.67 3.86
CA ALA D 70 32.16 -13.52 4.40
C ALA D 70 32.69 -14.32 5.59
N PRO D 71 31.79 -14.78 6.47
CA PRO D 71 32.21 -15.46 7.70
C PRO D 71 32.97 -16.75 7.48
N ASP D 72 33.99 -16.72 6.61
CA ASP D 72 35.08 -17.70 6.54
C ASP D 72 34.60 -19.13 6.70
N ALA D 73 33.78 -19.61 5.75
CA ALA D 73 33.23 -20.95 5.86
C ALA D 73 34.30 -22.02 5.74
N ALA D 74 35.52 -21.66 5.34
CA ALA D 74 36.61 -22.62 5.29
C ALA D 74 36.99 -23.10 6.69
N LEU D 75 37.05 -22.20 7.66
CA LEU D 75 37.33 -22.62 9.03
C LEU D 75 36.11 -23.26 9.68
N ALA D 76 34.92 -22.71 9.43
CA ALA D 76 33.72 -23.24 10.04
C ALA D 76 33.45 -24.67 9.59
N SER D 77 33.81 -24.99 8.35
CA SER D 77 33.56 -26.34 7.84
C SER D 77 34.67 -27.30 8.25
N ILE D 78 35.92 -26.96 7.93
CA ILE D 78 37.03 -27.88 8.16
C ILE D 78 37.22 -28.14 9.65
N ALA D 79 37.28 -27.09 10.45
CA ALA D 79 37.63 -27.24 11.87
C ALA D 79 36.47 -27.83 12.66
N SER D 80 35.22 -27.50 12.31
CA SER D 80 34.10 -28.11 13.00
C SER D 80 33.97 -29.58 12.67
N ALA D 81 34.17 -29.96 11.40
CA ALA D 81 34.00 -31.35 11.01
C ALA D 81 35.05 -32.25 11.66
N ILE D 82 36.22 -31.69 12.00
CA ILE D 82 37.25 -32.49 12.66
C ILE D 82 36.80 -32.88 14.07
N ILE D 83 36.25 -31.93 14.83
CA ILE D 83 35.73 -32.22 16.16
C ILE D 83 34.57 -33.22 16.07
N LEU D 84 33.86 -33.23 14.95
CA LEU D 84 32.80 -34.22 14.76
C LEU D 84 33.37 -35.64 14.69
N VAL D 85 34.58 -35.80 14.14
CA VAL D 85 35.17 -37.13 14.04
C VAL D 85 35.90 -37.49 15.33
N LEU D 86 36.68 -36.57 15.89
CA LEU D 86 37.47 -36.89 17.07
C LEU D 86 36.58 -37.12 18.28
N GLY D 87 35.51 -36.35 18.43
CA GLY D 87 34.65 -36.47 19.59
C GLY D 87 33.71 -37.65 19.59
N GLY D 88 33.75 -38.49 18.57
CA GLY D 88 32.78 -39.56 18.49
C GLY D 88 31.40 -39.00 18.15
N GLN D 89 30.37 -39.79 18.43
CA GLN D 89 28.98 -39.38 18.25
C GLN D 89 28.72 -39.00 16.79
N GLY D 90 28.81 -40.00 15.92
CA GLY D 90 28.63 -39.74 14.49
C GLY D 90 27.35 -39.03 14.12
N LYS D 91 26.21 -39.70 14.25
CA LYS D 91 24.95 -39.05 13.92
C LYS D 91 24.35 -38.27 15.08
N ALA D 92 24.66 -38.66 16.32
CA ALA D 92 24.20 -37.92 17.48
C ALA D 92 24.92 -36.60 17.64
N GLY D 93 26.17 -36.50 17.19
CA GLY D 93 26.97 -35.32 17.29
C GLY D 93 26.92 -34.39 16.09
N VAL D 94 26.02 -34.62 15.14
CA VAL D 94 25.80 -33.62 14.10
C VAL D 94 25.26 -32.33 14.71
N THR D 95 24.38 -32.45 15.70
CA THR D 95 23.86 -31.25 16.37
C THR D 95 24.93 -30.55 17.19
N SER D 96 25.76 -31.32 17.90
CA SER D 96 26.74 -30.71 18.81
C SER D 96 27.73 -29.83 18.04
N ALA D 97 28.27 -30.35 16.93
CA ALA D 97 29.28 -29.61 16.18
C ALA D 97 28.68 -28.38 15.49
N ILE D 98 27.48 -28.51 14.94
CA ILE D 98 26.84 -27.39 14.25
C ILE D 98 26.73 -26.18 15.17
N ALA D 99 26.47 -26.41 16.45
CA ALA D 99 26.36 -25.30 17.40
C ALA D 99 27.64 -24.49 17.46
N ILE D 100 28.81 -25.11 17.30
CA ILE D 100 30.07 -24.38 17.40
C ILE D 100 30.66 -24.04 16.04
N ALA D 101 29.94 -24.27 14.95
CA ALA D 101 30.45 -23.88 13.63
C ALA D 101 30.39 -22.37 13.45
N VAL D 102 29.27 -21.75 13.83
CA VAL D 102 29.11 -20.31 13.62
C VAL D 102 30.11 -19.49 14.41
N PRO D 103 30.32 -19.71 15.71
CA PRO D 103 31.40 -18.97 16.39
C PRO D 103 32.76 -19.22 15.78
N LEU D 104 33.00 -20.43 15.29
CA LEU D 104 34.20 -20.69 14.50
C LEU D 104 34.18 -19.90 13.20
N ALA D 105 33.02 -19.81 12.55
CA ALA D 105 32.91 -18.99 11.34
C ALA D 105 33.31 -17.55 11.61
N VAL D 106 32.93 -17.02 12.78
CA VAL D 106 33.41 -15.70 13.20
C VAL D 106 34.91 -15.74 13.50
N ALA D 107 35.39 -16.79 14.16
CA ALA D 107 36.80 -16.86 14.52
C ALA D 107 37.68 -16.86 13.27
N GLY D 108 37.20 -17.45 12.19
CA GLY D 108 37.90 -17.34 10.92
C GLY D 108 37.90 -15.94 10.36
N LEU D 109 36.78 -15.22 10.53
CA LEU D 109 36.70 -13.84 10.06
C LEU D 109 37.78 -12.96 10.70
N LEU D 110 38.13 -13.23 11.96
CA LEU D 110 39.25 -12.53 12.56
C LEU D 110 40.55 -12.89 11.85
N LEU D 111 40.75 -14.17 11.56
CA LEU D 111 42.04 -14.64 11.06
C LEU D 111 42.23 -14.28 9.58
N THR D 112 41.15 -14.27 8.80
CA THR D 112 41.27 -13.91 7.39
C THR D 112 41.71 -12.45 7.23
N ILE D 113 41.22 -11.55 8.09
CA ILE D 113 41.58 -10.14 7.99
C ILE D 113 43.03 -9.92 8.42
N ILE D 114 43.49 -10.67 9.43
CA ILE D 114 44.88 -10.56 9.84
C ILE D 114 45.81 -11.04 8.73
N VAL D 115 45.41 -12.12 8.06
CA VAL D 115 46.14 -12.58 6.88
C VAL D 115 45.98 -11.58 5.73
N ARG D 116 44.76 -11.10 5.50
CA ARG D 116 44.54 -10.14 4.42
C ARG D 116 45.24 -8.82 4.68
N THR D 117 45.69 -8.59 5.91
CA THR D 117 46.48 -7.38 6.19
C THR D 117 47.97 -7.64 5.99
N LEU D 118 48.44 -8.87 6.23
CA LEU D 118 49.84 -9.18 5.97
C LEU D 118 50.11 -9.27 4.47
N ALA D 119 49.07 -9.52 3.67
CA ALA D 119 49.23 -9.51 2.22
C ALA D 119 49.56 -8.11 1.69
N THR D 120 49.44 -7.08 2.53
CA THR D 120 49.91 -5.75 2.16
C THR D 120 51.44 -5.69 2.12
N GLY D 121 52.12 -6.42 2.99
CA GLY D 121 53.57 -6.41 2.98
C GLY D 121 54.14 -7.03 1.71
N ILE D 122 53.50 -8.08 1.21
CA ILE D 122 54.01 -8.78 0.04
C ILE D 122 53.95 -7.90 -1.20
N VAL D 123 52.84 -7.20 -1.41
CA VAL D 123 52.73 -6.29 -2.56
C VAL D 123 53.72 -5.14 -2.43
N HIS D 124 54.07 -4.75 -1.20
CA HIS D 124 55.14 -3.78 -1.05
C HIS D 124 56.48 -4.36 -1.49
N ILE D 125 56.73 -5.62 -1.15
CA ILE D 125 57.83 -6.34 -1.78
C ILE D 125 57.60 -6.48 -3.28
N MET D 126 56.35 -6.78 -3.69
CA MET D 126 56.05 -6.98 -5.10
C MET D 126 56.14 -5.69 -5.92
N ASP D 127 55.94 -4.53 -5.29
CA ASP D 127 56.07 -3.28 -6.03
C ASP D 127 57.51 -3.07 -6.50
N ALA D 128 58.47 -3.50 -5.68
CA ALA D 128 59.87 -3.49 -6.09
C ALA D 128 60.07 -4.38 -7.31
N ALA D 129 59.42 -5.55 -7.33
CA ALA D 129 59.51 -6.43 -8.48
C ALA D 129 59.02 -5.76 -9.76
N ALA D 130 58.06 -4.84 -9.64
CA ALA D 130 57.69 -4.02 -10.78
C ALA D 130 58.79 -3.03 -11.16
N LYS D 131 59.60 -2.60 -10.21
CA LYS D 131 60.65 -1.63 -10.49
C LYS D 131 61.87 -2.25 -11.18
N GLU D 132 61.94 -3.58 -11.28
CA GLU D 132 63.03 -4.27 -11.96
C GLU D 132 62.54 -5.16 -13.09
N GLY D 133 61.23 -5.33 -13.24
CA GLY D 133 60.67 -6.13 -14.32
C GLY D 133 60.91 -7.62 -14.21
N ASN D 134 60.82 -8.18 -13.00
CA ASN D 134 61.08 -9.60 -12.79
C ASN D 134 59.76 -10.37 -12.79
N PHE D 135 59.61 -11.27 -13.77
CA PHE D 135 58.42 -12.10 -13.83
C PHE D 135 58.48 -13.24 -12.83
N ARG D 136 59.70 -13.66 -12.46
CA ARG D 136 59.84 -14.72 -11.46
C ARG D 136 59.51 -14.21 -10.07
N LYS D 137 59.95 -12.99 -9.74
CA LYS D 137 59.77 -12.49 -8.38
C LYS D 137 58.30 -12.35 -8.02
N ILE D 138 57.47 -11.95 -8.98
CA ILE D 138 56.05 -11.82 -8.69
C ILE D 138 55.38 -13.18 -8.54
N GLU D 139 55.79 -14.17 -9.33
CA GLU D 139 55.17 -15.49 -9.25
C GLU D 139 55.46 -16.16 -7.91
N MET D 140 56.71 -16.12 -7.45
CA MET D 140 57.08 -16.81 -6.22
C MET D 140 56.32 -16.26 -5.03
N TRP D 141 56.33 -14.94 -4.86
CA TRP D 141 55.66 -14.32 -3.72
C TRP D 141 54.14 -14.48 -3.77
N GLN D 142 53.56 -14.61 -4.96
CA GLN D 142 52.13 -14.85 -5.05
C GLN D 142 51.78 -16.22 -4.50
N TYR D 143 52.60 -17.24 -4.78
CA TYR D 143 52.42 -18.54 -4.15
C TYR D 143 52.47 -18.44 -2.63
N ILE D 144 53.28 -17.53 -2.10
CA ILE D 144 53.32 -17.33 -0.65
C ILE D 144 51.99 -16.77 -0.16
N ALA D 145 51.48 -15.73 -0.81
CA ALA D 145 50.20 -15.15 -0.39
C ALA D 145 49.05 -16.12 -0.61
N ILE D 146 49.27 -17.16 -1.44
CA ILE D 146 48.26 -18.20 -1.61
C ILE D 146 48.45 -19.29 -0.57
N ILE D 147 49.70 -19.62 -0.24
CA ILE D 147 49.97 -20.65 0.76
C ILE D 147 49.55 -20.18 2.16
N MET D 148 49.77 -18.90 2.46
CA MET D 148 49.48 -18.42 3.81
C MET D 148 47.99 -18.52 4.15
N GLN D 149 47.12 -18.36 3.14
CA GLN D 149 45.69 -18.49 3.39
C GLN D 149 45.30 -19.94 3.67
N GLY D 150 46.06 -20.89 3.14
CA GLY D 150 45.79 -22.29 3.43
C GLY D 150 46.13 -22.67 4.86
N VAL D 151 47.35 -22.35 5.30
CA VAL D 151 47.75 -22.63 6.68
C VAL D 151 46.95 -21.81 7.68
N ARG D 152 46.26 -20.78 7.23
CA ARG D 152 45.32 -20.06 8.08
C ARG D 152 44.24 -20.97 8.62
N ILE D 153 43.98 -22.08 7.92
CA ILE D 153 43.03 -23.08 8.38
C ILE D 153 43.71 -24.37 8.84
N ALA D 154 44.92 -24.66 8.34
CA ALA D 154 45.60 -25.88 8.75
C ALA D 154 46.21 -25.74 10.15
N ILE D 155 46.58 -24.53 10.54
CA ILE D 155 47.15 -24.29 11.87
C ILE D 155 46.10 -24.52 12.95
N PRO D 156 44.89 -23.93 12.87
CA PRO D 156 43.86 -24.31 13.85
C PRO D 156 43.53 -25.78 13.81
N ALA D 157 43.56 -26.39 12.63
CA ALA D 157 43.30 -27.82 12.51
C ALA D 157 44.41 -28.64 13.17
N GLY D 158 45.65 -28.14 13.13
CA GLY D 158 46.74 -28.85 13.77
C GLY D 158 46.59 -28.97 15.26
N LEU D 159 46.12 -27.90 15.92
CA LEU D 159 45.92 -27.97 17.37
C LEU D 159 44.72 -28.82 17.73
N ILE D 160 43.62 -28.72 16.98
CA ILE D 160 42.46 -29.58 17.23
C ILE D 160 42.79 -31.06 17.06
N LEU D 161 43.75 -31.39 16.19
CA LEU D 161 44.27 -32.74 16.12
C LEU D 161 45.36 -33.00 17.16
N ALA D 162 46.16 -31.97 17.48
CA ALA D 162 47.10 -32.08 18.59
C ALA D 162 46.35 -32.22 19.91
N ILE D 163 45.21 -31.55 20.03
CA ILE D 163 44.32 -31.76 21.17
C ILE D 163 43.41 -32.92 20.79
N GLY D 164 43.87 -34.15 21.02
CA GLY D 164 43.19 -35.32 20.52
C GLY D 164 41.83 -35.56 21.14
N ALA D 165 41.31 -36.77 20.92
CA ALA D 165 39.94 -37.08 21.33
C ALA D 165 39.73 -37.01 22.83
N GLY D 166 40.80 -37.00 23.61
CA GLY D 166 40.70 -36.94 25.05
C GLY D 166 40.01 -35.69 25.56
N PRO D 167 40.62 -34.52 25.32
CA PRO D 167 39.98 -33.27 25.77
C PRO D 167 38.87 -32.79 24.85
N VAL D 168 38.78 -33.32 23.63
CA VAL D 168 37.73 -32.85 22.71
C VAL D 168 36.36 -33.33 23.19
N LYS D 169 36.27 -34.59 23.63
CA LYS D 169 34.99 -35.09 24.16
C LYS D 169 34.64 -34.46 25.49
N GLU D 170 35.65 -34.11 26.30
CA GLU D 170 35.38 -33.41 27.56
C GLU D 170 34.71 -32.06 27.32
N MET D 171 35.22 -31.28 26.37
CA MET D 171 34.62 -29.99 26.08
C MET D 171 33.21 -30.10 25.53
N LEU D 172 32.94 -31.11 24.69
CA LEU D 172 31.60 -31.32 24.16
C LEU D 172 30.64 -31.90 25.18
N THR D 173 31.14 -32.36 26.32
CA THR D 173 30.30 -32.80 27.43
C THR D 173 30.20 -31.77 28.55
N ALA D 174 31.21 -30.91 28.70
CA ALA D 174 31.20 -29.84 29.70
C ALA D 174 30.57 -28.57 29.16
N MET D 175 29.74 -28.68 28.12
CA MET D 175 29.11 -27.53 27.51
C MET D 175 27.84 -27.17 28.27
N PRO D 176 27.75 -26.01 28.89
CA PRO D 176 26.49 -25.59 29.52
C PRO D 176 25.40 -25.40 28.48
N VAL D 177 24.17 -25.68 28.89
CA VAL D 177 23.03 -25.53 27.98
C VAL D 177 22.88 -24.08 27.54
N TRP D 178 23.10 -23.13 28.45
CA TRP D 178 22.87 -21.73 28.13
C TRP D 178 23.93 -21.19 27.17
N LEU D 179 25.17 -21.65 27.30
CA LEU D 179 26.19 -21.28 26.33
C LEU D 179 25.76 -21.65 24.92
N THR D 180 25.05 -22.77 24.77
CA THR D 180 24.47 -23.10 23.48
C THR D 180 23.30 -22.18 23.15
N ASP D 181 22.40 -21.96 24.10
CA ASP D 181 21.14 -21.27 23.81
C ASP D 181 21.38 -19.80 23.46
N GLY D 182 22.22 -19.11 24.22
CA GLY D 182 22.48 -17.71 23.93
C GLY D 182 23.27 -17.48 22.65
N LEU D 183 24.14 -18.41 22.28
CA LEU D 183 24.89 -18.30 21.04
C LEU D 183 23.96 -18.39 19.82
N ALA D 184 22.94 -19.25 19.89
CA ALA D 184 21.95 -19.28 18.82
C ALA D 184 21.19 -17.96 18.73
N ILE D 185 20.83 -17.38 19.88
CA ILE D 185 20.14 -16.09 19.89
C ILE D 185 21.02 -14.99 19.31
N GLY D 186 22.30 -14.98 19.69
CA GLY D 186 23.21 -14.02 19.10
C GLY D 186 23.41 -14.21 17.62
N GLY D 187 23.35 -15.47 17.15
CA GLY D 187 23.49 -15.74 15.74
C GLY D 187 22.37 -15.16 14.89
N GLY D 188 21.16 -15.12 15.45
CA GLY D 188 20.02 -14.55 14.75
C GLY D 188 19.89 -13.04 14.86
N MET D 189 20.86 -12.38 15.50
CA MET D 189 20.92 -10.92 15.56
C MET D 189 22.01 -10.34 14.68
N VAL D 190 22.96 -11.17 14.23
CA VAL D 190 24.15 -10.66 13.53
C VAL D 190 23.78 -10.05 12.19
N VAL D 191 22.73 -10.55 11.54
CA VAL D 191 22.29 -10.01 10.26
C VAL D 191 21.89 -8.55 10.32
N ALA D 192 21.79 -7.98 11.53
CA ALA D 192 21.53 -6.56 11.66
C ALA D 192 22.76 -5.73 11.29
N VAL D 193 23.96 -6.28 11.47
CA VAL D 193 25.18 -5.58 11.06
C VAL D 193 25.25 -5.49 9.53
N GLY D 194 24.99 -6.60 8.84
CA GLY D 194 25.09 -6.61 7.40
C GLY D 194 24.09 -5.69 6.72
N TYR D 195 22.86 -5.66 7.24
CA TYR D 195 21.86 -4.75 6.68
C TYR D 195 22.27 -3.30 6.86
N ALA D 196 22.79 -2.96 8.03
CA ALA D 196 23.13 -1.56 8.33
C ALA D 196 24.20 -1.03 7.38
N MET D 197 25.27 -1.79 7.18
CA MET D 197 26.30 -1.36 6.24
C MET D 197 25.77 -1.31 4.82
N VAL D 198 24.82 -2.18 4.48
CA VAL D 198 24.14 -2.08 3.20
C VAL D 198 23.19 -0.89 3.17
N ILE D 199 22.42 -0.67 4.24
CA ILE D 199 21.53 0.49 4.28
C ILE D 199 22.34 1.78 4.29
N ASN D 200 23.46 1.79 5.03
CA ASN D 200 24.32 2.97 5.07
C ASN D 200 24.82 3.34 3.67
N MET D 201 24.98 2.35 2.79
CA MET D 201 25.47 2.60 1.44
C MET D 201 24.38 3.11 0.51
N MET D 202 23.13 3.14 0.96
CA MET D 202 21.99 3.40 0.07
C MET D 202 21.01 4.41 0.63
N ALA D 203 21.02 4.63 1.95
CA ALA D 203 20.05 5.52 2.57
C ALA D 203 20.31 6.97 2.21
N THR D 204 19.28 7.63 1.70
CA THR D 204 19.29 9.06 1.44
C THR D 204 17.91 9.61 1.79
N LYS D 205 17.83 10.93 2.03
CA LYS D 205 16.56 11.55 2.40
C LYS D 205 15.48 11.30 1.36
N GLU D 206 15.87 11.06 0.11
CA GLU D 206 14.89 10.73 -0.92
C GLU D 206 14.31 9.33 -0.72
N VAL D 207 15.14 8.36 -0.33
CA VAL D 207 14.73 6.96 -0.28
C VAL D 207 14.39 6.48 1.12
N TRP D 208 14.63 7.29 2.16
CA TRP D 208 14.21 6.91 3.49
C TRP D 208 12.71 6.61 3.60
N PRO D 209 11.80 7.38 2.99
CA PRO D 209 10.38 6.99 3.06
C PRO D 209 10.09 5.62 2.47
N PHE D 210 10.83 5.20 1.45
CA PHE D 210 10.61 3.87 0.88
C PHE D 210 11.00 2.77 1.86
N PHE D 211 11.96 3.04 2.74
CA PHE D 211 12.29 2.09 3.80
C PHE D 211 11.11 1.90 4.76
N ALA D 212 10.46 2.99 5.15
CA ALA D 212 9.39 2.89 6.14
C ALA D 212 8.20 2.10 5.60
N ILE D 213 7.80 2.35 4.36
CA ILE D 213 6.66 1.63 3.81
C ILE D 213 6.94 0.14 3.74
N GLY D 214 8.12 -0.22 3.23
CA GLY D 214 8.50 -1.63 3.16
C GLY D 214 8.57 -2.29 4.53
N PHE D 215 9.09 -1.57 5.52
CA PHE D 215 9.08 -2.08 6.88
C PHE D 215 7.65 -2.31 7.37
N VAL D 216 6.77 -1.33 7.17
CA VAL D 216 5.40 -1.43 7.66
C VAL D 216 4.62 -2.48 6.88
N LEU D 217 4.84 -2.54 5.56
CA LEU D 217 4.17 -3.56 4.75
C LEU D 217 4.62 -4.97 5.09
N ALA D 218 5.78 -5.11 5.74
CA ALA D 218 6.22 -6.42 6.20
C ALA D 218 5.39 -6.94 7.36
N THR D 219 4.57 -6.07 7.98
CA THR D 219 3.72 -6.49 9.09
C THR D 219 2.48 -7.23 8.62
N ILE D 220 2.19 -7.25 7.33
CA ILE D 220 1.05 -8.00 6.82
C ILE D 220 1.55 -9.38 6.36
N SER D 221 1.28 -10.41 7.16
CA SER D 221 1.94 -11.69 6.99
C SER D 221 1.41 -12.48 5.80
N GLN D 222 0.31 -12.05 5.19
CA GLN D 222 -0.17 -12.72 3.99
C GLN D 222 0.68 -12.39 2.77
N LEU D 223 1.46 -11.31 2.83
CA LEU D 223 2.38 -10.97 1.76
C LEU D 223 3.64 -11.83 1.86
N THR D 224 4.19 -12.20 0.71
CA THR D 224 5.46 -12.90 0.64
C THR D 224 6.57 -11.94 0.24
N LEU D 225 7.81 -12.43 0.33
CA LEU D 225 8.97 -11.62 -0.04
C LEU D 225 8.91 -11.24 -1.51
N ILE D 226 8.50 -12.17 -2.38
CA ILE D 226 8.33 -11.86 -3.79
C ILE D 226 7.29 -10.77 -3.99
N GLY D 227 6.15 -10.89 -3.30
CA GLY D 227 5.12 -9.87 -3.42
C GLY D 227 5.58 -8.51 -2.94
N LEU D 228 6.34 -8.49 -1.84
CA LEU D 228 6.92 -7.25 -1.36
C LEU D 228 7.90 -6.66 -2.36
N GLY D 229 8.66 -7.52 -3.04
CA GLY D 229 9.56 -7.03 -4.08
C GLY D 229 8.82 -6.47 -5.28
N ALA D 230 7.70 -7.09 -5.64
CA ALA D 230 6.89 -6.58 -6.75
C ALA D 230 6.38 -5.19 -6.44
N ILE D 231 5.93 -4.96 -5.20
CA ILE D 231 5.62 -3.61 -4.77
C ILE D 231 6.88 -2.74 -4.81
N GLY D 232 8.03 -3.36 -4.55
CA GLY D 232 9.28 -2.61 -4.59
C GLY D 232 9.64 -2.13 -5.99
N ILE D 233 9.46 -2.99 -7.00
CA ILE D 233 9.73 -2.56 -8.37
C ILE D 233 8.78 -1.46 -8.79
N SER D 234 7.49 -1.59 -8.42
CA SER D 234 6.46 -0.74 -8.99
C SER D 234 6.60 0.71 -8.54
N LEU D 235 7.00 0.93 -7.28
CA LEU D 235 7.28 2.29 -6.83
C LEU D 235 8.51 2.85 -7.52
N ALA D 236 9.52 2.00 -7.75
CA ALA D 236 10.71 2.43 -8.46
C ALA D 236 10.38 2.82 -9.90
N LEU D 237 9.53 2.04 -10.56
CA LEU D 237 9.10 2.38 -11.92
C LEU D 237 8.30 3.68 -11.92
N ILE D 238 7.41 3.85 -10.94
CA ILE D 238 6.56 5.05 -10.90
C ILE D 238 7.39 6.27 -10.53
N TYR D 239 8.33 6.13 -9.58
CA TYR D 239 9.12 7.28 -9.15
C TYR D 239 9.99 7.82 -10.27
N LEU D 240 10.65 6.94 -11.03
CA LEU D 240 11.53 7.42 -12.10
C LEU D 240 10.75 8.12 -13.21
N ALA D 241 9.58 7.57 -13.59
CA ALA D 241 8.79 8.20 -14.64
C ALA D 241 8.26 9.55 -14.19
N LEU D 242 7.83 9.67 -12.94
CA LEU D 242 7.38 10.94 -12.39
C LEU D 242 8.51 11.95 -12.18
N SER D 243 9.76 11.49 -12.08
CA SER D 243 10.85 12.39 -11.75
C SER D 243 11.53 12.95 -12.99
N LYS D 244 11.57 12.17 -14.08
CA LYS D 244 12.16 12.69 -15.31
C LYS D 244 11.25 13.71 -15.97
N GLN D 245 9.93 13.51 -15.90
CA GLN D 245 9.00 14.53 -16.39
C GLN D 245 9.14 15.83 -15.60
N GLY D 246 9.27 15.72 -14.28
CA GLY D 246 9.42 16.91 -13.46
C GLY D 246 10.72 17.66 -13.69
N SER D 247 11.84 16.92 -13.82
CA SER D 247 13.14 17.57 -13.95
C SER D 247 13.36 18.09 -15.36
N GLY D 248 12.60 17.61 -16.33
CA GLY D 248 12.77 18.01 -17.71
C GLY D 248 11.57 17.70 -18.59
N GLN E 1 52.62 -8.99 -36.25
CA GLN E 1 53.88 -9.06 -35.54
C GLN E 1 53.73 -9.81 -34.21
N LEU E 2 53.52 -9.07 -33.14
CA LEU E 2 53.39 -9.65 -31.80
C LEU E 2 51.94 -10.10 -31.58
N LYS E 3 51.54 -11.12 -32.33
CA LYS E 3 50.22 -11.71 -32.16
C LYS E 3 50.21 -12.65 -30.95
N LEU E 4 49.04 -12.74 -30.31
CA LEU E 4 48.85 -13.64 -29.17
C LEU E 4 48.09 -14.88 -29.65
N THR E 5 48.66 -16.05 -29.38
CA THR E 5 48.14 -17.31 -29.89
C THR E 5 47.03 -17.84 -28.98
N LYS E 6 46.44 -18.96 -29.41
CA LYS E 6 45.46 -19.66 -28.58
C LYS E 6 46.10 -20.20 -27.31
N LYS E 7 47.33 -20.72 -27.39
CA LYS E 7 47.97 -21.31 -26.22
C LYS E 7 48.14 -20.32 -25.09
N ASP E 8 48.70 -19.14 -25.38
CA ASP E 8 48.95 -18.16 -24.33
C ASP E 8 47.65 -17.66 -23.71
N ARG E 9 46.56 -17.65 -24.50
CA ARG E 9 45.27 -17.28 -23.92
C ARG E 9 44.79 -18.30 -22.91
N ILE E 10 45.14 -19.58 -23.10
CA ILE E 10 44.73 -20.60 -22.13
C ILE E 10 45.54 -20.51 -20.86
N SER E 11 46.83 -20.20 -20.96
CA SER E 11 47.64 -20.01 -19.75
C SER E 11 47.13 -18.82 -18.95
N VAL E 12 46.68 -17.77 -19.64
CA VAL E 12 45.99 -16.67 -18.97
C VAL E 12 44.72 -17.19 -18.31
N TRP E 13 44.03 -18.14 -18.96
CA TRP E 13 42.85 -18.74 -18.35
C TRP E 13 43.20 -19.48 -17.07
N LEU E 14 44.25 -20.30 -17.10
CA LEU E 14 44.61 -21.08 -15.91
C LEU E 14 45.02 -20.18 -14.76
N ARG E 15 45.80 -19.14 -15.04
CA ARG E 15 46.28 -18.27 -13.97
C ARG E 15 45.18 -17.40 -13.37
N SER E 16 44.07 -17.19 -14.09
CA SER E 16 42.99 -16.36 -13.56
C SER E 16 42.31 -16.98 -12.35
N THR E 17 42.47 -18.29 -12.14
CA THR E 17 41.93 -18.91 -10.92
C THR E 17 42.55 -18.29 -9.67
N PHE E 18 43.74 -17.69 -9.80
CA PHE E 18 44.44 -17.05 -8.70
C PHE E 18 44.19 -15.55 -8.66
N LEU E 19 43.10 -15.09 -9.29
CA LEU E 19 42.87 -13.66 -9.42
C LEU E 19 42.73 -13.00 -8.04
N GLN E 20 42.39 -13.80 -7.03
CA GLN E 20 42.34 -13.36 -5.64
C GLN E 20 43.57 -13.77 -4.85
N GLY E 21 44.71 -13.97 -5.51
CA GLY E 21 45.85 -14.61 -4.87
C GLY E 21 46.40 -13.85 -3.68
N SER E 22 46.68 -12.55 -3.87
CA SER E 22 47.27 -11.76 -2.80
C SER E 22 46.20 -11.20 -1.86
N TRP E 23 45.29 -10.40 -2.39
CA TRP E 23 44.17 -9.81 -1.64
C TRP E 23 44.62 -9.08 -0.38
N ASN E 24 45.41 -8.04 -0.61
CA ASN E 24 45.58 -7.03 0.42
C ASN E 24 44.43 -6.04 0.30
N TYR E 25 44.28 -5.19 1.32
CA TYR E 25 43.20 -4.22 1.33
C TYR E 25 43.57 -2.93 0.61
N GLU E 26 44.86 -2.68 0.38
CA GLU E 26 45.29 -1.45 -0.26
C GLU E 26 44.97 -1.47 -1.75
N ARG E 27 45.53 -2.44 -2.47
CA ARG E 27 45.14 -2.79 -3.82
C ARG E 27 44.71 -4.25 -3.79
N MET E 28 43.42 -4.51 -4.01
CA MET E 28 42.87 -5.81 -3.63
C MET E 28 43.33 -6.93 -4.56
N GLN E 29 43.00 -6.85 -5.85
CA GLN E 29 43.32 -7.96 -6.74
C GLN E 29 44.43 -7.63 -7.74
N ASN E 30 45.36 -6.74 -7.38
CA ASN E 30 46.45 -6.43 -8.29
C ASN E 30 47.37 -7.63 -8.51
N GLY E 31 47.69 -8.37 -7.45
CA GLY E 31 48.57 -9.52 -7.61
C GLY E 31 47.99 -10.58 -8.52
N GLY E 32 46.73 -10.96 -8.29
CA GLY E 32 46.08 -11.94 -9.12
C GLY E 32 45.88 -11.47 -10.56
N TRP E 33 45.63 -10.18 -10.73
CA TRP E 33 45.49 -9.64 -12.07
C TRP E 33 46.83 -9.60 -12.79
N ALA E 34 47.87 -9.09 -12.12
CA ALA E 34 49.20 -9.01 -12.73
C ALA E 34 49.79 -10.39 -12.98
N TYR E 35 49.53 -11.35 -12.09
CA TYR E 35 50.02 -12.70 -12.30
C TYR E 35 49.38 -13.33 -13.52
N THR E 36 48.10 -13.03 -13.78
CA THR E 36 47.39 -13.62 -14.90
C THR E 36 47.93 -13.13 -16.25
N LEU E 37 48.53 -11.93 -16.27
CA LEU E 37 48.93 -11.29 -17.51
C LEU E 37 50.35 -11.62 -17.94
N ILE E 38 51.10 -12.37 -17.13
CA ILE E 38 52.51 -12.62 -17.45
C ILE E 38 52.70 -13.39 -18.74
N PRO E 39 51.94 -14.46 -19.03
CA PRO E 39 52.16 -15.18 -20.30
C PRO E 39 52.00 -14.33 -21.55
N ALA E 40 51.19 -13.28 -21.51
CA ALA E 40 51.12 -12.38 -22.65
C ALA E 40 52.25 -11.36 -22.63
N LEU E 41 52.44 -10.67 -21.50
CA LEU E 41 53.43 -9.61 -21.39
C LEU E 41 54.86 -10.13 -21.54
N LYS E 42 55.10 -11.43 -21.30
CA LYS E 42 56.42 -11.98 -21.56
C LYS E 42 56.80 -11.84 -23.03
N LYS E 43 55.86 -12.12 -23.93
CA LYS E 43 56.10 -12.01 -25.36
C LYS E 43 55.80 -10.62 -25.91
N LEU E 44 54.86 -9.90 -25.29
CA LEU E 44 54.48 -8.59 -25.81
C LEU E 44 55.61 -7.57 -25.72
N TYR E 45 56.45 -7.64 -24.69
CA TYR E 45 57.53 -6.68 -24.48
C TYR E 45 58.74 -7.45 -24.00
N LYS E 46 59.93 -7.05 -24.46
CA LYS E 46 61.16 -7.78 -24.14
C LYS E 46 62.26 -6.94 -23.52
N THR E 47 62.16 -5.61 -23.58
CA THR E 47 63.18 -4.80 -22.92
C THR E 47 62.97 -4.82 -21.40
N LYS E 48 64.06 -4.59 -20.67
CA LYS E 48 63.95 -4.47 -19.22
C LYS E 48 63.08 -3.28 -18.83
N GLU E 49 63.25 -2.14 -19.52
CA GLU E 49 62.37 -1.01 -19.28
C GLU E 49 60.93 -1.33 -19.68
N ASP E 50 60.75 -2.07 -20.78
CA ASP E 50 59.40 -2.37 -21.25
C ASP E 50 58.70 -3.39 -20.33
N ARG E 51 59.43 -4.41 -19.88
CA ARG E 51 58.86 -5.33 -18.91
C ARG E 51 58.59 -4.65 -17.58
N SER E 52 59.47 -3.73 -17.17
CA SER E 52 59.21 -2.94 -15.98
C SER E 52 58.02 -2.01 -16.19
N ALA E 53 57.86 -1.48 -17.40
CA ALA E 53 56.74 -0.57 -17.66
C ALA E 53 55.40 -1.28 -17.51
N ALA E 54 55.31 -2.52 -18.00
CA ALA E 54 54.06 -3.27 -17.86
C ALA E 54 53.79 -3.68 -16.42
N LEU E 55 54.83 -4.12 -15.71
CA LEU E 55 54.63 -4.63 -14.35
C LEU E 55 54.27 -3.51 -13.37
N VAL E 56 54.83 -2.32 -13.55
CA VAL E 56 54.39 -1.19 -12.73
C VAL E 56 52.94 -0.83 -13.04
N ARG E 57 52.56 -0.93 -14.33
CA ARG E 57 51.22 -0.53 -14.75
C ARG E 57 50.13 -1.35 -14.08
N HIS E 58 50.20 -2.67 -14.17
CA HIS E 58 49.10 -3.54 -13.79
C HIS E 58 49.12 -3.92 -12.33
N MET E 59 50.00 -3.31 -11.53
CA MET E 59 50.02 -3.49 -10.10
C MET E 59 49.10 -2.52 -9.38
N GLU E 60 48.38 -1.67 -10.11
CA GLU E 60 47.56 -0.67 -9.46
C GLU E 60 46.23 -1.29 -9.02
N PHE E 61 45.35 -0.44 -8.53
CA PHE E 61 44.13 -0.89 -7.87
C PHE E 61 43.19 -1.58 -8.86
N PHE E 62 42.94 -2.86 -8.64
CA PHE E 62 42.00 -3.62 -9.44
C PHE E 62 41.20 -4.55 -8.54
N ASN E 63 39.88 -4.53 -8.70
CA ASN E 63 39.00 -5.38 -7.91
C ASN E 63 37.67 -5.52 -8.61
N THR E 64 37.16 -6.73 -8.69
CA THR E 64 35.82 -7.01 -9.20
C THR E 64 35.48 -8.45 -8.84
N HIS E 65 34.35 -8.92 -9.35
CA HIS E 65 34.01 -10.32 -9.20
C HIS E 65 34.95 -11.16 -10.07
N PRO E 66 35.58 -12.21 -9.52
CA PRO E 66 36.65 -12.89 -10.27
C PRO E 66 36.16 -13.62 -11.52
N TYR E 67 34.86 -13.94 -11.61
CA TYR E 67 34.36 -14.58 -12.82
C TYR E 67 34.08 -13.56 -13.92
N VAL E 68 33.63 -12.36 -13.55
CA VAL E 68 33.25 -11.34 -14.53
C VAL E 68 34.45 -10.54 -15.04
N ALA E 69 35.66 -10.89 -14.60
CA ALA E 69 36.85 -10.18 -15.06
C ALA E 69 37.35 -10.67 -16.42
N ALA E 70 36.85 -11.81 -16.90
CA ALA E 70 37.33 -12.34 -18.17
C ALA E 70 37.05 -11.41 -19.34
N PRO E 71 35.89 -10.79 -19.48
CA PRO E 71 35.73 -9.78 -20.55
C PRO E 71 36.67 -8.59 -20.40
N ILE E 72 37.02 -8.21 -19.17
CA ILE E 72 38.09 -7.23 -19.00
C ILE E 72 39.42 -7.81 -19.48
N LEU E 73 39.64 -9.09 -19.17
CA LEU E 73 40.90 -9.74 -19.52
C LEU E 73 41.09 -9.78 -21.03
N GLY E 74 39.99 -10.02 -21.77
CA GLY E 74 40.08 -9.99 -23.22
C GLY E 74 40.34 -8.61 -23.79
N VAL E 75 39.66 -7.60 -23.27
CA VAL E 75 39.84 -6.24 -23.78
C VAL E 75 41.22 -5.70 -23.39
N THR E 76 41.68 -6.06 -22.19
CA THR E 76 43.03 -5.65 -21.80
C THR E 76 44.08 -6.28 -22.71
N LEU E 77 43.90 -7.55 -23.06
CA LEU E 77 44.82 -8.20 -23.99
C LEU E 77 44.66 -7.63 -25.40
N ALA E 78 43.45 -7.19 -25.76
CA ALA E 78 43.26 -6.54 -27.05
C ALA E 78 44.03 -5.22 -27.12
N LEU E 79 44.03 -4.46 -26.03
CA LEU E 79 44.69 -3.16 -26.04
C LEU E 79 46.21 -3.28 -26.08
N GLU E 80 46.77 -4.24 -25.32
CA GLU E 80 48.22 -4.33 -25.22
C GLU E 80 48.83 -4.96 -26.46
N GLU E 81 48.14 -5.91 -27.09
CA GLU E 81 48.61 -6.44 -28.37
C GLU E 81 48.62 -5.34 -29.43
N GLU E 82 47.57 -4.52 -29.48
CA GLU E 82 47.57 -3.36 -30.36
C GLU E 82 48.64 -2.36 -29.94
N ARG E 83 48.83 -2.19 -28.63
CA ARG E 83 49.85 -1.27 -28.13
C ARG E 83 51.25 -1.73 -28.49
N ALA E 84 51.52 -3.03 -28.36
CA ALA E 84 52.87 -3.54 -28.60
C ALA E 84 53.28 -3.35 -30.06
N ASN E 85 52.35 -3.54 -30.98
CA ASN E 85 52.65 -3.45 -32.40
C ASN E 85 52.68 -2.02 -32.91
N GLY E 86 52.38 -1.05 -32.06
CA GLY E 86 52.35 0.33 -32.48
C GLY E 86 50.94 0.90 -32.47
N ALA E 87 50.63 1.67 -31.42
CA ALA E 87 49.36 2.34 -31.29
C ALA E 87 49.52 3.39 -30.20
N PRO E 88 49.14 4.64 -30.43
CA PRO E 88 49.32 5.66 -29.39
C PRO E 88 48.37 5.44 -28.21
N ILE E 89 48.72 4.49 -27.34
CA ILE E 89 48.01 4.22 -26.10
C ILE E 89 49.02 4.41 -24.98
N ASP E 90 48.69 5.26 -24.00
CA ASP E 90 49.69 5.58 -22.96
C ASP E 90 48.98 5.84 -21.63
N ASP E 91 48.89 4.79 -20.80
CA ASP E 91 48.61 4.92 -19.37
C ASP E 91 47.24 5.53 -19.05
N VAL E 92 46.47 5.90 -20.07
CA VAL E 92 45.21 6.58 -19.87
C VAL E 92 44.10 5.67 -20.34
N THR E 93 44.35 4.97 -21.44
CA THR E 93 43.38 4.04 -21.99
C THR E 93 43.51 2.64 -21.38
N ILE E 94 44.73 2.25 -21.00
CA ILE E 94 44.92 0.95 -20.37
C ILE E 94 44.15 0.87 -19.06
N GLN E 95 44.37 1.85 -18.17
CA GLN E 95 43.64 1.86 -16.91
C GLN E 95 42.19 2.27 -17.11
N GLY E 96 41.93 3.17 -18.06
CA GLY E 96 40.60 3.71 -18.22
C GLY E 96 39.58 2.67 -18.65
N VAL E 97 39.97 1.76 -19.53
CA VAL E 97 39.05 0.71 -19.96
C VAL E 97 38.82 -0.28 -18.82
N LYS E 98 39.88 -0.60 -18.08
CA LYS E 98 39.74 -1.48 -16.91
C LYS E 98 38.83 -0.84 -15.87
N VAL E 99 39.14 0.40 -15.46
CA VAL E 99 38.39 1.01 -14.37
C VAL E 99 36.95 1.27 -14.78
N GLY E 100 36.69 1.42 -16.08
CA GLY E 100 35.32 1.56 -16.54
C GLY E 100 34.56 0.25 -16.48
N MET E 101 35.28 -0.85 -16.27
CA MET E 101 34.66 -2.17 -16.30
C MET E 101 34.62 -2.88 -14.95
N MET E 102 35.53 -2.56 -14.02
CA MET E 102 35.57 -3.33 -12.77
C MET E 102 34.30 -3.10 -11.96
N GLY E 103 33.90 -1.84 -11.81
CA GLY E 103 32.76 -1.48 -11.00
C GLY E 103 31.45 -2.08 -11.49
N PRO E 104 31.00 -1.67 -12.68
CA PRO E 104 29.67 -2.10 -13.13
C PRO E 104 29.55 -3.60 -13.36
N LEU E 105 30.63 -4.27 -13.77
CA LEU E 105 30.55 -5.72 -13.95
C LEU E 105 30.49 -6.46 -12.62
N ALA E 106 31.04 -5.87 -11.56
CA ALA E 106 30.88 -6.47 -10.23
C ALA E 106 29.44 -6.38 -9.74
N GLY E 107 28.80 -5.21 -9.88
CA GLY E 107 27.42 -5.06 -9.45
C GLY E 107 26.42 -5.88 -10.23
N ILE E 108 26.83 -6.43 -11.36
CA ILE E 108 25.99 -7.36 -12.11
C ILE E 108 26.55 -8.76 -11.87
N GLY E 109 27.80 -8.83 -11.40
CA GLY E 109 28.40 -10.13 -11.12
C GLY E 109 28.09 -10.65 -9.74
N ASP E 110 28.17 -9.78 -8.73
CA ASP E 110 27.85 -10.18 -7.35
C ASP E 110 26.44 -10.77 -7.22
N PRO E 111 25.39 -10.17 -7.80
CA PRO E 111 24.09 -10.83 -7.72
C PRO E 111 24.02 -12.15 -8.47
N VAL E 112 24.51 -12.19 -9.71
CA VAL E 112 24.34 -13.38 -10.53
C VAL E 112 25.03 -14.59 -9.90
N PHE E 113 26.30 -14.44 -9.55
CA PHE E 113 27.12 -15.58 -9.11
C PHE E 113 27.08 -15.81 -7.61
N TRP E 114 27.23 -14.75 -6.80
CA TRP E 114 27.27 -14.92 -5.36
C TRP E 114 25.91 -15.18 -4.73
N PHE E 115 24.95 -14.26 -4.90
CA PHE E 115 23.69 -14.31 -4.18
C PHE E 115 22.53 -14.91 -4.96
N THR E 116 22.72 -15.33 -6.21
CA THR E 116 21.67 -16.03 -6.93
C THR E 116 22.08 -17.44 -7.35
N VAL E 117 23.16 -17.59 -8.11
CA VAL E 117 23.55 -18.91 -8.62
C VAL E 117 24.03 -19.80 -7.48
N LYS E 118 24.90 -19.28 -6.62
CA LYS E 118 25.46 -20.11 -5.56
C LYS E 118 24.39 -20.64 -4.61
N PRO E 119 23.48 -19.83 -4.05
CA PRO E 119 22.43 -20.40 -3.19
C PRO E 119 21.49 -21.37 -3.89
N ILE E 120 21.14 -21.13 -5.15
CA ILE E 120 20.26 -22.06 -5.87
C ILE E 120 20.93 -23.42 -6.03
N ILE E 121 22.20 -23.42 -6.41
CA ILE E 121 22.93 -24.68 -6.48
C ILE E 121 23.19 -25.23 -5.09
N GLY E 122 23.48 -24.35 -4.12
CA GLY E 122 23.78 -24.81 -2.78
C GLY E 122 22.62 -25.51 -2.10
N ALA E 123 21.39 -25.01 -2.33
CA ALA E 123 20.22 -25.63 -1.72
C ALA E 123 20.03 -27.05 -2.22
N LEU E 124 20.18 -27.27 -3.53
CA LEU E 124 20.02 -28.60 -4.09
C LEU E 124 21.04 -29.56 -3.49
N ALA E 125 22.30 -29.13 -3.40
CA ALA E 125 23.33 -29.99 -2.82
C ALA E 125 23.10 -30.23 -1.34
N ALA E 126 22.66 -29.19 -0.61
CA ALA E 126 22.40 -29.35 0.81
C ALA E 126 21.23 -30.28 1.07
N SER E 127 20.12 -30.07 0.36
CA SER E 127 18.92 -30.88 0.59
C SER E 127 19.19 -32.35 0.33
N LEU E 128 19.98 -32.66 -0.71
CA LEU E 128 20.42 -34.04 -0.90
C LEU E 128 21.36 -34.47 0.22
N ALA E 129 22.35 -33.64 0.55
CA ALA E 129 23.38 -34.03 1.51
C ALA E 129 22.79 -34.30 2.89
N MET E 130 21.86 -33.46 3.35
CA MET E 130 21.26 -33.69 4.66
C MET E 130 20.55 -35.03 4.74
N SER E 131 20.07 -35.54 3.61
CA SER E 131 19.37 -36.82 3.55
C SER E 131 20.32 -38.02 3.47
N GLY E 132 21.59 -37.85 3.82
CA GLY E 132 22.56 -38.93 3.73
C GLY E 132 22.97 -39.30 2.33
N ASN E 133 22.81 -38.40 1.37
CA ASN E 133 23.07 -38.68 -0.04
C ASN E 133 24.44 -38.16 -0.44
N ILE E 134 25.30 -39.07 -0.92
CA ILE E 134 26.62 -38.69 -1.40
C ILE E 134 26.56 -37.88 -2.70
N LEU E 135 25.46 -37.98 -3.43
CA LEU E 135 25.33 -37.26 -4.69
C LEU E 135 25.15 -35.76 -4.49
N GLY E 136 24.99 -35.31 -3.24
CA GLY E 136 24.91 -33.90 -2.94
C GLY E 136 26.17 -33.15 -3.31
N PRO E 137 27.27 -33.41 -2.60
CA PRO E 137 28.53 -32.71 -2.91
C PRO E 137 29.01 -32.93 -4.34
N ILE E 138 28.82 -34.13 -4.89
CA ILE E 138 29.32 -34.40 -6.24
C ILE E 138 28.66 -33.50 -7.27
N ILE E 139 27.35 -33.29 -7.14
CA ILE E 139 26.63 -32.38 -8.04
C ILE E 139 27.16 -30.95 -7.89
N TYR E 140 27.35 -30.51 -6.64
CA TYR E 140 27.70 -29.12 -6.38
C TYR E 140 29.05 -28.75 -6.99
N PHE E 141 30.05 -29.63 -6.82
CA PHE E 141 31.35 -29.38 -7.43
C PHE E 141 31.26 -29.42 -8.94
N VAL E 142 30.43 -30.32 -9.47
CA VAL E 142 30.24 -30.40 -10.92
C VAL E 142 29.48 -29.18 -11.43
N ALA E 143 28.37 -28.84 -10.79
CA ALA E 143 27.51 -27.77 -11.29
C ALA E 143 28.23 -26.42 -11.29
N TRP E 144 28.80 -26.03 -10.14
CA TRP E 144 29.42 -24.72 -10.03
C TRP E 144 30.63 -24.59 -10.95
N ASN E 145 31.42 -25.65 -11.07
CA ASN E 145 32.62 -25.60 -11.90
C ASN E 145 32.32 -25.69 -13.39
N ALA E 146 31.32 -26.50 -13.79
CA ALA E 146 30.94 -26.54 -15.20
C ALA E 146 30.37 -25.20 -15.65
N ILE E 147 29.56 -24.57 -14.80
CA ILE E 147 29.05 -23.23 -15.09
C ILE E 147 30.21 -22.23 -15.19
N ARG E 148 31.18 -22.35 -14.28
CA ARG E 148 32.20 -21.30 -14.16
C ARG E 148 33.19 -21.31 -15.32
N MET E 149 33.67 -22.49 -15.72
CA MET E 149 34.70 -22.53 -16.75
C MET E 149 34.14 -22.18 -18.12
N ALA E 150 32.85 -22.42 -18.33
CA ALA E 150 32.23 -22.00 -19.59
C ALA E 150 32.14 -20.49 -19.68
N PHE E 151 31.64 -19.82 -18.64
CA PHE E 151 31.50 -18.37 -18.68
C PHE E 151 32.86 -17.67 -18.66
N THR E 152 33.76 -18.11 -17.78
CA THR E 152 35.04 -17.44 -17.62
C THR E 152 35.90 -17.59 -18.87
N TRP E 153 35.79 -18.72 -19.57
CA TRP E 153 36.59 -18.90 -20.77
C TRP E 153 35.96 -18.21 -21.98
N TYR E 154 34.67 -18.48 -22.23
CA TYR E 154 34.03 -18.00 -23.45
C TYR E 154 34.07 -16.48 -23.54
N THR E 155 33.71 -15.80 -22.45
CA THR E 155 33.68 -14.34 -22.47
C THR E 155 35.07 -13.74 -22.60
N GLN E 156 36.10 -14.44 -22.10
CA GLN E 156 37.47 -13.96 -22.25
C GLN E 156 37.86 -13.89 -23.72
N GLU E 157 37.46 -14.89 -24.50
CA GLU E 157 37.61 -14.82 -25.94
C GLU E 157 36.80 -13.67 -26.54
N PHE E 158 35.59 -13.45 -26.01
CA PHE E 158 34.73 -12.38 -26.50
C PHE E 158 35.35 -11.01 -26.26
N GLY E 159 35.92 -10.79 -25.07
CA GLY E 159 36.56 -9.51 -24.79
C GLY E 159 37.72 -9.24 -25.72
N TYR E 160 38.43 -10.30 -26.11
CA TYR E 160 39.55 -10.15 -27.03
C TYR E 160 39.06 -9.91 -28.46
N ARG E 161 38.01 -10.61 -28.89
CA ARG E 161 37.50 -10.45 -30.25
C ARG E 161 36.75 -9.15 -30.46
N ALA E 162 36.23 -8.53 -29.40
CA ALA E 162 35.44 -7.31 -29.56
C ALA E 162 36.24 -6.03 -29.38
N GLY E 163 37.50 -6.13 -28.93
CA GLY E 163 38.30 -4.97 -28.66
C GLY E 163 37.65 -4.08 -27.62
N SER E 164 38.05 -2.80 -27.61
CA SER E 164 37.39 -1.79 -26.80
C SER E 164 36.22 -1.14 -27.54
N LYS E 165 35.67 -1.82 -28.55
CA LYS E 165 34.55 -1.31 -29.33
C LYS E 165 33.21 -1.69 -28.73
N ILE E 166 33.19 -2.32 -27.56
CA ILE E 166 31.97 -2.48 -26.80
C ILE E 166 31.86 -1.49 -25.64
N THR E 167 32.95 -0.86 -25.23
CA THR E 167 32.92 0.08 -24.11
C THR E 167 32.48 1.47 -24.51
N GLU E 168 32.62 1.84 -25.78
CA GLU E 168 32.12 3.14 -26.24
C GLU E 168 30.62 3.23 -26.01
N ASP E 169 29.90 2.17 -26.36
CA ASP E 169 28.44 2.10 -26.23
C ASP E 169 28.12 1.60 -24.83
N LEU E 170 28.54 2.37 -23.83
CA LEU E 170 28.20 2.05 -22.45
C LEU E 170 27.84 3.33 -21.70
N SER E 171 27.39 4.36 -22.42
CA SER E 171 27.09 5.67 -21.87
C SER E 171 26.18 5.59 -20.65
N GLY E 172 26.39 6.50 -19.70
CA GLY E 172 25.76 6.38 -18.39
C GLY E 172 24.40 7.01 -18.25
N GLY E 173 23.73 7.30 -19.38
CA GLY E 173 22.36 7.77 -19.30
C GLY E 173 21.44 6.76 -18.66
N ILE E 174 21.58 5.49 -19.03
CA ILE E 174 20.85 4.41 -18.38
C ILE E 174 21.37 4.17 -16.96
N LEU E 175 22.68 4.25 -16.75
CA LEU E 175 23.26 3.85 -15.47
C LEU E 175 22.80 4.75 -14.32
N GLN E 176 22.51 6.03 -14.59
CA GLN E 176 22.01 6.90 -13.53
C GLN E 176 20.55 6.60 -13.20
N ASP E 177 19.86 5.87 -14.08
CA ASP E 177 18.51 5.41 -13.78
C ASP E 177 18.51 4.05 -13.09
N ILE E 178 19.49 3.20 -13.40
CA ILE E 178 19.46 1.83 -12.88
C ILE E 178 19.76 1.81 -11.39
N THR E 179 20.83 2.48 -10.97
CA THR E 179 21.18 2.49 -9.55
C THR E 179 20.12 3.20 -8.71
N LYS E 180 19.59 4.31 -9.22
CA LYS E 180 18.58 5.06 -8.46
C LYS E 180 17.31 4.23 -8.28
N GLY E 181 16.88 3.53 -9.34
CA GLY E 181 15.78 2.60 -9.19
C GLY E 181 16.14 1.40 -8.32
N ALA E 182 17.40 0.98 -8.36
CA ALA E 182 17.85 -0.09 -7.48
C ALA E 182 17.73 0.30 -6.02
N SER E 183 18.07 1.55 -5.69
CA SER E 183 18.02 2.00 -4.30
C SER E 183 16.59 1.99 -3.76
N ILE E 184 15.61 2.31 -4.60
CA ILE E 184 14.21 2.28 -4.16
C ILE E 184 13.81 0.87 -3.75
N LEU E 185 14.12 -0.12 -4.61
CA LEU E 185 13.88 -1.52 -4.24
C LEU E 185 14.67 -1.91 -3.01
N GLY E 186 15.96 -1.58 -2.99
CA GLY E 186 16.81 -2.04 -1.90
C GLY E 186 16.35 -1.50 -0.55
N MET E 187 16.11 -0.19 -0.46
CA MET E 187 15.65 0.36 0.80
C MET E 187 14.29 -0.22 1.17
N PHE E 188 13.48 -0.55 0.15
CA PHE E 188 12.21 -1.21 0.38
C PHE E 188 12.41 -2.64 0.87
N ILE E 189 13.15 -3.45 0.10
CA ILE E 189 13.25 -4.87 0.41
C ILE E 189 14.06 -5.11 1.67
N LEU E 190 15.07 -4.27 1.95
CA LEU E 190 15.74 -4.35 3.24
C LEU E 190 14.84 -3.89 4.38
N GLY E 191 13.90 -2.99 4.11
CA GLY E 191 12.91 -2.66 5.11
C GLY E 191 12.10 -3.87 5.52
N SER E 192 11.63 -4.65 4.54
CA SER E 192 10.83 -5.83 4.83
C SER E 192 11.65 -6.90 5.55
N LEU E 193 12.91 -7.08 5.14
CA LEU E 193 13.78 -8.04 5.80
C LEU E 193 14.11 -7.64 7.24
N VAL E 194 14.28 -6.33 7.48
CA VAL E 194 14.55 -5.86 8.84
C VAL E 194 13.38 -6.17 9.76
N ASN E 195 12.15 -5.92 9.30
CA ASN E 195 10.99 -6.27 10.11
C ASN E 195 10.92 -7.77 10.36
N ARG E 196 11.49 -8.57 9.45
CA ARG E 196 11.32 -10.01 9.48
C ARG E 196 12.58 -10.78 9.87
N TRP E 197 13.70 -10.58 9.17
CA TRP E 197 14.85 -11.45 9.31
C TRP E 197 15.77 -11.11 10.47
N VAL E 198 15.48 -10.06 11.23
CA VAL E 198 16.28 -9.69 12.39
C VAL E 198 15.55 -10.22 13.62
N SER E 199 16.11 -11.28 14.21
CA SER E 199 15.44 -12.00 15.30
C SER E 199 15.76 -11.30 16.62
N VAL E 200 14.80 -10.52 17.11
CA VAL E 200 14.89 -9.84 18.40
C VAL E 200 13.55 -10.03 19.08
N LYS E 201 13.50 -10.91 20.08
CA LYS E 201 12.28 -11.17 20.85
C LYS E 201 12.60 -11.07 22.34
N PHE E 202 11.62 -10.59 23.11
CA PHE E 202 11.73 -10.41 24.55
C PHE E 202 10.77 -11.38 25.25
N THR E 203 11.30 -12.17 26.18
CA THR E 203 10.55 -13.17 26.93
C THR E 203 9.78 -12.65 28.14
N PRO E 204 10.36 -11.78 28.98
CA PRO E 204 9.78 -11.56 30.32
C PRO E 204 8.34 -11.06 30.28
N THR E 205 7.56 -11.45 31.28
CA THR E 205 6.15 -11.10 31.37
C THR E 205 5.96 -9.89 32.27
N VAL E 206 4.94 -9.10 31.98
CA VAL E 206 4.68 -7.86 32.70
C VAL E 206 3.48 -7.99 33.65
N SER E 207 2.29 -8.30 33.12
CA SER E 207 1.08 -8.36 33.92
C SER E 207 0.34 -9.66 33.68
N SER E 208 -0.21 -10.22 34.75
CA SER E 208 -0.89 -11.51 34.70
C SER E 208 -2.23 -11.42 35.44
N VAL E 209 -3.02 -10.40 35.08
CA VAL E 209 -4.26 -10.11 35.79
C VAL E 209 -5.23 -11.28 35.69
N LYS E 210 -6.19 -11.32 36.61
CA LYS E 210 -7.13 -12.43 36.74
C LYS E 210 -8.50 -12.04 36.18
N LEU E 211 -8.98 -12.84 35.24
CA LEU E 211 -10.20 -12.52 34.51
C LEU E 211 -11.45 -12.80 35.33
N ASP E 212 -12.52 -12.06 35.01
CA ASP E 212 -13.80 -12.21 35.68
C ASP E 212 -14.65 -13.29 34.99
N LYS E 213 -15.85 -13.49 35.53
CA LYS E 213 -16.80 -14.41 34.93
C LYS E 213 -17.27 -13.88 33.58
N GLY E 214 -17.43 -14.78 32.61
CA GLY E 214 -17.79 -14.42 31.26
C GLY E 214 -16.61 -14.16 30.34
N ALA E 215 -15.40 -14.10 30.89
CA ALA E 215 -14.21 -13.92 30.08
C ALA E 215 -13.53 -15.22 29.69
N PHE E 216 -13.37 -16.15 30.62
CA PHE E 216 -12.78 -17.45 30.37
C PHE E 216 -13.87 -18.50 30.25
N ILE E 217 -13.51 -19.67 29.71
CA ILE E 217 -14.50 -20.70 29.42
C ILE E 217 -15.07 -21.29 30.70
N ASP E 218 -14.26 -21.45 31.75
CA ASP E 218 -14.70 -22.07 33.00
C ASP E 218 -15.15 -23.51 32.77
N TRP E 219 -14.15 -24.37 32.56
CA TRP E 219 -14.37 -25.78 32.25
C TRP E 219 -14.89 -26.52 33.47
N ASP E 220 -16.07 -26.14 33.95
CA ASP E 220 -16.71 -26.86 35.03
C ASP E 220 -18.16 -27.13 34.68
N LYS E 221 -18.76 -26.22 33.91
CA LYS E 221 -20.14 -26.32 33.48
C LYS E 221 -20.29 -26.89 32.07
N LEU E 222 -19.20 -27.37 31.48
CA LEU E 222 -19.27 -27.89 30.12
C LEU E 222 -20.10 -29.18 30.09
N PRO E 223 -20.90 -29.40 29.04
CA PRO E 223 -21.63 -30.67 28.92
C PRO E 223 -20.69 -31.85 28.66
N SER E 224 -21.16 -33.05 28.96
CA SER E 224 -20.32 -34.25 28.88
C SER E 224 -20.82 -35.13 27.74
N GLY E 225 -20.10 -35.11 26.62
CA GLY E 225 -20.39 -36.02 25.52
C GLY E 225 -21.11 -35.39 24.35
N ALA E 226 -20.36 -35.14 23.27
CA ALA E 226 -20.90 -34.70 21.98
C ALA E 226 -21.53 -33.31 22.04
N LYS E 227 -21.51 -32.69 23.21
CA LYS E 227 -21.91 -31.30 23.35
C LYS E 227 -20.93 -30.46 24.13
N GLY E 228 -20.01 -31.09 24.86
CA GLY E 228 -18.95 -30.34 25.51
C GLY E 228 -17.99 -29.71 24.52
N ILE E 229 -17.62 -30.46 23.48
CA ILE E 229 -16.77 -29.90 22.43
C ILE E 229 -17.50 -28.81 21.67
N GLN E 230 -18.81 -28.98 21.51
CA GLN E 230 -19.63 -28.00 20.79
C GLN E 230 -19.49 -26.61 21.42
N SER E 231 -19.68 -26.51 22.73
CA SER E 231 -19.64 -25.20 23.38
C SER E 231 -18.21 -24.72 23.55
N ALA E 232 -17.22 -25.60 23.38
CA ALA E 232 -15.82 -25.21 23.50
C ALA E 232 -15.38 -24.37 22.30
N LEU E 233 -15.82 -24.75 21.10
CA LEU E 233 -15.43 -24.02 19.90
C LEU E 233 -16.19 -22.72 19.76
N GLN E 234 -17.47 -22.70 20.15
CA GLN E 234 -18.29 -21.51 19.98
C GLN E 234 -17.92 -20.43 20.99
N GLN E 235 -17.64 -20.82 22.23
CA GLN E 235 -17.18 -19.84 23.21
C GLN E 235 -15.82 -19.27 22.83
N GLN E 236 -14.91 -20.11 22.34
CA GLN E 236 -13.65 -19.58 21.82
C GLN E 236 -13.87 -18.69 20.61
N ALA E 237 -14.81 -19.07 19.73
CA ALA E 237 -15.09 -18.27 18.55
C ALA E 237 -15.60 -16.88 18.92
N GLN E 238 -16.27 -16.76 20.06
CA GLN E 238 -16.72 -15.48 20.57
C GLN E 238 -15.63 -14.70 21.30
N GLY E 239 -14.45 -15.29 21.49
CA GLY E 239 -13.36 -14.63 22.17
C GLY E 239 -13.10 -15.08 23.59
N LEU E 240 -13.75 -16.14 24.05
CA LEU E 240 -13.46 -16.64 25.40
C LEU E 240 -12.11 -17.34 25.43
N SER E 241 -11.48 -17.32 26.60
CA SER E 241 -10.10 -17.76 26.74
C SER E 241 -10.02 -19.19 27.25
N LEU E 242 -8.89 -19.83 26.92
CA LEU E 242 -8.65 -21.22 27.29
C LEU E 242 -8.11 -21.36 28.72
N THR E 243 -7.73 -20.26 29.35
CA THR E 243 -7.35 -20.24 30.77
C THR E 243 -8.02 -19.06 31.45
N ASP E 244 -8.10 -19.14 32.78
CA ASP E 244 -8.68 -18.07 33.58
C ASP E 244 -7.69 -16.94 33.84
N HIS E 245 -6.60 -16.86 33.09
CA HIS E 245 -5.60 -15.81 33.24
C HIS E 245 -5.22 -15.26 31.87
N LYS E 246 -5.11 -13.94 31.79
CA LYS E 246 -4.61 -13.28 30.58
C LYS E 246 -3.13 -12.98 30.78
N ILE E 247 -2.28 -13.64 30.00
CA ILE E 247 -0.83 -13.52 30.13
C ILE E 247 -0.37 -12.47 29.13
N THR E 248 0.29 -11.43 29.64
CA THR E 248 0.84 -10.36 28.83
C THR E 248 2.35 -10.30 29.01
N THR E 249 3.05 -10.27 27.88
CA THR E 249 4.51 -10.27 27.84
C THR E 249 5.01 -8.96 27.24
N LEU E 250 6.29 -8.69 27.47
CA LEU E 250 6.88 -7.46 26.96
C LEU E 250 6.87 -7.44 25.43
N GLN E 251 6.95 -8.61 24.81
CA GLN E 251 6.92 -8.66 23.35
C GLN E 251 5.61 -8.11 22.81
N ASP E 252 4.48 -8.46 23.46
CA ASP E 252 3.20 -7.91 23.05
C ASP E 252 3.14 -6.40 23.27
N ASN E 253 3.71 -5.91 24.36
CA ASN E 253 3.71 -4.47 24.60
C ASN E 253 4.45 -3.72 23.51
N LEU E 254 5.60 -4.25 23.07
CA LEU E 254 6.28 -3.67 21.91
C LEU E 254 5.50 -3.94 20.63
N ASP E 255 4.92 -5.15 20.51
CA ASP E 255 4.19 -5.51 19.31
C ASP E 255 2.92 -4.70 19.15
N SER E 256 2.33 -4.25 20.26
CA SER E 256 1.13 -3.42 20.18
C SER E 256 1.40 -2.11 19.47
N LEU E 257 2.64 -1.63 19.51
CA LEU E 257 2.99 -0.42 18.78
C LEU E 257 3.20 -0.71 17.30
N ILE E 258 4.20 -1.53 16.98
CA ILE E 258 4.40 -2.02 15.62
C ILE E 258 5.24 -3.30 15.71
N PRO E 259 4.97 -4.31 14.87
CA PRO E 259 5.82 -5.51 14.90
C PRO E 259 7.24 -5.20 14.45
N GLY E 260 8.18 -5.96 15.00
CA GLY E 260 9.57 -5.79 14.65
C GLY E 260 10.21 -4.52 15.18
N LEU E 261 9.66 -3.93 16.25
CA LEU E 261 10.19 -2.66 16.74
C LEU E 261 11.59 -2.83 17.31
N ALA E 262 11.83 -3.92 18.02
CA ALA E 262 13.16 -4.16 18.60
C ALA E 262 14.20 -4.48 17.52
N ALA E 263 13.77 -5.07 16.41
CA ALA E 263 14.70 -5.32 15.30
C ALA E 263 15.17 -4.01 14.66
N LEU E 264 14.28 -3.04 14.50
CA LEU E 264 14.66 -1.77 13.91
C LEU E 264 15.66 -1.04 14.80
N GLY E 265 15.46 -1.08 16.12
CA GLY E 265 16.38 -0.40 17.02
C GLY E 265 17.80 -0.94 16.92
N LEU E 266 17.94 -2.27 16.87
CA LEU E 266 19.25 -2.87 16.62
C LEU E 266 19.76 -2.46 15.24
N THR E 267 18.86 -2.47 14.24
CA THR E 267 19.27 -2.13 12.88
C THR E 267 19.75 -0.68 12.78
N LEU E 268 19.05 0.25 13.42
CA LEU E 268 19.52 1.62 13.47
C LEU E 268 20.82 1.74 14.26
N PHE E 269 20.95 0.99 15.36
CA PHE E 269 22.12 1.10 16.21
C PHE E 269 23.37 0.62 15.48
N CYS E 270 23.24 -0.46 14.70
CA CYS E 270 24.35 -0.90 13.87
C CYS E 270 24.71 0.17 12.84
N MET E 271 23.69 0.77 12.21
CA MET E 271 23.95 1.91 11.33
C MET E 271 24.75 2.98 12.02
N TRP E 272 24.35 3.34 13.24
CA TRP E 272 25.06 4.38 13.97
C TRP E 272 26.47 3.93 14.34
N LEU E 273 26.64 2.66 14.70
CA LEU E 273 27.93 2.17 15.17
C LEU E 273 28.98 2.18 14.06
N LEU E 274 28.63 1.71 12.87
CA LEU E 274 29.60 1.67 11.77
C LEU E 274 30.03 3.08 11.38
N LYS E 275 29.09 4.02 11.35
CA LYS E 275 29.43 5.42 11.10
C LYS E 275 30.39 5.96 12.14
N LYS E 276 30.35 5.41 13.36
CA LYS E 276 31.23 5.80 14.45
C LYS E 276 32.57 5.07 14.44
N LYS E 277 32.97 4.51 13.30
CA LYS E 277 34.27 3.86 13.16
C LYS E 277 34.43 2.73 14.18
N VAL E 278 33.47 1.83 14.23
CA VAL E 278 33.56 0.62 15.04
C VAL E 278 33.66 -0.57 14.11
N SER E 279 34.73 -1.35 14.26
CA SER E 279 34.96 -2.47 13.37
C SER E 279 33.86 -3.51 13.55
N PRO E 280 33.20 -3.93 12.47
CA PRO E 280 32.04 -4.82 12.63
C PRO E 280 32.37 -6.16 13.26
N ILE E 281 33.64 -6.57 13.25
CA ILE E 281 34.01 -7.78 13.98
C ILE E 281 33.84 -7.59 15.48
N VAL E 282 34.07 -6.38 16.00
CA VAL E 282 33.80 -6.12 17.42
C VAL E 282 32.31 -6.10 17.69
N ILE E 283 31.53 -5.47 16.80
CA ILE E 283 30.09 -5.38 16.99
C ILE E 283 29.45 -6.77 16.98
N ILE E 284 29.86 -7.62 16.03
CA ILE E 284 29.26 -8.95 15.91
C ILE E 284 29.73 -9.84 17.05
N LEU E 285 31.01 -9.77 17.41
CA LEU E 285 31.47 -10.45 18.62
C LEU E 285 30.71 -9.91 19.83
N GLY E 286 30.46 -8.61 19.87
CA GLY E 286 29.61 -8.06 20.90
C GLY E 286 28.17 -8.53 20.77
N LEU E 287 27.68 -8.66 19.54
CA LEU E 287 26.31 -9.11 19.31
C LEU E 287 26.10 -10.57 19.69
N PHE E 288 27.17 -11.35 19.78
CA PHE E 288 27.05 -12.72 20.27
C PHE E 288 27.01 -12.75 21.80
N VAL E 289 27.87 -11.95 22.44
CA VAL E 289 27.92 -11.93 23.90
C VAL E 289 26.64 -11.35 24.47
N VAL E 290 26.05 -10.38 23.76
CA VAL E 290 24.76 -9.84 24.16
C VAL E 290 23.71 -10.95 24.22
N GLY E 291 23.70 -11.82 23.22
CA GLY E 291 22.81 -12.96 23.24
C GLY E 291 23.11 -13.92 24.38
N ILE E 292 24.37 -13.96 24.81
CA ILE E 292 24.75 -14.80 25.96
C ILE E 292 24.19 -14.22 27.25
N VAL E 293 24.30 -12.91 27.42
CA VAL E 293 23.91 -12.28 28.69
C VAL E 293 22.40 -12.11 28.78
N PHE E 294 21.79 -11.56 27.73
CA PHE E 294 20.35 -11.33 27.77
C PHE E 294 19.57 -12.64 27.88
N HIS E 295 20.10 -13.73 27.34
CA HIS E 295 19.45 -15.02 27.55
C HIS E 295 19.68 -15.55 28.96
N LEU E 296 20.85 -15.27 29.55
CA LEU E 296 21.09 -15.65 30.94
C LEU E 296 20.17 -14.90 31.89
N LEU E 297 19.98 -13.60 31.69
CA LEU E 297 19.09 -12.82 32.53
C LEU E 297 17.62 -13.03 32.19
N HIS E 298 17.30 -14.07 31.43
CA HIS E 298 15.93 -14.43 31.07
C HIS E 298 15.24 -13.32 30.30
N LEU E 299 16.00 -12.52 29.57
CA LEU E 299 15.42 -11.44 28.79
C LEU E 299 15.05 -11.89 27.37
N MET E 300 16.03 -12.27 26.56
CA MET E 300 15.74 -12.80 25.23
C MET E 300 15.42 -14.29 25.32
N ALA F 1 48.65 8.35 10.56
CA ALA F 1 49.08 7.03 10.13
C ALA F 1 50.47 7.06 9.51
N ASP F 2 50.64 6.33 8.41
CA ASP F 2 51.92 6.27 7.72
C ASP F 2 52.21 7.59 7.02
N TYR F 3 53.37 8.19 7.34
CA TYR F 3 53.64 9.56 6.93
C TYR F 3 53.93 9.68 5.44
N LYS F 4 54.47 8.61 4.82
CA LYS F 4 54.67 8.64 3.37
C LYS F 4 53.34 8.58 2.63
N LYS F 5 52.33 7.93 3.21
CA LYS F 5 51.03 7.84 2.57
C LYS F 5 50.30 9.18 2.58
N ILE F 6 50.31 9.86 3.72
CA ILE F 6 49.49 11.07 3.89
C ILE F 6 49.98 12.17 2.96
N ASN F 7 51.30 12.36 2.86
CA ASN F 7 51.83 13.42 2.00
C ASN F 7 51.50 13.17 0.54
N SER F 8 51.63 11.93 0.09
CA SER F 8 51.36 11.61 -1.31
C SER F 8 49.88 11.73 -1.62
N ILE F 9 49.01 11.37 -0.67
CA ILE F 9 47.58 11.61 -0.83
C ILE F 9 47.31 13.10 -0.97
N LEU F 10 47.94 13.91 -0.12
CA LEU F 10 47.84 15.36 -0.26
C LEU F 10 48.41 15.82 -1.61
N THR F 11 49.41 15.09 -2.12
CA THR F 11 49.92 15.40 -3.46
C THR F 11 48.89 15.08 -4.53
N TYR F 12 48.31 13.88 -4.47
CA TYR F 12 47.41 13.43 -5.53
C TYR F 12 46.08 14.17 -5.52
N THR F 13 45.54 14.46 -4.32
CA THR F 13 44.33 15.25 -4.24
C THR F 13 44.55 16.67 -4.75
N SER F 14 45.66 17.30 -4.35
CA SER F 14 45.99 18.63 -4.86
C SER F 14 46.19 18.60 -6.37
N THR F 15 46.67 17.47 -6.90
CA THR F 15 46.81 17.34 -8.35
C THR F 15 45.47 17.11 -9.03
N ALA F 16 44.57 16.37 -8.38
CA ALA F 16 43.29 16.03 -9.00
C ALA F 16 42.38 17.24 -9.12
N LEU F 17 42.43 18.16 -8.16
CA LEU F 17 41.51 19.29 -8.12
C LEU F 17 41.81 20.34 -9.17
N LYS F 18 42.93 20.23 -9.90
CA LYS F 18 43.28 21.22 -10.91
C LYS F 18 43.05 20.74 -12.34
N ASN F 19 42.88 19.45 -12.56
CA ASN F 19 42.52 18.92 -13.88
C ASN F 19 41.14 19.42 -14.26
N PRO F 20 40.94 20.02 -15.44
CA PRO F 20 39.62 20.60 -15.77
C PRO F 20 38.48 19.61 -15.72
N LYS F 21 38.71 18.34 -16.05
CA LYS F 21 37.61 17.39 -16.19
C LYS F 21 37.08 16.92 -14.84
N ILE F 22 37.94 16.79 -13.83
CA ILE F 22 37.50 16.30 -12.52
C ILE F 22 36.60 17.33 -11.82
N ILE F 23 36.90 18.61 -11.95
CA ILE F 23 36.08 19.64 -11.31
C ILE F 23 34.65 19.59 -11.82
N LYS F 24 34.45 19.19 -13.08
CA LYS F 24 33.10 19.07 -13.62
C LYS F 24 32.28 18.05 -12.85
N ASP F 25 32.92 16.97 -12.40
CA ASP F 25 32.27 16.01 -11.50
C ASP F 25 32.20 16.67 -10.13
N LYS F 26 31.13 17.44 -9.90
CA LYS F 26 30.98 18.11 -8.61
C LYS F 26 30.84 17.09 -7.48
N ASP F 27 30.24 15.92 -7.79
CA ASP F 27 30.16 14.86 -6.81
C ASP F 27 31.55 14.36 -6.41
N LEU F 28 32.47 14.27 -7.37
CA LEU F 28 33.82 13.82 -7.07
C LEU F 28 34.58 14.87 -6.26
N VAL F 29 34.30 16.15 -6.48
CA VAL F 29 34.99 17.21 -5.72
C VAL F 29 34.74 17.04 -4.24
N VAL F 30 33.49 16.72 -3.85
CA VAL F 30 33.16 16.53 -2.44
C VAL F 30 34.04 15.43 -1.85
N LEU F 31 34.24 14.35 -2.58
CA LEU F 31 35.08 13.26 -2.09
C LEU F 31 36.53 13.73 -1.90
N LEU F 32 37.07 14.42 -2.91
CA LEU F 32 38.46 14.87 -2.85
C LEU F 32 38.70 15.90 -1.75
N THR F 33 37.77 16.85 -1.58
CA THR F 33 37.95 17.88 -0.56
C THR F 33 37.99 17.27 0.83
N ILE F 34 37.11 16.31 1.12
CA ILE F 34 37.17 15.60 2.39
C ILE F 34 38.42 14.74 2.47
N ILE F 35 38.79 14.08 1.37
CA ILE F 35 39.97 13.23 1.38
C ILE F 35 41.23 14.06 1.62
N GLN F 36 41.34 15.21 0.95
CA GLN F 36 42.44 16.13 1.21
C GLN F 36 42.38 16.68 2.65
N GLU F 37 41.17 17.03 3.11
CA GLU F 37 41.03 17.59 4.45
C GLU F 37 41.44 16.57 5.52
N GLU F 38 41.02 15.32 5.37
CA GLU F 38 41.47 14.29 6.30
C GLU F 38 42.96 14.04 6.19
N ALA F 39 43.50 14.02 4.96
CA ALA F 39 44.94 13.93 4.78
C ALA F 39 45.66 15.16 5.31
N LYS F 40 45.00 16.31 5.28
CA LYS F 40 45.57 17.51 5.88
C LYS F 40 45.73 17.37 7.40
N GLN F 41 45.11 16.35 7.98
CA GLN F 41 45.19 16.09 9.42
C GLN F 41 45.79 14.74 9.74
N ASN F 42 46.57 14.17 8.81
CA ASN F 42 47.30 12.92 9.03
C ASN F 42 46.36 11.76 9.37
N ARG F 43 45.14 11.81 8.84
CA ARG F 43 44.15 10.76 9.02
C ARG F 43 43.65 10.33 7.65
N ILE F 44 43.26 9.07 7.54
CA ILE F 44 42.81 8.50 6.27
C ILE F 44 41.30 8.35 6.31
N PHE F 45 40.64 8.85 5.27
CA PHE F 45 39.18 8.98 5.29
C PHE F 45 38.51 7.62 5.36
N TYR F 46 37.41 7.55 6.11
CA TYR F 46 36.71 6.30 6.38
C TYR F 46 35.49 6.22 5.46
N ASP F 47 35.56 5.31 4.49
CA ASP F 47 34.52 5.18 3.46
C ASP F 47 33.57 4.05 3.81
N TYR F 48 32.79 4.27 4.87
CA TYR F 48 31.79 3.29 5.27
C TYR F 48 30.59 3.30 4.33
N LYS F 49 30.16 4.48 3.88
CA LYS F 49 29.34 4.59 2.69
C LYS F 49 30.29 4.53 1.50
N ARG F 50 30.28 3.40 0.80
CA ARG F 50 31.25 3.12 -0.27
C ARG F 50 30.91 3.96 -1.50
N LYS F 51 31.27 5.23 -1.44
CA LYS F 51 30.92 6.20 -2.47
C LYS F 51 32.06 6.57 -3.39
N PHE F 52 33.31 6.52 -2.92
CA PHE F 52 34.42 7.04 -3.72
C PHE F 52 34.67 6.18 -4.95
N ARG F 53 34.76 4.87 -4.77
CA ARG F 53 35.00 3.98 -5.91
C ARG F 53 33.89 4.00 -6.95
N PRO F 54 32.59 3.95 -6.59
CA PRO F 54 31.57 4.07 -7.64
C PRO F 54 31.66 5.36 -8.43
N ALA F 55 32.04 6.46 -7.79
CA ALA F 55 32.16 7.74 -8.48
C ALA F 55 33.31 7.73 -9.48
N VAL F 56 34.44 7.11 -9.12
CA VAL F 56 35.58 7.09 -10.03
C VAL F 56 35.23 6.34 -11.30
N THR F 57 34.34 5.36 -11.21
CA THR F 57 33.83 4.69 -12.41
C THR F 57 32.85 5.59 -13.16
N ARG F 58 32.02 6.33 -12.42
CA ARG F 58 31.06 7.22 -13.06
C ARG F 58 31.76 8.33 -13.82
N PHE F 59 32.81 8.92 -13.23
CA PHE F 59 33.58 9.94 -13.94
C PHE F 59 34.32 9.35 -15.12
N THR F 60 34.93 8.17 -14.94
CA THR F 60 35.69 7.55 -16.01
C THR F 60 34.81 7.24 -17.21
N ILE F 61 33.62 6.67 -16.97
CA ILE F 61 32.68 6.40 -18.05
C ILE F 61 32.21 7.71 -18.69
N ASP F 62 32.11 8.78 -17.88
CA ASP F 62 31.74 10.09 -18.42
C ASP F 62 32.85 10.73 -19.23
N ASN F 63 34.07 10.21 -19.14
CA ASN F 63 35.23 10.78 -19.84
C ASN F 63 35.79 9.79 -20.86
N ASN F 64 34.90 9.14 -21.62
CA ASN F 64 35.28 8.23 -22.71
C ASN F 64 36.13 7.07 -22.22
N PHE F 65 35.81 6.54 -21.03
CA PHE F 65 36.51 5.41 -20.44
C PHE F 65 38.01 5.68 -20.34
N GLU F 66 38.32 6.88 -19.87
CA GLU F 66 39.70 7.32 -19.71
C GLU F 66 39.87 7.91 -18.32
N ILE F 67 41.04 7.69 -17.72
CA ILE F 67 41.28 8.09 -16.34
C ILE F 67 42.68 8.68 -16.22
N PRO F 68 42.88 9.72 -15.41
CA PRO F 68 44.23 10.24 -15.19
C PRO F 68 44.98 9.47 -14.12
N ASP F 69 46.19 9.96 -13.81
CA ASP F 69 47.06 9.28 -12.86
C ASP F 69 46.66 9.55 -11.41
N CYS F 70 46.11 10.73 -11.12
CA CYS F 70 45.87 11.11 -9.73
C CYS F 70 44.71 10.33 -9.13
N LEU F 71 43.67 10.07 -9.92
CA LEU F 71 42.53 9.30 -9.43
C LEU F 71 42.91 7.84 -9.21
N VAL F 72 43.75 7.29 -10.09
CA VAL F 72 44.17 5.90 -9.97
C VAL F 72 45.00 5.68 -8.71
N LYS F 73 45.96 6.58 -8.45
CA LYS F 73 46.80 6.43 -7.26
C LYS F 73 46.07 6.74 -5.97
N LEU F 74 44.92 7.41 -6.04
CA LEU F 74 44.13 7.70 -4.86
C LEU F 74 43.11 6.60 -4.54
N LEU F 75 43.03 5.56 -5.38
CA LEU F 75 42.06 4.50 -5.14
C LEU F 75 42.36 3.69 -3.89
N SER F 76 43.62 3.71 -3.41
CA SER F 76 44.03 2.99 -2.22
C SER F 76 44.09 3.89 -0.99
N ALA F 77 43.49 5.07 -1.05
CA ALA F 77 43.45 6.03 0.05
C ALA F 77 42.24 5.85 0.96
N VAL F 78 41.44 4.82 0.74
CA VAL F 78 40.14 4.66 1.41
C VAL F 78 40.17 3.39 2.25
N GLU F 79 39.26 3.32 3.21
CA GLU F 79 39.23 2.25 4.20
C GLU F 79 38.27 1.12 3.85
N THR F 80 37.01 1.42 3.52
CA THR F 80 36.05 0.45 3.00
C THR F 80 35.86 -0.77 3.90
N PRO F 81 35.04 -0.66 4.97
CA PRO F 81 34.86 -1.75 5.95
C PRO F 81 34.78 -3.16 5.38
N LYS F 82 35.27 -4.13 6.17
CA LYS F 82 35.66 -5.44 5.64
C LYS F 82 35.20 -6.60 6.52
N ALA F 83 33.99 -6.53 7.09
CA ALA F 83 33.53 -7.55 8.03
C ALA F 83 32.08 -7.99 7.72
N TRP F 84 31.81 -8.33 6.46
CA TRP F 84 30.49 -8.75 5.99
C TRP F 84 29.81 -9.78 6.89
N SER F 85 28.47 -9.69 6.98
CA SER F 85 27.65 -10.68 7.66
C SER F 85 26.73 -11.45 6.72
N GLY F 86 26.29 -10.85 5.63
CA GLY F 86 25.46 -11.52 4.66
C GLY F 86 24.01 -11.07 4.69
N PHE F 87 23.22 -11.71 3.84
CA PHE F 87 21.79 -11.45 3.75
C PHE F 87 20.94 -12.55 4.37
N SER F 88 21.40 -13.80 4.33
CA SER F 88 20.73 -14.92 5.01
C SER F 88 19.26 -15.06 4.63
N MET G 1 -23.16 -6.73 26.79
CA MET G 1 -22.85 -6.84 28.21
C MET G 1 -21.77 -5.84 28.62
N ALA G 2 -21.09 -5.26 27.64
CA ALA G 2 -20.03 -4.28 27.90
C ALA G 2 -20.11 -3.17 26.86
N ARG G 3 -20.50 -1.98 27.30
CA ARG G 3 -20.72 -0.83 26.42
C ARG G 3 -19.44 -0.01 26.34
N SER G 4 -19.00 0.30 25.12
CA SER G 4 -17.74 1.01 24.91
C SER G 4 -17.85 2.48 25.32
N TYR G 5 -16.89 2.96 26.11
CA TYR G 5 -16.80 4.36 26.48
C TYR G 5 -15.49 5.01 26.04
N GLY G 6 -14.66 4.30 25.29
CA GLY G 6 -13.50 4.93 24.67
C GLY G 6 -12.27 4.91 25.55
N ASN G 7 -11.11 4.98 24.90
CA ASN G 7 -9.80 4.96 25.52
C ASN G 7 -9.58 3.72 26.39
N GLY G 8 -10.21 2.59 26.06
CA GLY G 8 -9.99 1.34 26.74
C GLY G 8 -10.91 1.01 27.89
N VAL G 9 -11.80 1.91 28.30
CA VAL G 9 -12.73 1.64 29.38
C VAL G 9 -14.12 1.40 28.78
N TYR G 10 -14.71 0.23 29.06
CA TYR G 10 -16.08 0.11 28.58
C TYR G 10 -17.08 0.34 29.72
N CYS G 11 -17.42 -0.75 30.42
CA CYS G 11 -17.97 -0.87 31.76
C CYS G 11 -18.54 -2.29 31.93
N ASN G 12 -19.01 -2.61 33.13
CA ASN G 12 -19.98 -3.68 33.32
C ASN G 12 -21.11 -3.12 34.18
N ASN G 13 -22.09 -3.96 34.52
CA ASN G 13 -23.23 -3.50 35.29
C ASN G 13 -22.88 -3.17 36.74
N LYS G 14 -21.68 -3.54 37.21
CA LYS G 14 -21.29 -3.22 38.57
C LYS G 14 -19.82 -2.83 38.73
N LYS G 15 -19.05 -2.75 37.65
CA LYS G 15 -17.62 -2.51 37.74
C LYS G 15 -17.05 -2.25 36.35
N CYS G 16 -16.18 -1.25 36.24
CA CYS G 16 -15.58 -0.87 34.97
C CYS G 16 -14.05 -0.96 35.07
N TRP G 17 -13.40 -1.31 33.96
CA TRP G 17 -11.96 -1.50 33.95
C TRP G 17 -11.39 -1.04 32.62
N VAL G 18 -10.06 -1.07 32.52
CA VAL G 18 -9.31 -0.50 31.40
C VAL G 18 -8.80 -1.64 30.52
N ASN G 19 -8.92 -1.47 29.21
CA ASN G 19 -8.19 -2.28 28.24
C ASN G 19 -6.89 -1.56 27.93
N ARG G 20 -5.76 -2.09 28.39
CA ARG G 20 -4.49 -1.39 28.25
C ARG G 20 -4.11 -1.25 26.78
N GLY G 21 -4.26 -2.31 26.00
CA GLY G 21 -3.91 -2.23 24.59
C GLY G 21 -4.67 -1.15 23.84
N GLU G 22 -5.98 -1.05 24.10
CA GLU G 22 -6.77 0.01 23.47
C GLU G 22 -6.55 1.36 24.14
N ALA G 23 -6.10 1.37 25.40
CA ALA G 23 -5.65 2.61 26.00
C ALA G 23 -4.38 3.10 25.31
N THR G 24 -3.45 2.19 25.03
CA THR G 24 -2.24 2.57 24.31
C THR G 24 -2.54 3.06 22.90
N GLN G 25 -3.44 2.38 22.19
CA GLN G 25 -3.75 2.79 20.82
C GLN G 25 -4.46 4.13 20.78
N SER G 26 -5.25 4.42 21.82
CA SER G 26 -5.90 5.73 21.89
C SER G 26 -4.88 6.86 21.97
N ILE G 27 -3.82 6.69 22.76
CA ILE G 27 -2.81 7.75 22.86
C ILE G 27 -2.08 7.91 21.54
N ILE G 28 -1.84 6.81 20.82
CA ILE G 28 -1.11 6.89 19.56
C ILE G 28 -1.88 7.71 18.53
N GLY G 29 -3.16 7.38 18.34
CA GLY G 29 -3.96 8.07 17.33
C GLY G 29 -4.23 9.52 17.69
N GLY G 30 -4.43 9.80 18.98
CA GLY G 30 -4.56 11.17 19.41
C GLY G 30 -3.29 11.97 19.18
N MET G 31 -2.13 11.34 19.41
CA MET G 31 -0.86 12.02 19.19
C MET G 31 -0.67 12.35 17.71
N ILE G 32 -0.84 11.36 16.83
CA ILE G 32 -0.51 11.56 15.42
C ILE G 32 -1.45 12.56 14.77
N SER G 33 -2.76 12.39 14.97
CA SER G 33 -3.71 13.31 14.36
C SER G 33 -3.64 14.69 14.98
N GLY G 34 -3.44 14.77 16.30
CA GLY G 34 -3.33 16.06 16.95
C GLY G 34 -2.15 16.87 16.48
N TRP G 35 -1.02 16.22 16.22
CA TRP G 35 0.13 16.92 15.67
C TRP G 35 -0.20 17.52 14.30
N ALA G 36 -0.90 16.76 13.45
CA ALA G 36 -1.22 17.26 12.12
C ALA G 36 -2.38 18.26 12.16
N SER G 37 -3.27 18.14 13.15
CA SER G 37 -4.37 19.10 13.26
C SER G 37 -3.87 20.51 13.52
N GLY G 38 -2.96 20.66 14.48
CA GLY G 38 -2.38 21.97 14.71
C GLY G 38 -1.50 22.42 13.56
N LEU G 39 -0.75 21.48 12.97
CA LEU G 39 0.19 21.82 11.90
C LEU G 39 -0.53 22.21 10.61
N ALA G 40 -1.56 21.47 10.23
CA ALA G 40 -2.30 21.84 9.03
C ALA G 40 -3.13 23.09 9.24
N GLY G 41 -3.45 23.41 10.50
CA GLY G 41 -4.20 24.63 10.77
C GLY G 41 -3.41 25.88 10.43
N MET G 42 -2.13 25.93 10.79
CA MET G 42 -1.30 27.10 10.57
C MET G 42 -0.88 27.25 9.12
N ASP H 1 -24.31 11.81 55.88
CA ASP H 1 -24.83 13.06 55.34
C ASP H 1 -23.73 14.10 55.21
N LEU H 2 -24.07 15.25 54.62
CA LEU H 2 -23.14 16.35 54.43
C LEU H 2 -23.46 17.42 55.46
N ASN H 3 -22.47 17.81 56.25
CA ASN H 3 -22.64 18.85 57.26
C ASN H 3 -22.38 20.21 56.62
N PHE H 4 -22.53 21.29 57.41
CA PHE H 4 -22.36 22.63 56.88
C PHE H 4 -20.91 22.93 56.54
N ILE H 5 -19.97 22.26 57.20
CA ILE H 5 -18.56 22.43 56.84
C ILE H 5 -18.31 21.86 55.45
N GLN H 6 -18.97 20.75 55.12
CA GLN H 6 -18.75 20.10 53.83
C GLN H 6 -19.43 20.86 52.69
N VAL H 7 -20.65 21.34 52.88
CA VAL H 7 -21.40 21.95 51.78
C VAL H 7 -20.68 23.21 51.27
N ILE H 8 -20.10 24.00 52.18
CA ILE H 8 -19.27 25.12 51.76
C ILE H 8 -18.01 24.61 51.07
N LEU H 9 -17.36 23.60 51.64
CA LEU H 9 -16.14 23.07 51.04
C LEU H 9 -16.45 22.37 49.71
N VAL H 10 -17.64 21.79 49.59
CA VAL H 10 -17.99 21.09 48.37
C VAL H 10 -18.17 22.06 47.21
N ILE H 11 -18.92 23.16 47.45
CA ILE H 11 -19.16 24.13 46.39
C ILE H 11 -17.87 24.82 45.98
N PHE H 12 -17.03 25.17 46.95
CA PHE H 12 -15.78 25.87 46.65
C PHE H 12 -14.88 25.05 45.75
N VAL H 13 -14.76 23.75 46.02
CA VAL H 13 -14.00 22.89 45.12
C VAL H 13 -14.63 22.90 43.73
N ALA H 14 -15.96 22.80 43.67
CA ALA H 14 -16.67 22.89 42.40
C ALA H 14 -16.49 24.24 41.75
N PHE H 15 -16.48 25.31 42.56
CA PHE H 15 -16.23 26.64 42.02
C PHE H 15 -14.84 26.77 41.42
N LEU H 16 -13.83 26.20 42.09
CA LEU H 16 -12.47 26.29 41.57
C LEU H 16 -12.30 25.46 40.30
N ALA H 17 -12.99 24.31 40.21
CA ALA H 17 -12.98 23.54 38.98
C ALA H 17 -13.56 24.36 37.83
N GLY H 18 -14.63 25.10 38.09
CA GLY H 18 -15.11 26.04 37.10
C GLY H 18 -14.14 27.19 36.87
N VAL H 19 -13.49 27.65 37.94
CA VAL H 19 -12.47 28.68 37.81
C VAL H 19 -11.31 28.18 36.97
N GLU H 20 -10.84 26.97 37.26
CA GLU H 20 -9.72 26.42 36.50
C GLU H 20 -10.16 25.83 35.17
N GLY H 21 -11.45 25.54 35.00
CA GLY H 21 -11.91 24.92 33.76
C GLY H 21 -11.70 25.80 32.55
N ILE H 22 -11.55 27.11 32.77
CA ILE H 22 -11.27 28.03 31.68
C ILE H 22 -9.80 28.47 31.70
N LEU H 23 -9.21 28.57 32.89
CA LEU H 23 -7.80 28.95 32.99
C LEU H 23 -6.90 27.91 32.36
N ASP H 24 -7.24 26.63 32.53
CA ASP H 24 -6.47 25.52 31.98
C ASP H 24 -5.00 25.61 32.42
N GLN H 25 -4.80 26.01 33.69
CA GLN H 25 -3.47 26.29 34.18
C GLN H 25 -3.06 25.36 35.32
N PHE H 26 -3.82 25.30 36.41
CA PHE H 26 -3.48 24.42 37.52
C PHE H 26 -4.19 23.07 37.47
N HIS H 27 -5.08 22.87 36.51
CA HIS H 27 -5.61 21.54 36.18
C HIS H 27 -6.37 20.92 37.36
N PHE H 28 -7.13 21.75 38.07
CA PHE H 28 -8.03 21.24 39.10
C PHE H 28 -9.29 20.62 38.52
N HIS H 29 -9.62 20.94 37.26
CA HIS H 29 -10.80 20.43 36.59
C HIS H 29 -10.61 19.01 36.07
N GLN H 30 -9.40 18.48 36.13
CA GLN H 30 -9.16 17.14 35.61
C GLN H 30 -9.85 16.10 36.49
N PRO H 31 -10.35 15.02 35.89
CA PRO H 31 -11.08 14.01 36.69
C PRO H 31 -10.29 13.40 37.83
N VAL H 32 -8.99 13.12 37.65
CA VAL H 32 -8.23 12.54 38.76
C VAL H 32 -8.12 13.51 39.92
N ILE H 33 -7.99 14.81 39.63
CA ILE H 33 -7.91 15.81 40.68
C ILE H 33 -9.29 16.17 41.21
N ALA H 34 -10.19 16.60 40.32
CA ALA H 34 -11.48 17.15 40.74
C ALA H 34 -12.28 16.14 41.55
N CYS H 35 -12.34 14.89 41.07
CA CYS H 35 -13.05 13.86 41.83
C CYS H 35 -12.40 13.63 43.19
N THR H 36 -11.08 13.67 43.24
CA THR H 36 -10.34 13.39 44.47
C THR H 36 -10.67 14.40 45.56
N LEU H 37 -10.81 15.68 45.21
CA LEU H 37 -11.10 16.69 46.22
C LEU H 37 -12.52 16.58 46.76
N ILE H 38 -13.49 16.21 45.92
CA ILE H 38 -14.85 16.01 46.41
C ILE H 38 -14.90 14.82 47.37
N GLY H 39 -14.19 13.74 47.04
CA GLY H 39 -14.14 12.59 47.94
C GLY H 39 -13.40 12.89 49.23
N LEU H 40 -12.36 13.73 49.15
CA LEU H 40 -11.59 14.07 50.34
C LEU H 40 -12.43 14.82 51.36
N VAL H 41 -13.26 15.77 50.90
CA VAL H 41 -14.03 16.58 51.83
C VAL H 41 -15.27 15.86 52.33
N THR H 42 -15.87 14.99 51.52
CA THR H 42 -17.12 14.33 51.87
C THR H 42 -16.93 13.06 52.68
N GLY H 43 -15.69 12.58 52.84
CA GLY H 43 -15.41 11.36 53.55
C GLY H 43 -15.45 10.10 52.71
N ASN H 44 -16.05 10.14 51.52
CA ASN H 44 -16.08 9.00 50.61
C ASN H 44 -14.94 9.18 49.60
N LEU H 45 -13.73 8.84 50.05
CA LEU H 45 -12.52 9.22 49.31
C LEU H 45 -12.21 8.24 48.18
N LEU H 46 -12.01 6.97 48.52
CA LEU H 46 -11.59 5.98 47.51
C LEU H 46 -12.59 5.83 46.37
N PRO H 47 -13.91 5.77 46.58
CA PRO H 47 -14.81 5.70 45.41
C PRO H 47 -14.67 6.90 44.49
N CYS H 48 -14.38 8.09 45.03
CA CYS H 48 -14.18 9.24 44.17
C CYS H 48 -12.86 9.16 43.40
N LEU H 49 -11.80 8.65 44.03
CA LEU H 49 -10.50 8.54 43.36
C LEU H 49 -10.57 7.56 42.21
N ILE H 50 -11.23 6.42 42.41
CA ILE H 50 -11.41 5.45 41.33
C ILE H 50 -12.22 6.05 40.19
N LEU H 51 -13.30 6.77 40.52
CA LEU H 51 -14.06 7.46 39.49
C LEU H 51 -13.20 8.47 38.75
N GLY H 52 -12.38 9.22 39.49
CA GLY H 52 -11.45 10.13 38.84
C GLY H 52 -10.47 9.42 37.92
N GLY H 53 -9.97 8.26 38.35
CA GLY H 53 -9.14 7.46 37.46
C GLY H 53 -9.92 6.93 36.27
N THR H 54 -11.16 6.49 36.50
CA THR H 54 -11.98 5.98 35.41
C THR H 54 -12.35 7.09 34.43
N LEU H 55 -12.77 8.24 34.94
CA LEU H 55 -13.26 9.31 34.07
C LEU H 55 -12.13 9.95 33.27
N GLN H 56 -10.92 10.00 33.84
CA GLN H 56 -9.81 10.61 33.14
C GLN H 56 -9.54 9.91 31.81
N MET H 57 -9.76 8.60 31.75
CA MET H 57 -9.57 7.89 30.50
C MET H 57 -10.56 8.35 29.44
N ILE H 58 -11.82 8.57 29.81
CA ILE H 58 -12.80 9.01 28.83
C ILE H 58 -12.48 10.43 28.36
N ALA H 59 -11.82 11.21 29.21
CA ALA H 59 -11.52 12.61 28.96
C ALA H 59 -10.04 12.86 28.67
N LEU H 60 -9.33 11.84 28.20
CA LEU H 60 -7.91 12.02 27.92
C LEU H 60 -7.67 13.02 26.79
N GLY H 61 -8.51 12.99 25.75
CA GLY H 61 -8.31 13.80 24.57
C GLY H 61 -9.13 15.08 24.47
N TRP H 62 -9.78 15.52 25.54
CA TRP H 62 -10.60 16.72 25.49
C TRP H 62 -9.72 17.93 25.78
N ALA H 63 -9.48 18.74 24.74
CA ALA H 63 -8.71 19.96 24.88
C ALA H 63 -9.26 21.00 23.90
N ASN H 64 -9.47 22.22 24.39
CA ASN H 64 -9.94 23.29 23.53
C ASN H 64 -8.92 23.58 22.44
N VAL H 65 -9.38 23.68 21.20
CA VAL H 65 -8.54 24.02 20.06
C VAL H 65 -9.15 25.24 19.39
N GLY H 66 -8.43 26.36 19.41
CA GLY H 66 -8.98 27.59 18.88
C GLY H 66 -10.26 27.98 19.58
N ALA H 67 -11.27 28.34 18.79
CA ALA H 67 -12.57 28.68 19.34
C ALA H 67 -13.33 27.46 19.86
N ALA H 68 -12.95 26.26 19.41
CA ALA H 68 -13.61 25.04 19.84
C ALA H 68 -13.30 24.77 21.30
N VAL H 69 -14.31 24.35 22.06
CA VAL H 69 -14.21 24.12 23.49
C VAL H 69 -14.35 22.63 23.77
N ALA H 70 -13.48 22.11 24.63
CA ALA H 70 -13.55 20.71 25.02
C ALA H 70 -14.79 20.46 25.87
N PRO H 71 -15.31 19.23 25.87
CA PRO H 71 -16.59 18.96 26.53
C PRO H 71 -16.54 19.06 28.05
N ASP H 72 -16.01 20.18 28.55
CA ASP H 72 -16.19 20.64 29.92
C ASP H 72 -16.05 19.55 30.97
N ALA H 73 -14.83 19.03 31.14
CA ALA H 73 -14.58 18.04 32.18
C ALA H 73 -14.82 18.59 33.59
N ALA H 74 -14.93 19.91 33.74
CA ALA H 74 -15.18 20.49 35.05
C ALA H 74 -16.57 20.15 35.57
N LEU H 75 -17.59 20.19 34.71
CA LEU H 75 -18.93 19.81 35.15
C LEU H 75 -19.09 18.31 35.29
N ALA H 76 -18.52 17.53 34.36
CA ALA H 76 -18.65 16.08 34.44
C ALA H 76 -18.00 15.53 35.70
N SER H 77 -16.85 16.09 36.07
CA SER H 77 -16.15 15.63 37.27
C SER H 77 -16.94 15.99 38.54
N ILE H 78 -17.41 17.23 38.62
CA ILE H 78 -18.09 17.68 39.82
C ILE H 78 -19.44 16.99 39.98
N ALA H 79 -20.24 16.96 38.91
CA ALA H 79 -21.57 16.38 39.01
C ALA H 79 -21.52 14.89 39.31
N SER H 80 -20.63 14.15 38.65
CA SER H 80 -20.49 12.73 38.92
C SER H 80 -20.04 12.49 40.36
N ALA H 81 -19.08 13.26 40.84
CA ALA H 81 -18.57 13.06 42.19
C ALA H 81 -19.66 13.27 43.24
N ILE H 82 -20.47 14.32 43.07
CA ILE H 82 -21.57 14.56 44.01
C ILE H 82 -22.66 13.51 43.84
N ILE H 83 -22.94 13.12 42.58
CA ILE H 83 -23.83 11.99 42.34
C ILE H 83 -23.32 10.75 43.08
N LEU H 84 -22.01 10.52 43.03
CA LEU H 84 -21.45 9.34 43.66
C LEU H 84 -21.50 9.45 45.18
N VAL H 85 -21.38 10.66 45.73
CA VAL H 85 -21.36 10.84 47.18
C VAL H 85 -22.77 10.89 47.73
N LEU H 86 -23.66 11.65 47.09
CA LEU H 86 -25.00 11.85 47.63
C LEU H 86 -25.80 10.56 47.65
N GLY H 87 -25.74 9.79 46.57
CA GLY H 87 -26.58 8.61 46.43
C GLY H 87 -26.09 7.36 47.10
N GLY H 88 -25.01 7.43 47.86
CA GLY H 88 -24.46 6.21 48.42
C GLY H 88 -23.80 5.37 47.35
N GLN H 89 -23.64 4.08 47.64
CA GLN H 89 -23.05 3.11 46.71
C GLN H 89 -21.63 3.54 46.30
N GLY H 90 -20.73 3.54 47.29
CA GLY H 90 -19.37 3.99 47.05
C GLY H 90 -18.69 3.35 45.86
N LYS H 91 -18.38 2.06 45.96
CA LYS H 91 -17.73 1.39 44.84
C LYS H 91 -18.73 0.73 43.89
N ALA H 92 -19.89 0.31 44.38
CA ALA H 92 -20.91 -0.21 43.49
C ALA H 92 -21.43 0.85 42.54
N GLY H 93 -21.48 2.11 42.96
CA GLY H 93 -21.94 3.22 42.17
C GLY H 93 -20.89 3.93 41.35
N VAL H 94 -19.71 3.32 41.17
CA VAL H 94 -18.72 3.87 40.25
C VAL H 94 -19.28 3.87 38.82
N THR H 95 -19.91 2.76 38.42
CA THR H 95 -20.42 2.66 37.06
C THR H 95 -21.59 3.61 36.82
N SER H 96 -22.52 3.69 37.77
CA SER H 96 -23.76 4.43 37.52
C SER H 96 -23.47 5.91 37.30
N ALA H 97 -22.60 6.50 38.12
CA ALA H 97 -22.23 7.90 37.94
C ALA H 97 -21.48 8.12 36.63
N ILE H 98 -20.55 7.22 36.30
CA ILE H 98 -19.79 7.32 35.06
C ILE H 98 -20.74 7.37 33.86
N ALA H 99 -21.80 6.58 33.89
CA ALA H 99 -22.75 6.60 32.78
C ALA H 99 -23.35 7.98 32.56
N ILE H 100 -23.54 8.76 33.62
CA ILE H 100 -24.13 10.09 33.50
C ILE H 100 -23.09 11.20 33.53
N ALA H 101 -21.80 10.86 33.60
CA ALA H 101 -20.78 11.91 33.56
C ALA H 101 -20.59 12.43 32.13
N VAL H 102 -20.65 11.53 31.14
CA VAL H 102 -20.52 11.96 29.74
C VAL H 102 -21.64 12.89 29.31
N PRO H 103 -22.93 12.56 29.52
CA PRO H 103 -23.98 13.51 29.11
C PRO H 103 -23.90 14.87 29.78
N LEU H 104 -23.53 14.92 31.06
CA LEU H 104 -23.38 16.22 31.73
C LEU H 104 -22.13 16.95 31.25
N ALA H 105 -21.10 16.22 30.81
CA ALA H 105 -19.97 16.86 30.13
C ALA H 105 -20.45 17.63 28.92
N VAL H 106 -21.46 17.12 28.21
CA VAL H 106 -22.11 17.87 27.15
C VAL H 106 -22.95 19.01 27.72
N ALA H 107 -23.62 18.79 28.85
CA ALA H 107 -24.45 19.84 29.44
C ALA H 107 -23.61 21.06 29.81
N GLY H 108 -22.36 20.84 30.19
CA GLY H 108 -21.45 21.96 30.42
C GLY H 108 -20.97 22.62 29.13
N LEU H 109 -20.91 21.85 28.04
CA LEU H 109 -20.60 22.44 26.73
C LEU H 109 -21.65 23.48 26.35
N LEU H 110 -22.92 23.18 26.61
CA LEU H 110 -23.95 24.19 26.42
C LEU H 110 -23.71 25.38 27.34
N LEU H 111 -23.39 25.11 28.60
CA LEU H 111 -23.26 26.18 29.58
C LEU H 111 -22.03 27.03 29.33
N THR H 112 -20.91 26.40 28.94
CA THR H 112 -19.67 27.14 28.71
C THR H 112 -19.79 28.14 27.56
N ILE H 113 -20.55 27.79 26.52
CA ILE H 113 -20.71 28.70 25.38
C ILE H 113 -21.61 29.87 25.75
N ILE H 114 -22.66 29.62 26.52
CA ILE H 114 -23.52 30.71 26.98
C ILE H 114 -22.73 31.66 27.87
N VAL H 115 -21.83 31.10 28.69
CA VAL H 115 -20.94 31.93 29.49
C VAL H 115 -19.90 32.61 28.60
N ARG H 116 -19.30 31.87 27.68
CA ARG H 116 -18.31 32.49 26.79
C ARG H 116 -18.93 33.50 25.84
N THR H 117 -20.25 33.55 25.74
CA THR H 117 -20.89 34.58 24.93
C THR H 117 -21.20 35.83 25.75
N LEU H 118 -21.57 35.68 27.02
CA LEU H 118 -21.78 36.85 27.85
C LEU H 118 -20.46 37.52 28.20
N ALA H 119 -19.35 36.79 28.10
CA ALA H 119 -18.04 37.38 28.29
C ALA H 119 -17.68 38.36 27.18
N THR H 120 -18.46 38.39 26.10
CA THR H 120 -18.30 39.44 25.10
C THR H 120 -18.66 40.81 25.67
N GLY H 121 -19.78 40.89 26.38
CA GLY H 121 -20.26 42.19 26.84
C GLY H 121 -19.31 42.88 27.79
N ILE H 122 -18.61 42.10 28.61
CA ILE H 122 -17.65 42.68 29.55
C ILE H 122 -16.55 43.42 28.80
N VAL H 123 -16.03 42.81 27.73
CA VAL H 123 -15.01 43.46 26.92
C VAL H 123 -15.57 44.68 26.20
N HIS H 124 -16.88 44.70 25.94
CA HIS H 124 -17.48 45.91 25.40
C HIS H 124 -17.50 47.01 26.45
N ILE H 125 -17.74 46.64 27.71
CA ILE H 125 -17.44 47.55 28.82
C ILE H 125 -15.95 47.86 28.86
N MET H 126 -15.10 46.87 28.52
CA MET H 126 -13.65 47.05 28.60
C MET H 126 -13.09 47.90 27.47
N ASP H 127 -13.74 47.92 26.31
CA ASP H 127 -13.21 48.73 25.20
C ASP H 127 -13.20 50.20 25.55
N ALA H 128 -14.27 50.70 26.16
CA ALA H 128 -14.29 52.08 26.63
C ALA H 128 -13.31 52.28 27.77
N ALA H 129 -13.05 51.22 28.56
CA ALA H 129 -12.06 51.32 29.61
C ALA H 129 -10.67 51.58 29.04
N ALA H 130 -10.40 51.10 27.83
CA ALA H 130 -9.19 51.51 27.11
C ALA H 130 -9.30 52.93 26.60
N LYS H 131 -10.52 53.43 26.38
CA LYS H 131 -10.70 54.79 25.87
C LYS H 131 -10.45 55.84 26.94
N GLU H 132 -10.27 55.44 28.20
CA GLU H 132 -9.97 56.36 29.28
C GLU H 132 -8.65 56.04 29.98
N GLY H 133 -8.02 54.92 29.65
CA GLY H 133 -6.80 54.51 30.31
C GLY H 133 -6.98 54.10 31.76
N ASN H 134 -8.02 53.33 32.06
CA ASN H 134 -8.31 52.92 33.44
C ASN H 134 -7.73 51.52 33.66
N PHE H 135 -6.61 51.44 34.37
CA PHE H 135 -6.01 50.15 34.70
C PHE H 135 -6.88 49.36 35.67
N ARG H 136 -7.45 50.04 36.67
CA ARG H 136 -8.21 49.34 37.70
C ARG H 136 -9.55 48.84 37.17
N LYS H 137 -10.22 49.65 36.35
CA LYS H 137 -11.43 49.18 35.70
C LYS H 137 -11.15 47.95 34.85
N ILE H 138 -9.90 47.79 34.42
CA ILE H 138 -9.53 46.60 33.64
C ILE H 138 -9.36 45.40 34.56
N GLU H 139 -8.67 45.57 35.69
CA GLU H 139 -8.43 44.44 36.59
C GLU H 139 -9.72 43.94 37.23
N MET H 140 -10.57 44.86 37.67
CA MET H 140 -11.76 44.48 38.43
C MET H 140 -12.66 43.55 37.63
N TRP H 141 -12.98 43.93 36.39
CA TRP H 141 -13.87 43.12 35.57
C TRP H 141 -13.26 41.77 35.21
N GLN H 142 -11.94 41.68 35.06
CA GLN H 142 -11.33 40.41 34.72
C GLN H 142 -11.48 39.42 35.87
N TYR H 143 -11.30 39.87 37.11
CA TYR H 143 -11.67 39.04 38.25
C TYR H 143 -13.14 38.65 38.19
N ILE H 144 -14.00 39.61 37.88
CA ILE H 144 -15.42 39.30 37.69
C ILE H 144 -15.60 38.33 36.54
N ALA H 145 -14.94 38.61 35.40
CA ALA H 145 -15.12 37.79 34.20
C ALA H 145 -14.57 36.37 34.39
N ILE H 146 -13.78 36.15 35.44
CA ILE H 146 -13.35 34.79 35.76
C ILE H 146 -14.37 34.12 36.68
N ILE H 147 -15.01 34.90 37.54
CA ILE H 147 -15.80 34.33 38.62
C ILE H 147 -16.98 33.51 38.09
N MET H 148 -17.68 34.01 37.05
CA MET H 148 -18.88 33.30 36.62
C MET H 148 -18.56 31.97 35.96
N GLN H 149 -17.32 31.79 35.47
CA GLN H 149 -16.93 30.48 34.96
C GLN H 149 -16.89 29.44 36.07
N GLY H 150 -16.42 29.82 37.25
CA GLY H 150 -16.59 28.96 38.41
C GLY H 150 -18.05 28.80 38.78
N VAL H 151 -18.82 29.88 38.68
CA VAL H 151 -20.24 29.86 39.00
C VAL H 151 -20.99 28.89 38.10
N ARG H 152 -20.59 28.78 36.84
CA ARG H 152 -21.22 27.85 35.91
C ARG H 152 -21.16 26.41 36.40
N ILE H 153 -20.19 26.08 37.24
CA ILE H 153 -20.09 24.75 37.82
C ILE H 153 -20.66 24.69 39.24
N ALA H 154 -20.53 25.77 40.02
CA ALA H 154 -21.00 25.74 41.40
C ALA H 154 -22.52 25.87 41.49
N ILE H 155 -23.18 26.35 40.44
CA ILE H 155 -24.62 26.56 40.48
C ILE H 155 -25.35 25.23 40.24
N PRO H 156 -25.01 24.43 39.22
CA PRO H 156 -25.58 23.08 39.17
C PRO H 156 -25.25 22.27 40.40
N ALA H 157 -24.03 22.43 40.93
CA ALA H 157 -23.66 21.74 42.17
C ALA H 157 -24.49 22.24 43.34
N GLY H 158 -24.75 23.55 43.38
CA GLY H 158 -25.64 24.09 44.40
C GLY H 158 -27.04 23.52 44.29
N LEU H 159 -27.54 23.36 43.07
CA LEU H 159 -28.84 22.71 42.88
C LEU H 159 -28.77 21.21 43.11
N ILE H 160 -27.63 20.57 42.80
CA ILE H 160 -27.49 19.15 43.08
C ILE H 160 -27.41 18.85 44.57
N LEU H 161 -26.76 19.72 45.35
CA LEU H 161 -26.84 19.60 46.81
C LEU H 161 -28.18 20.07 47.36
N ALA H 162 -28.84 21.02 46.69
CA ALA H 162 -30.19 21.39 47.06
C ALA H 162 -31.14 20.22 46.91
N ILE H 163 -30.95 19.43 45.86
CA ILE H 163 -31.72 18.19 45.68
C ILE H 163 -30.96 17.11 46.43
N GLY H 164 -31.29 16.94 47.71
CA GLY H 164 -30.49 16.15 48.63
C GLY H 164 -30.42 14.68 48.28
N ALA H 165 -29.88 13.90 49.23
CA ALA H 165 -29.59 12.50 49.00
C ALA H 165 -30.83 11.68 48.70
N GLY H 166 -32.01 12.17 49.02
CA GLY H 166 -33.23 11.43 48.78
C GLY H 166 -33.49 11.21 47.30
N PRO H 167 -33.83 12.28 46.58
CA PRO H 167 -34.17 12.12 45.16
C PRO H 167 -33.02 11.66 44.28
N VAL H 168 -31.77 11.89 44.67
CA VAL H 168 -30.65 11.41 43.85
C VAL H 168 -30.57 9.88 43.90
N LYS H 169 -30.95 9.29 45.03
CA LYS H 169 -31.06 7.82 45.10
C LYS H 169 -32.22 7.31 44.29
N GLU H 170 -33.35 8.03 44.28
CA GLU H 170 -34.50 7.61 43.49
C GLU H 170 -34.19 7.58 42.01
N MET H 171 -33.56 8.63 41.48
CA MET H 171 -33.25 8.66 40.05
C MET H 171 -32.24 7.61 39.65
N LEU H 172 -31.24 7.34 40.49
CA LEU H 172 -30.24 6.32 40.19
C LEU H 172 -30.79 4.90 40.26
N THR H 173 -31.95 4.71 40.90
CA THR H 173 -32.67 3.44 40.81
C THR H 173 -33.76 3.47 39.74
N ALA H 174 -34.18 4.66 39.31
CA ALA H 174 -35.19 4.81 38.27
C ALA H 174 -34.56 5.03 36.91
N MET H 175 -33.28 4.64 36.75
CA MET H 175 -32.61 4.72 35.46
C MET H 175 -32.97 3.47 34.65
N PRO H 176 -33.65 3.60 33.52
CA PRO H 176 -33.92 2.43 32.68
C PRO H 176 -32.64 1.89 32.08
N VAL H 177 -32.63 0.57 31.82
CA VAL H 177 -31.45 -0.06 31.26
C VAL H 177 -31.11 0.53 29.90
N TRP H 178 -32.11 0.77 29.06
CA TRP H 178 -31.85 1.29 27.73
C TRP H 178 -31.38 2.74 27.76
N LEU H 179 -31.83 3.53 28.73
CA LEU H 179 -31.31 4.90 28.86
C LEU H 179 -29.80 4.89 29.08
N THR H 180 -29.29 3.90 29.82
CA THR H 180 -27.84 3.75 29.91
C THR H 180 -27.26 3.20 28.62
N ASP H 181 -27.89 2.18 28.05
CA ASP H 181 -27.30 1.45 26.93
C ASP H 181 -27.18 2.32 25.69
N GLY H 182 -28.23 3.07 25.35
CA GLY H 182 -28.19 3.91 24.16
C GLY H 182 -27.20 5.05 24.27
N LEU H 183 -27.04 5.61 25.46
CA LEU H 183 -26.15 6.76 25.65
C LEU H 183 -24.70 6.39 25.36
N ALA H 184 -24.26 5.19 25.74
CA ALA H 184 -22.92 4.77 25.38
C ALA H 184 -22.76 4.62 23.87
N ILE H 185 -23.77 4.08 23.19
CA ILE H 185 -23.72 3.98 21.73
C ILE H 185 -23.64 5.35 21.09
N GLY H 186 -24.42 6.32 21.60
CA GLY H 186 -24.27 7.69 21.15
C GLY H 186 -22.89 8.25 21.46
N GLY H 187 -22.28 7.81 22.56
CA GLY H 187 -20.95 8.25 22.92
C GLY H 187 -19.88 7.85 21.93
N GLY H 188 -19.98 6.65 21.37
CA GLY H 188 -19.04 6.22 20.35
C GLY H 188 -19.34 6.74 18.95
N MET H 189 -20.42 7.51 18.80
CA MET H 189 -20.73 8.19 17.55
C MET H 189 -20.38 9.67 17.58
N VAL H 190 -19.90 10.17 18.73
CA VAL H 190 -19.58 11.59 18.86
C VAL H 190 -18.38 11.98 18.01
N VAL H 191 -17.35 11.14 17.99
CA VAL H 191 -16.10 11.47 17.31
C VAL H 191 -16.28 11.65 15.81
N ALA H 192 -17.46 11.35 15.27
CA ALA H 192 -17.74 11.70 13.89
C ALA H 192 -17.84 13.22 13.72
N VAL H 193 -18.29 13.93 14.75
CA VAL H 193 -18.36 15.39 14.67
C VAL H 193 -16.97 16.00 14.70
N GLY H 194 -16.13 15.55 15.63
CA GLY H 194 -14.81 16.14 15.75
C GLY H 194 -13.94 15.92 14.54
N TYR H 195 -13.98 14.72 13.98
CA TYR H 195 -13.24 14.44 12.75
C TYR H 195 -13.74 15.32 11.61
N ALA H 196 -15.07 15.48 11.52
CA ALA H 196 -15.65 16.25 10.43
C ALA H 196 -15.17 17.69 10.44
N MET H 197 -15.06 18.29 11.62
CA MET H 197 -14.51 19.64 11.71
C MET H 197 -13.06 19.67 11.23
N VAL H 198 -12.26 18.70 11.66
CA VAL H 198 -10.85 18.69 11.26
C VAL H 198 -10.71 18.35 9.78
N ILE H 199 -11.49 17.39 9.29
CA ILE H 199 -11.40 17.03 7.87
C ILE H 199 -11.85 18.20 7.00
N ASN H 200 -12.87 18.95 7.44
CA ASN H 200 -13.31 20.11 6.67
C ASN H 200 -12.20 21.15 6.55
N MET H 201 -11.40 21.33 7.60
CA MET H 201 -10.33 22.32 7.56
C MET H 201 -9.18 21.89 6.66
N MET H 202 -9.09 20.59 6.37
CA MET H 202 -7.92 20.03 5.70
C MET H 202 -8.23 19.45 4.33
N ALA H 203 -9.48 19.08 4.05
CA ALA H 203 -9.81 18.39 2.81
C ALA H 203 -9.68 19.33 1.62
N THR H 204 -8.94 18.87 0.60
CA THR H 204 -8.87 19.51 -0.71
C THR H 204 -8.82 18.40 -1.76
N LYS H 205 -9.13 18.77 -3.01
CA LYS H 205 -9.11 17.78 -4.09
C LYS H 205 -7.74 17.14 -4.25
N GLU H 206 -6.68 17.79 -3.75
CA GLU H 206 -5.34 17.22 -3.83
C GLU H 206 -5.06 16.23 -2.72
N VAL H 207 -5.80 16.27 -1.62
CA VAL H 207 -5.55 15.38 -0.49
C VAL H 207 -6.68 14.40 -0.25
N TRP H 208 -7.81 14.52 -0.95
CA TRP H 208 -8.87 13.52 -0.84
C TRP H 208 -8.40 12.10 -1.17
N PRO H 209 -7.60 11.85 -2.22
CA PRO H 209 -7.14 10.46 -2.44
C PRO H 209 -6.31 9.91 -1.29
N PHE H 210 -5.58 10.76 -0.57
CA PHE H 210 -4.83 10.27 0.58
C PHE H 210 -5.76 9.85 1.72
N PHE H 211 -6.93 10.46 1.81
CA PHE H 211 -7.94 10.01 2.79
C PHE H 211 -8.40 8.60 2.47
N ALA H 212 -8.70 8.33 1.19
CA ALA H 212 -9.27 7.04 0.82
C ALA H 212 -8.29 5.90 1.10
N ILE H 213 -7.02 6.08 0.77
CA ILE H 213 -6.04 5.02 1.01
C ILE H 213 -5.93 4.74 2.50
N GLY H 214 -5.82 5.79 3.31
CA GLY H 214 -5.74 5.60 4.75
C GLY H 214 -6.97 4.92 5.33
N PHE H 215 -8.15 5.24 4.80
CA PHE H 215 -9.36 4.53 5.19
C PHE H 215 -9.27 3.05 4.81
N VAL H 216 -8.86 2.76 3.57
CA VAL H 216 -8.82 1.38 3.12
C VAL H 216 -7.70 0.60 3.81
N LEU H 217 -6.56 1.26 4.05
CA LEU H 217 -5.46 0.60 4.73
C LEU H 217 -5.79 0.29 6.19
N ALA H 218 -6.81 0.95 6.74
CA ALA H 218 -7.23 0.66 8.10
C ALA H 218 -7.95 -0.68 8.22
N THR H 219 -8.32 -1.32 7.11
CA THR H 219 -9.07 -2.56 7.14
C THR H 219 -8.18 -3.80 7.33
N ILE H 220 -6.87 -3.65 7.39
CA ILE H 220 -5.99 -4.78 7.67
C ILE H 220 -5.60 -4.73 9.14
N SER H 221 -6.08 -5.71 9.91
CA SER H 221 -5.96 -5.66 11.38
C SER H 221 -4.51 -5.74 11.83
N GLN H 222 -3.60 -6.27 11.01
CA GLN H 222 -2.22 -6.42 11.46
C GLN H 222 -1.49 -5.08 11.51
N LEU H 223 -1.97 -4.07 10.80
CA LEU H 223 -1.40 -2.74 10.89
C LEU H 223 -1.91 -2.03 12.14
N THR H 224 -0.99 -1.40 12.87
CA THR H 224 -1.36 -0.55 14.00
C THR H 224 -1.42 0.90 13.56
N LEU H 225 -1.82 1.76 14.50
CA LEU H 225 -1.91 3.20 14.22
C LEU H 225 -0.53 3.78 13.91
N ILE H 226 0.50 3.36 14.65
CA ILE H 226 1.86 3.83 14.37
C ILE H 226 2.28 3.41 12.96
N GLY H 227 2.03 2.16 12.60
CA GLY H 227 2.39 1.70 11.26
C GLY H 227 1.66 2.46 10.17
N LEU H 228 0.37 2.76 10.40
CA LEU H 228 -0.39 3.56 9.44
C LEU H 228 0.17 4.97 9.35
N GLY H 229 0.66 5.52 10.46
CA GLY H 229 1.28 6.82 10.42
C GLY H 229 2.55 6.85 9.60
N ALA H 230 3.40 5.83 9.73
CA ALA H 230 4.63 5.77 8.95
C ALA H 230 4.33 5.74 7.47
N ILE H 231 3.30 5.00 7.06
CA ILE H 231 2.89 4.99 5.66
C ILE H 231 2.46 6.38 5.22
N GLY H 232 1.68 7.07 6.06
CA GLY H 232 1.20 8.40 5.67
C GLY H 232 2.31 9.40 5.46
N ILE H 233 3.31 9.41 6.35
CA ILE H 233 4.43 10.33 6.21
C ILE H 233 5.25 10.00 4.98
N SER H 234 5.40 8.71 4.66
CA SER H 234 6.23 8.31 3.54
C SER H 234 5.65 8.78 2.22
N LEU H 235 4.33 8.73 2.07
CA LEU H 235 3.68 9.40 0.95
C LEU H 235 3.87 10.92 1.01
N ALA H 236 3.77 11.50 2.21
CA ALA H 236 3.95 12.94 2.34
C ALA H 236 5.36 13.37 1.93
N LEU H 237 6.38 12.60 2.35
CA LEU H 237 7.74 12.89 1.93
C LEU H 237 7.90 12.71 0.43
N ILE H 238 7.34 11.63 -0.12
CA ILE H 238 7.48 11.37 -1.55
C ILE H 238 6.72 12.42 -2.35
N TYR H 239 5.53 12.82 -1.89
CA TYR H 239 4.72 13.79 -2.62
C TYR H 239 5.41 15.15 -2.68
N LEU H 240 6.02 15.59 -1.58
CA LEU H 240 6.67 16.90 -1.56
C LEU H 240 7.87 16.94 -2.50
N ALA H 241 8.69 15.88 -2.49
CA ALA H 241 9.86 15.86 -3.35
C ALA H 241 9.47 15.78 -4.82
N LEU H 242 8.41 15.03 -5.13
CA LEU H 242 7.93 14.91 -6.50
C LEU H 242 7.26 16.17 -7.03
N SER H 243 6.55 16.92 -6.18
CA SER H 243 5.87 18.11 -6.67
C SER H 243 6.82 19.31 -6.76
N LYS H 244 7.88 19.32 -5.96
CA LYS H 244 8.88 20.39 -6.10
C LYS H 244 9.68 20.23 -7.39
N GLN H 245 9.90 19.00 -7.84
CA GLN H 245 10.53 18.80 -9.14
C GLN H 245 9.64 19.34 -10.26
N GLY H 246 8.35 19.04 -10.23
CA GLY H 246 7.46 19.47 -11.30
C GLY H 246 7.25 20.97 -11.36
N SER H 247 7.16 21.63 -10.20
CA SER H 247 6.89 23.06 -10.18
C SER H 247 8.15 23.88 -10.46
N GLY H 248 9.32 23.31 -10.18
CA GLY H 248 10.57 24.01 -10.34
C GLY H 248 11.77 23.10 -10.47
N GLN I 1 16.91 54.21 30.92
CA GLN I 1 15.79 55.01 31.39
C GLN I 1 14.67 54.12 31.94
N LEU I 2 13.66 53.87 31.11
CA LEU I 2 12.50 53.08 31.52
C LEU I 2 12.82 51.60 31.33
N LYS I 3 13.71 51.10 32.18
CA LYS I 3 14.05 49.68 32.19
C LYS I 3 13.06 48.90 33.03
N LEU I 4 12.85 47.64 32.67
CA LEU I 4 11.96 46.75 33.41
C LEU I 4 12.80 45.78 34.24
N THR I 5 12.52 45.71 35.53
CA THR I 5 13.30 44.94 36.47
C THR I 5 12.89 43.47 36.45
N LYS I 6 13.63 42.66 37.22
CA LYS I 6 13.28 41.26 37.39
C LYS I 6 11.92 41.09 38.06
N LYS I 7 11.62 41.92 39.07
CA LYS I 7 10.38 41.76 39.82
C LYS I 7 9.15 41.98 38.95
N ASP I 8 9.17 43.01 38.11
CA ASP I 8 8.02 43.28 37.24
C ASP I 8 7.81 42.15 36.24
N ARG I 9 8.88 41.50 35.82
CA ARG I 9 8.72 40.37 34.91
C ARG I 9 8.02 39.20 35.58
N ILE I 10 8.20 39.03 36.89
CA ILE I 10 7.57 37.90 37.58
C ILE I 10 6.06 38.10 37.67
N SER I 11 5.62 39.33 37.96
CA SER I 11 4.18 39.58 38.05
C SER I 11 3.50 39.38 36.70
N VAL I 12 4.15 39.81 35.62
CA VAL I 12 3.65 39.49 34.28
C VAL I 12 3.53 37.98 34.14
N TRP I 13 4.52 37.24 34.64
CA TRP I 13 4.45 35.78 34.62
C TRP I 13 3.32 35.26 35.50
N LEU I 14 3.19 35.80 36.73
CA LEU I 14 2.11 35.38 37.60
C LEU I 14 0.76 35.70 36.98
N ARG I 15 0.65 36.87 36.35
CA ARG I 15 -0.63 37.25 35.73
C ARG I 15 -0.98 36.43 34.50
N SER I 16 0.01 35.82 33.82
CA SER I 16 -0.30 35.06 32.61
C SER I 16 -1.09 33.80 32.91
N THR I 17 -1.22 33.40 34.18
CA THR I 17 -2.13 32.31 34.52
C THR I 17 -3.55 32.62 34.07
N PHE I 18 -3.93 33.89 34.09
CA PHE I 18 -5.29 34.32 33.72
C PHE I 18 -5.38 34.72 32.26
N LEU I 19 -4.45 34.23 31.42
CA LEU I 19 -4.40 34.67 30.02
C LEU I 19 -5.70 34.33 29.31
N GLN I 20 -6.45 33.35 29.82
CA GLN I 20 -7.76 33.00 29.32
C GLN I 20 -8.90 33.58 30.17
N GLY I 21 -8.65 34.67 30.89
CA GLY I 21 -9.62 35.11 31.89
C GLY I 21 -10.97 35.48 31.33
N SER I 22 -11.00 36.31 30.28
CA SER I 22 -12.26 36.76 29.69
C SER I 22 -12.83 35.70 28.75
N TRP I 23 -12.07 35.34 27.71
CA TRP I 23 -12.47 34.37 26.69
C TRP I 23 -13.86 34.65 26.12
N ASN I 24 -13.95 35.82 25.49
CA ASN I 24 -15.06 36.05 24.59
C ASN I 24 -14.69 35.51 23.20
N TYR I 25 -15.72 35.21 22.41
CA TYR I 25 -15.49 34.65 21.09
C TYR I 25 -15.07 35.71 20.08
N GLU I 26 -15.35 36.99 20.34
CA GLU I 26 -14.97 38.05 19.42
C GLU I 26 -13.46 38.27 19.44
N ARG I 27 -12.89 38.38 20.63
CA ARG I 27 -11.44 38.41 20.84
C ARG I 27 -11.12 37.42 21.95
N MET I 28 -10.32 36.40 21.63
CA MET I 28 -10.30 35.20 22.46
C MET I 28 -9.56 35.43 23.77
N GLN I 29 -8.30 35.89 23.69
CA GLN I 29 -7.48 36.02 24.89
C GLN I 29 -6.98 37.44 25.09
N ASN I 30 -7.72 38.43 24.58
CA ASN I 30 -7.26 39.82 24.70
C ASN I 30 -7.28 40.30 26.14
N GLY I 31 -8.33 39.98 26.90
CA GLY I 31 -8.39 40.41 28.29
C GLY I 31 -7.26 39.83 29.13
N GLY I 32 -7.02 38.52 29.00
CA GLY I 32 -5.91 37.92 29.70
C GLY I 32 -4.56 38.42 29.25
N TRP I 33 -4.43 38.73 27.95
CA TRP I 33 -3.18 39.27 27.45
C TRP I 33 -2.98 40.71 27.93
N ALA I 34 -4.05 41.52 27.87
CA ALA I 34 -3.96 42.90 28.34
C ALA I 34 -3.78 42.97 29.85
N TYR I 35 -4.44 42.07 30.59
CA TYR I 35 -4.26 42.03 32.04
C TYR I 35 -2.83 41.67 32.39
N THR I 36 -2.22 40.75 31.64
CA THR I 36 -0.86 40.30 31.90
C THR I 36 0.16 41.44 31.79
N LEU I 37 -0.16 42.47 31.00
CA LEU I 37 0.79 43.53 30.68
C LEU I 37 0.68 44.75 31.58
N ILE I 38 -0.23 44.74 32.55
CA ILE I 38 -0.43 45.93 33.39
C ILE I 38 0.82 46.30 34.18
N PRO I 39 1.49 45.39 34.90
CA PRO I 39 2.66 45.80 35.68
C PRO I 39 3.79 46.38 34.85
N ALA I 40 3.90 46.02 33.57
CA ALA I 40 4.91 46.62 32.73
C ALA I 40 4.49 48.00 32.24
N LEU I 41 3.29 48.09 31.64
CA LEU I 41 2.85 49.35 31.04
C LEU I 41 2.66 50.45 32.08
N LYS I 42 2.26 50.08 33.30
CA LYS I 42 2.22 51.06 34.38
C LYS I 42 3.61 51.60 34.67
N LYS I 43 4.63 50.75 34.62
CA LYS I 43 6.01 51.16 34.86
C LYS I 43 6.65 51.77 33.62
N LEU I 44 5.98 51.75 32.47
CA LEU I 44 6.54 52.28 31.23
C LEU I 44 6.05 53.67 30.87
N TYR I 45 4.73 53.86 30.74
CA TYR I 45 4.15 55.12 30.28
C TYR I 45 3.41 55.76 31.44
N LYS I 46 3.54 57.08 31.57
CA LYS I 46 2.97 57.80 32.70
C LYS I 46 1.86 58.78 32.33
N THR I 47 1.77 59.20 31.07
CA THR I 47 0.70 60.10 30.67
C THR I 47 -0.61 59.35 30.55
N LYS I 48 -1.71 60.08 30.73
CA LYS I 48 -3.04 59.48 30.58
C LYS I 48 -3.29 59.04 29.14
N GLU I 49 -2.91 59.87 28.16
CA GLU I 49 -3.03 59.48 26.76
C GLU I 49 -2.12 58.30 26.44
N ASP I 50 -0.92 58.27 27.03
CA ASP I 50 0.00 57.15 26.78
C ASP I 50 -0.53 55.85 27.36
N ARG I 51 -1.13 55.91 28.56
CA ARG I 51 -1.78 54.72 29.11
C ARG I 51 -2.98 54.32 28.27
N SER I 52 -3.75 55.29 27.78
CA SER I 52 -4.85 54.96 26.89
C SER I 52 -4.36 54.37 25.57
N ALA I 53 -3.24 54.89 25.06
CA ALA I 53 -2.70 54.36 23.81
C ALA I 53 -2.29 52.89 23.95
N ALA I 54 -1.67 52.55 25.08
CA ALA I 54 -1.28 51.16 25.31
C ALA I 54 -2.50 50.27 25.54
N LEU I 55 -3.51 50.78 26.25
CA LEU I 55 -4.66 49.95 26.59
C LEU I 55 -5.56 49.70 25.38
N VAL I 56 -5.76 50.71 24.53
CA VAL I 56 -6.48 50.44 23.29
C VAL I 56 -5.70 49.47 22.41
N ARG I 57 -4.37 49.56 22.45
CA ARG I 57 -3.52 48.74 21.59
C ARG I 57 -3.70 47.25 21.87
N HIS I 58 -3.55 46.84 23.14
CA HIS I 58 -3.44 45.44 23.52
C HIS I 58 -4.78 44.80 23.84
N MET I 59 -5.90 45.52 23.65
CA MET I 59 -7.22 44.93 23.72
C MET I 59 -7.62 44.25 22.42
N GLU I 60 -6.77 44.26 21.41
CA GLU I 60 -7.12 43.70 20.12
C GLU I 60 -6.95 42.20 20.11
N PHE I 61 -7.33 41.59 18.98
CA PHE I 61 -7.50 40.15 18.90
C PHE I 61 -6.18 39.41 19.14
N PHE I 62 -6.17 38.57 20.17
CA PHE I 62 -5.02 37.74 20.50
C PHE I 62 -5.50 36.37 20.96
N ASN I 63 -4.92 35.33 20.39
CA ASN I 63 -5.25 33.96 20.79
C ASN I 63 -4.10 33.04 20.42
N THR I 64 -3.76 32.12 21.32
CA THR I 64 -2.81 31.06 21.08
C THR I 64 -2.89 30.08 22.24
N HIS I 65 -1.99 29.12 22.27
CA HIS I 65 -1.88 28.24 23.42
C HIS I 65 -1.30 29.03 24.59
N PRO I 66 -1.92 28.99 25.77
CA PRO I 66 -1.48 29.91 26.84
C PRO I 66 -0.10 29.58 27.41
N TYR I 67 0.48 28.44 27.07
CA TYR I 67 1.83 28.14 27.54
C TYR I 67 2.92 28.73 26.65
N VAL I 68 2.72 28.75 25.33
CA VAL I 68 3.75 29.21 24.40
C VAL I 68 3.58 30.70 24.13
N ALA I 69 2.76 31.37 24.93
CA ALA I 69 2.63 32.81 24.80
C ALA I 69 3.79 33.55 25.47
N ALA I 70 4.53 32.89 26.35
CA ALA I 70 5.63 33.56 27.05
C ALA I 70 6.72 34.07 26.12
N PRO I 71 7.16 33.34 25.10
CA PRO I 71 8.10 33.94 24.13
C PRO I 71 7.51 35.14 23.40
N ILE I 72 6.20 35.15 23.16
CA ILE I 72 5.56 36.37 22.68
C ILE I 72 5.59 37.44 23.77
N LEU I 73 5.34 37.03 25.01
CA LEU I 73 5.32 37.96 26.13
C LEU I 73 6.67 38.66 26.30
N GLY I 74 7.75 37.91 26.15
CA GLY I 74 9.07 38.51 26.23
C GLY I 74 9.37 39.46 25.07
N VAL I 75 9.03 39.03 23.86
CA VAL I 75 9.31 39.87 22.68
C VAL I 75 8.44 41.12 22.71
N THR I 76 7.20 40.98 23.19
CA THR I 76 6.36 42.17 23.38
C THR I 76 6.98 43.10 24.41
N LEU I 77 7.54 42.55 25.50
CA LEU I 77 8.21 43.38 26.49
C LEU I 77 9.52 43.94 25.94
N ALA I 78 10.17 43.21 25.04
CA ALA I 78 11.37 43.74 24.40
C ALA I 78 11.05 44.97 23.56
N LEU I 79 9.96 44.91 22.78
CA LEU I 79 9.61 46.02 21.91
C LEU I 79 9.11 47.23 22.69
N GLU I 80 8.32 47.00 23.74
CA GLU I 80 7.75 48.11 24.50
C GLU I 80 8.81 48.89 25.26
N GLU I 81 9.78 48.19 25.86
CA GLU I 81 10.88 48.87 26.54
C GLU I 81 11.70 49.70 25.56
N GLU I 82 11.94 49.16 24.37
CA GLU I 82 12.59 49.94 23.32
C GLU I 82 11.71 51.09 22.87
N ARG I 83 10.40 50.84 22.78
CA ARG I 83 9.46 51.88 22.33
C ARG I 83 9.33 52.99 23.35
N ALA I 84 9.27 52.63 24.64
CA ALA I 84 9.10 53.64 25.68
C ALA I 84 10.31 54.55 25.78
N ASN I 85 11.51 54.01 25.55
CA ASN I 85 12.72 54.80 25.63
C ASN I 85 12.99 55.61 24.38
N GLY I 86 12.18 55.45 23.34
CA GLY I 86 12.42 56.13 22.09
C GLY I 86 12.91 55.20 21.01
N ALA I 87 12.02 54.84 20.09
CA ALA I 87 12.33 54.00 18.95
C ALA I 87 11.23 54.18 17.93
N PRO I 88 11.54 54.48 16.67
CA PRO I 88 10.45 54.71 15.70
C PRO I 88 9.71 53.41 15.36
N ILE I 89 8.85 53.00 16.30
CA ILE I 89 7.96 51.86 16.12
C ILE I 89 6.54 52.38 16.29
N ASP I 90 5.69 52.13 15.29
CA ASP I 90 4.35 52.74 15.28
C ASP I 90 3.30 51.67 14.96
N ASP I 91 2.90 50.91 15.97
CA ASP I 91 1.66 50.14 15.96
C ASP I 91 1.58 49.10 14.84
N VAL I 92 2.65 48.97 14.05
CA VAL I 92 2.66 48.08 12.90
C VAL I 92 3.51 46.88 13.26
N THR I 93 4.63 47.14 13.92
CA THR I 93 5.47 46.06 14.42
C THR I 93 4.90 45.47 15.71
N ILE I 94 4.22 46.28 16.51
CA ILE I 94 3.70 45.80 17.79
C ILE I 94 2.68 44.69 17.57
N GLN I 95 1.69 44.93 16.72
CA GLN I 95 0.76 43.86 16.39
C GLN I 95 1.40 42.84 15.46
N GLY I 96 2.34 43.29 14.61
CA GLY I 96 2.90 42.42 13.60
C GLY I 96 3.71 41.27 14.16
N VAL I 97 4.52 41.53 15.18
CA VAL I 97 5.32 40.46 15.78
C VAL I 97 4.42 39.51 16.54
N LYS I 98 3.39 40.04 17.20
CA LYS I 98 2.43 39.19 17.90
C LYS I 98 1.70 38.28 16.90
N VAL I 99 1.01 38.88 15.92
CA VAL I 99 0.19 38.08 15.01
C VAL I 99 1.04 37.11 14.21
N GLY I 100 2.32 37.45 13.99
CA GLY I 100 3.21 36.50 13.36
C GLY I 100 3.54 35.34 14.27
N MET I 101 3.40 35.54 15.58
CA MET I 101 3.73 34.51 16.56
C MET I 101 2.53 33.73 17.09
N MET I 102 1.34 34.33 17.15
CA MET I 102 0.22 33.62 17.74
C MET I 102 -0.15 32.37 16.96
N GLY I 103 -0.20 32.48 15.63
CA GLY I 103 -0.63 31.39 14.79
C GLY I 103 0.27 30.18 14.87
N PRO I 104 1.51 30.32 14.40
CA PRO I 104 2.39 29.13 14.28
C PRO I 104 2.78 28.53 15.62
N LEU I 105 2.82 29.33 16.69
CA LEU I 105 3.16 28.78 17.99
C LEU I 105 2.01 27.98 18.58
N ALA I 106 0.77 28.29 18.18
CA ALA I 106 -0.36 27.44 18.56
C ALA I 106 -0.26 26.07 17.90
N GLY I 107 0.09 26.03 16.61
CA GLY I 107 0.20 24.77 15.90
C GLY I 107 1.31 23.87 16.39
N ILE I 108 2.24 24.41 17.17
CA ILE I 108 3.20 23.58 17.89
C ILE I 108 2.79 23.39 19.35
N GLY I 109 2.14 24.38 19.95
CA GLY I 109 1.67 24.27 21.31
C GLY I 109 0.55 23.26 21.50
N ASP I 110 -0.45 23.31 20.62
CA ASP I 110 -1.60 22.41 20.75
C ASP I 110 -1.20 20.95 20.69
N PRO I 111 -0.34 20.50 19.78
CA PRO I 111 0.09 19.09 19.84
C PRO I 111 0.95 18.78 21.05
N VAL I 112 1.95 19.61 21.34
CA VAL I 112 2.90 19.29 22.41
C VAL I 112 2.17 19.15 23.75
N PHE I 113 1.37 20.15 24.11
CA PHE I 113 0.84 20.23 25.47
C PHE I 113 -0.52 19.55 25.61
N TRP I 114 -1.43 19.78 24.64
CA TRP I 114 -2.78 19.24 24.76
C TRP I 114 -2.83 17.75 24.44
N PHE I 115 -2.50 17.38 23.21
CA PHE I 115 -2.71 16.03 22.71
C PHE I 115 -1.52 15.11 22.85
N THR I 116 -0.39 15.58 23.37
CA THR I 116 0.74 14.70 23.64
C THR I 116 1.12 14.66 25.12
N VAL I 117 1.45 15.81 25.72
CA VAL I 117 1.93 15.81 27.11
C VAL I 117 0.80 15.52 28.07
N LYS I 118 -0.34 16.18 27.91
CA LYS I 118 -1.41 16.05 28.90
C LYS I 118 -1.90 14.63 29.06
N PRO I 119 -2.22 13.86 28.01
CA PRO I 119 -2.73 12.51 28.24
C PRO I 119 -1.67 11.51 28.66
N ILE I 120 -0.42 11.67 28.20
CA ILE I 120 0.64 10.76 28.64
C ILE I 120 0.82 10.87 30.15
N ILE I 121 0.82 12.09 30.68
CA ILE I 121 0.74 12.27 32.13
C ILE I 121 -0.61 11.78 32.64
N GLY I 122 -1.68 12.09 31.91
CA GLY I 122 -3.02 11.72 32.36
C GLY I 122 -3.26 10.23 32.40
N ALA I 123 -2.86 9.52 31.34
CA ALA I 123 -3.05 8.07 31.31
C ALA I 123 -2.21 7.38 32.37
N LEU I 124 -0.98 7.86 32.61
CA LEU I 124 -0.17 7.32 33.68
C LEU I 124 -0.81 7.55 35.04
N ALA I 125 -1.33 8.76 35.26
CA ALA I 125 -1.90 9.09 36.57
C ALA I 125 -3.25 8.42 36.78
N ALA I 126 -4.02 8.26 35.71
CA ALA I 126 -5.30 7.56 35.82
C ALA I 126 -5.09 6.09 36.19
N SER I 127 -4.05 5.47 35.62
CA SER I 127 -3.79 4.05 35.88
C SER I 127 -3.56 3.79 37.36
N LEU I 128 -2.89 4.72 38.05
CA LEU I 128 -2.75 4.60 39.49
C LEU I 128 -4.08 4.83 40.19
N ALA I 129 -4.80 5.89 39.81
CA ALA I 129 -6.03 6.26 40.51
C ALA I 129 -7.09 5.18 40.42
N MET I 130 -7.23 4.53 39.25
CA MET I 130 -8.22 3.47 39.12
C MET I 130 -7.92 2.31 40.07
N SER I 131 -6.64 2.13 40.44
CA SER I 131 -6.24 1.09 41.38
C SER I 131 -6.37 1.52 42.84
N GLY I 132 -7.11 2.58 43.12
CA GLY I 132 -7.23 3.07 44.48
C GLY I 132 -5.98 3.69 45.05
N ASN I 133 -5.10 4.22 44.19
CA ASN I 133 -3.80 4.73 44.60
C ASN I 133 -3.82 6.25 44.69
N ILE I 134 -3.53 6.78 45.89
CA ILE I 134 -3.46 8.23 46.09
C ILE I 134 -2.23 8.85 45.43
N LEU I 135 -1.25 8.05 45.04
CA LEU I 135 -0.10 8.57 44.32
C LEU I 135 -0.48 9.09 42.93
N GLY I 136 -1.66 8.76 42.44
CA GLY I 136 -2.09 9.19 41.13
C GLY I 136 -2.30 10.69 40.99
N PRO I 137 -3.33 11.21 41.66
CA PRO I 137 -3.63 12.65 41.52
C PRO I 137 -2.49 13.54 41.96
N ILE I 138 -1.75 13.15 43.00
CA ILE I 138 -0.68 14.01 43.51
C ILE I 138 0.42 14.16 42.46
N ILE I 139 0.78 13.07 41.79
CA ILE I 139 1.79 13.14 40.73
C ILE I 139 1.30 14.00 39.56
N TYR I 140 0.04 13.84 39.17
CA TYR I 140 -0.48 14.56 38.01
C TYR I 140 -0.40 16.07 38.22
N PHE I 141 -0.79 16.54 39.40
CA PHE I 141 -0.64 17.97 39.70
C PHE I 141 0.82 18.37 39.72
N VAL I 142 1.68 17.51 40.26
CA VAL I 142 3.11 17.80 40.32
C VAL I 142 3.73 17.74 38.91
N ALA I 143 3.39 16.70 38.14
CA ALA I 143 4.00 16.54 36.82
C ALA I 143 3.63 17.70 35.89
N TRP I 144 2.34 17.99 35.75
CA TRP I 144 1.89 19.00 34.81
C TRP I 144 2.36 20.39 35.21
N ASN I 145 2.34 20.69 36.51
CA ASN I 145 2.68 22.03 36.99
C ASN I 145 4.19 22.27 37.01
N ALA I 146 4.99 21.27 37.33
CA ALA I 146 6.45 21.44 37.29
C ALA I 146 6.92 21.67 35.87
N ILE I 147 6.35 20.94 34.91
CA ILE I 147 6.62 21.18 33.49
C ILE I 147 6.20 22.58 33.10
N ARG I 148 5.06 23.05 33.63
CA ARG I 148 4.46 24.30 33.14
C ARG I 148 5.23 25.53 33.58
N MET I 149 5.53 25.63 34.88
CA MET I 149 6.08 26.86 35.42
C MET I 149 7.49 27.13 34.89
N ALA I 150 8.31 26.09 34.77
CA ALA I 150 9.64 26.27 34.21
C ALA I 150 9.57 26.72 32.76
N PHE I 151 8.69 26.11 31.98
CA PHE I 151 8.61 26.42 30.55
C PHE I 151 8.07 27.83 30.32
N THR I 152 7.00 28.19 31.03
CA THR I 152 6.38 29.49 30.82
C THR I 152 7.22 30.62 31.40
N TRP I 153 8.05 30.32 32.40
CA TRP I 153 8.93 31.36 32.94
C TRP I 153 10.19 31.51 32.09
N TYR I 154 10.86 30.38 31.79
CA TYR I 154 12.13 30.44 31.06
C TYR I 154 11.95 31.11 29.71
N THR I 155 10.90 30.74 28.97
CA THR I 155 10.73 31.27 27.62
C THR I 155 10.29 32.73 27.64
N GLN I 156 9.64 33.17 28.72
CA GLN I 156 9.31 34.59 28.84
C GLN I 156 10.59 35.43 28.86
N GLU I 157 11.61 34.97 29.58
CA GLU I 157 12.86 35.70 29.63
C GLU I 157 13.64 35.58 28.33
N PHE I 158 13.52 34.44 27.66
CA PHE I 158 14.15 34.26 26.35
C PHE I 158 13.53 35.18 25.30
N GLY I 159 12.21 35.32 25.31
CA GLY I 159 11.58 36.26 24.39
C GLY I 159 12.02 37.69 24.63
N TYR I 160 12.26 38.04 25.90
CA TYR I 160 12.72 39.38 26.23
C TYR I 160 14.17 39.59 25.82
N ARG I 161 15.00 38.55 25.97
CA ARG I 161 16.41 38.65 25.64
C ARG I 161 16.69 38.49 24.16
N ALA I 162 15.70 38.13 23.36
CA ALA I 162 15.87 37.90 21.94
C ALA I 162 15.06 38.84 21.05
N GLY I 163 14.03 39.49 21.58
CA GLY I 163 13.31 40.51 20.83
C GLY I 163 12.79 40.02 19.50
N SER I 164 12.69 40.95 18.55
CA SER I 164 12.20 40.66 17.21
C SER I 164 13.30 40.13 16.29
N LYS I 165 14.35 39.56 16.86
CA LYS I 165 15.44 38.95 16.10
C LYS I 165 15.25 37.45 15.90
N ILE I 166 14.10 36.91 16.30
CA ILE I 166 13.78 35.52 16.03
C ILE I 166 12.82 35.34 14.87
N THR I 167 11.76 36.14 14.79
CA THR I 167 10.78 36.03 13.71
C THR I 167 11.33 36.49 12.37
N GLU I 168 12.41 37.27 12.35
CA GLU I 168 12.98 37.70 11.08
C GLU I 168 13.42 36.50 10.26
N ASP I 169 14.01 35.50 10.91
CA ASP I 169 14.41 34.25 10.27
C ASP I 169 13.31 33.23 10.53
N LEU I 170 12.12 33.49 10.00
CA LEU I 170 10.99 32.58 10.15
C LEU I 170 10.26 32.49 8.81
N SER I 171 11.03 32.64 7.73
CA SER I 171 10.52 32.83 6.38
C SER I 171 9.52 31.76 5.97
N GLY I 172 8.66 32.08 5.01
CA GLY I 172 7.57 31.20 4.62
C GLY I 172 7.94 30.14 3.61
N GLY I 173 9.23 30.04 3.27
CA GLY I 173 9.66 28.95 2.42
C GLY I 173 9.48 27.59 3.07
N ILE I 174 9.66 27.52 4.39
CA ILE I 174 9.50 26.28 5.12
C ILE I 174 8.05 26.09 5.59
N LEU I 175 7.37 27.18 5.95
CA LEU I 175 6.05 27.09 6.54
C LEU I 175 5.03 26.46 5.59
N GLN I 176 5.18 26.72 4.29
CA GLN I 176 4.25 26.15 3.32
C GLN I 176 4.50 24.65 3.17
N ASP I 177 5.76 24.23 3.26
CA ASP I 177 6.10 22.81 3.21
C ASP I 177 5.50 22.03 4.38
N ILE I 178 5.52 22.62 5.58
CA ILE I 178 5.11 21.87 6.78
C ILE I 178 3.63 21.53 6.71
N THR I 179 2.78 22.54 6.47
CA THR I 179 1.34 22.33 6.53
C THR I 179 0.86 21.39 5.44
N LYS I 180 1.41 21.53 4.22
CA LYS I 180 0.99 20.67 3.13
C LYS I 180 1.39 19.23 3.39
N GLY I 181 2.60 19.02 3.91
CA GLY I 181 2.98 17.69 4.36
C GLY I 181 2.16 17.23 5.54
N ALA I 182 1.77 18.17 6.41
CA ALA I 182 0.89 17.84 7.52
C ALA I 182 -0.47 17.36 7.04
N SER I 183 -0.99 17.99 5.98
CA SER I 183 -2.32 17.64 5.49
C SER I 183 -2.35 16.25 4.87
N ILE I 184 -1.26 15.85 4.21
CA ILE I 184 -1.17 14.50 3.66
C ILE I 184 -1.28 13.46 4.78
N LEU I 185 -0.49 13.64 5.85
CA LEU I 185 -0.58 12.74 7.00
C LEU I 185 -1.95 12.84 7.65
N GLY I 186 -2.44 14.07 7.86
CA GLY I 186 -3.68 14.24 8.58
C GLY I 186 -4.86 13.57 7.89
N MET I 187 -5.00 13.80 6.59
CA MET I 187 -6.09 13.16 5.86
C MET I 187 -5.91 11.65 5.89
N PHE I 188 -4.66 11.19 5.85
CA PHE I 188 -4.37 9.77 5.97
C PHE I 188 -4.75 9.25 7.35
N ILE I 189 -4.26 9.90 8.41
CA ILE I 189 -4.42 9.34 9.75
C ILE I 189 -5.86 9.51 10.24
N LEU I 190 -6.54 10.58 9.85
CA LEU I 190 -7.97 10.67 10.14
C LEU I 190 -8.76 9.65 9.32
N GLY I 191 -8.27 9.29 8.14
CA GLY I 191 -8.90 8.22 7.39
C GLY I 191 -8.88 6.90 8.14
N SER I 192 -7.74 6.56 8.73
CA SER I 192 -7.62 5.32 9.48
C SER I 192 -8.45 5.35 10.76
N LEU I 193 -8.48 6.50 11.44
CA LEU I 193 -9.29 6.62 12.65
C LEU I 193 -10.78 6.54 12.32
N VAL I 194 -11.19 7.09 11.18
CA VAL I 194 -12.60 7.03 10.79
C VAL I 194 -13.03 5.59 10.58
N ASN I 195 -12.22 4.79 9.87
CA ASN I 195 -12.57 3.40 9.67
C ASN I 195 -12.65 2.63 10.99
N ARG I 196 -11.97 3.12 12.03
CA ARG I 196 -11.85 2.42 13.30
C ARG I 196 -12.60 3.07 14.45
N TRP I 197 -12.33 4.34 14.75
CA TRP I 197 -12.77 4.95 16.00
C TRP I 197 -14.21 5.44 15.96
N VAL I 198 -14.90 5.34 14.83
CA VAL I 198 -16.29 5.78 14.73
C VAL I 198 -17.17 4.53 14.77
N SER I 199 -17.93 4.38 15.85
CA SER I 199 -18.72 3.18 16.10
C SER I 199 -20.13 3.36 15.55
N VAL I 200 -20.39 2.75 14.40
CA VAL I 200 -21.75 2.66 13.85
C VAL I 200 -21.98 1.18 13.57
N LYS I 201 -22.51 0.46 14.55
CA LYS I 201 -22.67 -1.00 14.46
C LYS I 201 -24.15 -1.35 14.43
N PHE I 202 -24.55 -2.14 13.43
CA PHE I 202 -25.93 -2.55 13.21
C PHE I 202 -26.13 -3.99 13.66
N THR I 203 -27.17 -4.22 14.46
CA THR I 203 -27.55 -5.52 15.02
C THR I 203 -28.39 -6.44 14.12
N PRO I 204 -29.44 -5.96 13.44
CA PRO I 204 -30.47 -6.88 12.92
C PRO I 204 -29.93 -7.92 11.95
N THR I 205 -30.59 -9.08 11.92
CA THR I 205 -30.22 -10.20 11.06
C THR I 205 -31.10 -10.20 9.82
N VAL I 206 -30.56 -10.72 8.72
CA VAL I 206 -31.30 -10.79 7.47
C VAL I 206 -31.63 -12.23 7.08
N SER I 207 -30.62 -13.07 6.88
CA SER I 207 -30.81 -14.39 6.30
C SER I 207 -30.31 -15.47 7.26
N SER I 208 -31.08 -16.55 7.34
CA SER I 208 -30.83 -17.64 8.28
C SER I 208 -31.00 -18.99 7.58
N VAL I 209 -30.38 -19.14 6.41
CA VAL I 209 -30.59 -20.34 5.60
C VAL I 209 -30.19 -21.59 6.38
N LYS I 210 -30.89 -22.68 6.12
CA LYS I 210 -30.67 -23.94 6.81
C LYS I 210 -29.71 -24.79 5.99
N LEU I 211 -28.58 -25.14 6.60
CA LEU I 211 -27.50 -25.79 5.87
C LEU I 211 -27.83 -27.24 5.56
N ASP I 212 -27.30 -27.72 4.44
CA ASP I 212 -27.48 -29.10 4.04
C ASP I 212 -26.45 -29.99 4.73
N LYS I 213 -26.50 -31.28 4.40
CA LYS I 213 -25.52 -32.22 4.92
C LYS I 213 -24.16 -31.95 4.30
N GLY I 214 -23.10 -32.13 5.09
CA GLY I 214 -21.76 -31.81 4.67
C GLY I 214 -21.35 -30.38 4.95
N ALA I 215 -22.27 -29.55 5.42
CA ALA I 215 -21.97 -28.17 5.74
C ALA I 215 -21.65 -27.96 7.22
N PHE I 216 -22.38 -28.63 8.11
CA PHE I 216 -22.18 -28.46 9.55
C PHE I 216 -21.55 -29.71 10.15
N ILE I 217 -21.17 -29.58 11.43
CA ILE I 217 -20.32 -30.58 12.08
C ILE I 217 -21.09 -31.87 12.38
N ASP I 218 -22.40 -31.79 12.55
CA ASP I 218 -23.25 -32.97 12.77
C ASP I 218 -22.84 -33.71 14.04
N TRP I 219 -23.11 -33.08 15.17
CA TRP I 219 -22.74 -33.62 16.47
C TRP I 219 -23.67 -34.76 16.90
N ASP I 220 -23.80 -35.77 16.04
CA ASP I 220 -24.51 -36.99 16.41
C ASP I 220 -23.65 -38.21 16.08
N LYS I 221 -22.84 -38.11 15.02
CA LYS I 221 -21.96 -39.19 14.61
C LYS I 221 -20.53 -39.00 15.10
N LEU I 222 -20.29 -38.03 15.97
CA LEU I 222 -18.94 -37.77 16.45
C LEU I 222 -18.47 -38.92 17.34
N PRO I 223 -17.20 -39.31 17.26
CA PRO I 223 -16.69 -40.37 18.14
C PRO I 223 -16.64 -39.91 19.59
N SER I 224 -16.59 -40.89 20.48
CA SER I 224 -16.68 -40.64 21.92
C SER I 224 -15.37 -41.04 22.59
N GLY I 225 -14.54 -40.04 22.91
CA GLY I 225 -13.35 -40.27 23.69
C GLY I 225 -12.04 -40.26 22.93
N ALA I 226 -11.30 -39.16 23.03
CA ALA I 226 -9.95 -39.02 22.49
C ALA I 226 -9.91 -39.11 20.98
N LYS I 227 -11.08 -39.25 20.35
CA LYS I 227 -11.21 -39.14 18.90
C LYS I 227 -12.36 -38.24 18.48
N GLY I 228 -13.25 -37.88 19.40
CA GLY I 228 -14.26 -36.89 19.08
C GLY I 228 -13.67 -35.51 18.84
N ILE I 229 -12.70 -35.12 19.66
CA ILE I 229 -12.09 -33.79 19.53
C ILE I 229 -11.27 -33.70 18.25
N GLN I 230 -10.57 -34.79 17.91
CA GLN I 230 -9.71 -34.77 16.72
C GLN I 230 -10.51 -34.44 15.47
N SER I 231 -11.66 -35.08 15.30
CA SER I 231 -12.47 -34.85 14.11
C SER I 231 -13.26 -33.55 14.22
N ALA I 232 -13.36 -32.99 15.42
CA ALA I 232 -14.03 -31.71 15.60
C ALA I 232 -13.18 -30.57 15.04
N LEU I 233 -11.88 -30.57 15.35
CA LEU I 233 -10.98 -29.53 14.85
C LEU I 233 -10.75 -29.69 13.35
N GLN I 234 -10.65 -30.93 12.87
CA GLN I 234 -10.46 -31.15 11.44
C GLN I 234 -11.69 -30.73 10.65
N GLN I 235 -12.89 -31.01 11.18
CA GLN I 235 -14.08 -30.46 10.55
C GLN I 235 -14.13 -28.94 10.69
N GLN I 236 -13.67 -28.43 11.84
CA GLN I 236 -13.54 -26.99 12.02
C GLN I 236 -12.54 -26.39 11.04
N ALA I 237 -11.40 -27.05 10.83
CA ALA I 237 -10.34 -26.48 10.02
C ALA I 237 -10.71 -26.41 8.54
N GLN I 238 -11.54 -27.32 8.05
CA GLN I 238 -11.96 -27.34 6.65
C GLN I 238 -13.16 -26.44 6.37
N GLY I 239 -13.72 -25.79 7.39
CA GLY I 239 -14.79 -24.84 7.18
C GLY I 239 -16.19 -25.34 7.46
N LEU I 240 -16.35 -26.59 7.93
CA LEU I 240 -17.67 -27.07 8.27
C LEU I 240 -18.24 -26.29 9.45
N SER I 241 -19.52 -25.93 9.33
CA SER I 241 -20.16 -24.99 10.23
C SER I 241 -20.35 -25.60 11.62
N LEU I 242 -20.04 -24.81 12.66
CA LEU I 242 -20.19 -25.28 14.03
C LEU I 242 -21.65 -25.42 14.44
N THR I 243 -22.58 -24.93 13.62
CA THR I 243 -24.01 -25.07 13.87
C THR I 243 -24.71 -25.34 12.54
N ASP I 244 -25.94 -25.84 12.61
CA ASP I 244 -26.69 -26.14 11.40
C ASP I 244 -27.42 -24.92 10.83
N HIS I 245 -27.03 -23.72 11.24
CA HIS I 245 -27.64 -22.49 10.73
C HIS I 245 -26.55 -21.46 10.45
N LYS I 246 -26.65 -20.82 9.28
CA LYS I 246 -25.73 -19.76 8.88
C LYS I 246 -26.44 -18.42 9.05
N ILE I 247 -25.90 -17.57 9.92
CA ILE I 247 -26.53 -16.31 10.29
C ILE I 247 -25.82 -15.17 9.59
N THR I 248 -26.57 -14.40 8.81
CA THR I 248 -26.06 -13.25 8.09
C THR I 248 -26.77 -11.99 8.58
N THR I 249 -26.02 -11.14 9.28
CA THR I 249 -26.56 -9.93 9.87
C THR I 249 -26.34 -8.75 8.95
N LEU I 250 -26.97 -7.63 9.31
CA LEU I 250 -26.84 -6.42 8.50
C LEU I 250 -25.39 -5.95 8.45
N GLN I 251 -24.66 -6.13 9.56
CA GLN I 251 -23.27 -5.70 9.59
C GLN I 251 -22.43 -6.48 8.59
N ASP I 252 -22.73 -7.77 8.42
CA ASP I 252 -22.04 -8.56 7.39
C ASP I 252 -22.29 -7.99 6.00
N ASN I 253 -23.53 -7.64 5.68
CA ASN I 253 -23.84 -7.15 4.35
C ASN I 253 -23.11 -5.84 4.04
N LEU I 254 -23.02 -4.94 5.03
CA LEU I 254 -22.20 -3.74 4.84
C LEU I 254 -20.72 -4.08 4.85
N ASP I 255 -20.31 -5.02 5.72
CA ASP I 255 -18.90 -5.39 5.81
C ASP I 255 -18.42 -6.11 4.55
N SER I 256 -19.28 -6.92 3.94
CA SER I 256 -18.93 -7.54 2.67
C SER I 256 -18.68 -6.49 1.59
N LEU I 257 -19.30 -5.32 1.69
CA LEU I 257 -18.99 -4.22 0.80
C LEU I 257 -17.61 -3.65 1.10
N ILE I 258 -17.42 -3.15 2.31
CA ILE I 258 -16.13 -2.67 2.82
C ILE I 258 -16.29 -2.49 4.33
N PRO I 259 -15.24 -2.69 5.14
CA PRO I 259 -15.36 -2.40 6.57
C PRO I 259 -15.50 -0.90 6.83
N GLY I 260 -16.22 -0.57 7.88
CA GLY I 260 -16.38 0.81 8.29
C GLY I 260 -17.25 1.67 7.40
N LEU I 261 -18.15 1.06 6.61
CA LEU I 261 -18.93 1.83 5.66
C LEU I 261 -19.90 2.78 6.36
N ALA I 262 -20.54 2.33 7.44
CA ALA I 262 -21.51 3.16 8.13
C ALA I 262 -20.84 4.33 8.87
N ALA I 263 -19.57 4.17 9.24
CA ALA I 263 -18.85 5.25 9.91
C ALA I 263 -18.49 6.37 8.94
N LEU I 264 -18.15 6.03 7.69
CA LEU I 264 -17.80 7.04 6.70
C LEU I 264 -18.99 7.92 6.38
N GLY I 265 -20.20 7.35 6.36
CA GLY I 265 -21.39 8.14 6.11
C GLY I 265 -21.66 9.17 7.18
N LEU I 266 -21.50 8.79 8.45
CA LEU I 266 -21.80 9.70 9.56
C LEU I 266 -20.87 10.91 9.55
N THR I 267 -19.55 10.67 9.49
CA THR I 267 -18.60 11.78 9.52
C THR I 267 -18.76 12.68 8.30
N LEU I 268 -19.00 12.10 7.12
CA LEU I 268 -19.30 12.90 5.94
C LEU I 268 -20.60 13.67 6.13
N PHE I 269 -21.60 13.07 6.79
CA PHE I 269 -22.83 13.77 7.08
C PHE I 269 -22.57 14.90 8.08
N CYS I 270 -21.71 14.65 9.06
CA CYS I 270 -21.26 15.71 9.96
C CYS I 270 -20.49 16.78 9.18
N MET I 271 -19.65 16.35 8.24
CA MET I 271 -19.03 17.30 7.32
C MET I 271 -20.09 18.11 6.59
N TRP I 272 -21.11 17.45 6.05
CA TRP I 272 -22.14 18.18 5.33
C TRP I 272 -22.95 19.06 6.28
N LEU I 273 -23.35 18.54 7.44
CA LEU I 273 -24.16 19.32 8.36
C LEU I 273 -23.42 20.54 8.89
N LEU I 274 -22.13 20.38 9.22
CA LEU I 274 -21.35 21.50 9.73
C LEU I 274 -21.16 22.57 8.66
N LYS I 275 -21.03 22.15 7.40
CA LYS I 275 -21.02 23.10 6.29
C LYS I 275 -22.34 23.83 6.15
N LYS I 276 -23.44 23.20 6.60
CA LYS I 276 -24.77 23.77 6.47
C LYS I 276 -25.16 24.64 7.67
N LYS I 277 -24.19 25.19 8.38
CA LYS I 277 -24.43 26.11 9.49
C LYS I 277 -25.28 25.46 10.59
N VAL I 278 -24.90 24.25 10.98
CA VAL I 278 -25.51 23.58 12.12
C VAL I 278 -24.50 23.55 13.25
N SER I 279 -24.83 24.19 14.36
CA SER I 279 -23.90 24.27 15.48
C SER I 279 -23.66 22.87 16.05
N PRO I 280 -22.41 22.48 16.26
CA PRO I 280 -22.13 21.07 16.60
C PRO I 280 -22.78 20.60 17.88
N ILE I 281 -23.18 21.50 18.78
CA ILE I 281 -23.93 21.06 19.96
C ILE I 281 -25.30 20.51 19.55
N VAL I 282 -25.86 20.96 18.43
CA VAL I 282 -27.09 20.33 17.92
C VAL I 282 -26.78 18.97 17.30
N ILE I 283 -25.66 18.86 16.59
CA ILE I 283 -25.32 17.59 15.95
C ILE I 283 -25.00 16.53 17.00
N ILE I 284 -24.23 16.89 18.04
CA ILE I 284 -23.84 15.93 19.06
C ILE I 284 -25.03 15.55 19.93
N LEU I 285 -25.82 16.55 20.36
CA LEU I 285 -27.03 16.22 21.12
C LEU I 285 -27.98 15.39 20.29
N GLY I 286 -28.10 15.69 18.99
CA GLY I 286 -28.89 14.84 18.11
C GLY I 286 -28.31 13.45 17.99
N LEU I 287 -26.97 13.36 17.96
CA LEU I 287 -26.31 12.05 17.87
C LEU I 287 -26.58 11.20 19.10
N PHE I 288 -26.59 11.80 20.28
CA PHE I 288 -26.91 11.05 21.50
C PHE I 288 -28.34 10.52 21.45
N VAL I 289 -29.28 11.33 20.98
CA VAL I 289 -30.66 10.89 20.89
C VAL I 289 -30.80 9.81 19.83
N VAL I 290 -30.05 9.92 18.73
CA VAL I 290 -30.07 8.88 17.70
C VAL I 290 -29.65 7.54 18.31
N GLY I 291 -28.63 7.57 19.17
CA GLY I 291 -28.23 6.34 19.86
C GLY I 291 -29.33 5.80 20.76
N ILE I 292 -30.13 6.68 21.33
CA ILE I 292 -31.26 6.24 22.17
C ILE I 292 -32.32 5.54 21.32
N VAL I 293 -32.68 6.15 20.18
CA VAL I 293 -33.73 5.57 19.33
C VAL I 293 -33.22 4.31 18.63
N PHE I 294 -32.05 4.38 17.99
CA PHE I 294 -31.60 3.23 17.21
C PHE I 294 -31.28 2.03 18.09
N HIS I 295 -31.04 2.24 19.38
CA HIS I 295 -30.97 1.10 20.29
C HIS I 295 -32.35 0.61 20.68
N LEU I 296 -33.32 1.52 20.81
CA LEU I 296 -34.68 1.12 21.16
C LEU I 296 -35.31 0.23 20.09
N LEU I 297 -35.17 0.59 18.82
CA LEU I 297 -35.68 -0.24 17.73
C LEU I 297 -34.75 -1.40 17.39
N HIS I 298 -33.77 -1.68 18.25
CA HIS I 298 -32.83 -2.78 18.08
C HIS I 298 -32.00 -2.62 16.81
N LEU I 299 -31.84 -1.38 16.35
CA LEU I 299 -31.07 -1.13 15.14
C LEU I 299 -29.56 -1.13 15.39
N MET I 300 -29.10 -0.41 16.42
CA MET I 300 -27.69 -0.45 16.81
C MET I 300 -27.50 -1.34 18.03
N ALA J 1 -26.94 39.71 12.27
CA ALA J 1 -25.69 40.44 12.29
C ALA J 1 -25.91 41.89 12.72
N ASP J 2 -25.02 42.40 13.58
CA ASP J 2 -25.14 43.78 14.04
C ASP J 2 -24.97 44.76 12.89
N TYR J 3 -25.68 45.90 12.96
CA TYR J 3 -25.60 46.89 11.90
C TYR J 3 -24.32 47.73 12.00
N LYS J 4 -23.82 47.97 13.21
CA LYS J 4 -22.54 48.63 13.35
C LYS J 4 -21.38 47.72 12.98
N LYS J 5 -21.56 46.41 13.17
CA LYS J 5 -20.51 45.47 12.77
C LYS J 5 -20.44 45.34 11.25
N ILE J 6 -21.58 45.25 10.58
CA ILE J 6 -21.60 45.09 9.13
C ILE J 6 -20.95 46.29 8.45
N ASN J 7 -21.29 47.50 8.90
CA ASN J 7 -20.72 48.70 8.30
C ASN J 7 -19.22 48.81 8.56
N SER J 8 -18.80 48.47 9.78
CA SER J 8 -17.38 48.52 10.11
C SER J 8 -16.59 47.50 9.29
N ILE J 9 -17.12 46.28 9.15
CA ILE J 9 -16.46 45.26 8.35
C ILE J 9 -16.37 45.70 6.90
N LEU J 10 -17.47 46.24 6.36
CA LEU J 10 -17.44 46.79 5.01
C LEU J 10 -16.45 47.94 4.92
N THR J 11 -16.25 48.66 6.02
CA THR J 11 -15.25 49.73 6.02
C THR J 11 -13.84 49.18 6.02
N TYR J 12 -13.55 48.24 6.93
CA TYR J 12 -12.19 47.74 7.10
C TYR J 12 -11.72 46.92 5.90
N THR J 13 -12.57 46.02 5.38
CA THR J 13 -12.17 45.24 4.23
C THR J 13 -11.97 46.13 3.00
N SER J 14 -12.79 47.19 2.89
CA SER J 14 -12.67 48.10 1.76
C SER J 14 -11.28 48.74 1.73
N THR J 15 -10.78 49.20 2.87
CA THR J 15 -9.45 49.79 2.92
C THR J 15 -8.37 48.72 2.79
N ALA J 16 -8.71 47.46 3.10
CA ALA J 16 -7.75 46.37 2.94
C ALA J 16 -7.50 46.07 1.47
N LEU J 17 -8.54 46.14 0.64
CA LEU J 17 -8.43 45.82 -0.78
C LEU J 17 -7.68 46.89 -1.57
N LYS J 18 -7.40 48.05 -0.98
CA LYS J 18 -6.70 49.14 -1.65
C LYS J 18 -5.24 49.27 -1.22
N ASN J 19 -4.80 48.54 -0.21
CA ASN J 19 -3.38 48.53 0.15
C ASN J 19 -2.60 47.67 -0.84
N PRO J 20 -1.48 48.16 -1.38
CA PRO J 20 -0.72 47.34 -2.35
C PRO J 20 -0.27 46.00 -1.81
N LYS J 21 0.10 45.93 -0.52
CA LYS J 21 0.69 44.71 0.01
C LYS J 21 -0.35 43.59 0.16
N ILE J 22 -1.54 43.93 0.65
CA ILE J 22 -2.59 42.93 0.83
C ILE J 22 -3.05 42.38 -0.51
N ILE J 23 -2.99 43.20 -1.56
CA ILE J 23 -3.40 42.77 -2.90
C ILE J 23 -2.52 41.63 -3.41
N LYS J 24 -1.22 41.68 -3.11
CA LYS J 24 -0.29 40.68 -3.66
C LYS J 24 -0.65 39.27 -3.20
N ASP J 25 -1.01 39.11 -1.93
CA ASP J 25 -1.40 37.80 -1.43
C ASP J 25 -2.75 37.43 -2.05
N LYS J 26 -2.71 36.69 -3.15
CA LYS J 26 -3.93 36.39 -3.89
C LYS J 26 -4.89 35.54 -3.07
N ASP J 27 -4.36 34.75 -2.13
CA ASP J 27 -5.22 34.00 -1.22
C ASP J 27 -6.12 34.94 -0.42
N LEU J 28 -5.55 36.04 0.07
CA LEU J 28 -6.32 36.98 0.90
C LEU J 28 -7.28 37.81 0.06
N VAL J 29 -6.90 38.13 -1.19
CA VAL J 29 -7.78 38.95 -2.03
C VAL J 29 -9.05 38.18 -2.36
N VAL J 30 -8.95 36.86 -2.55
CA VAL J 30 -10.15 36.05 -2.74
C VAL J 30 -10.96 36.01 -1.45
N LEU J 31 -10.28 35.92 -0.31
CA LEU J 31 -10.98 35.96 0.98
C LEU J 31 -11.73 37.27 1.15
N LEU J 32 -11.05 38.40 0.96
CA LEU J 32 -11.64 39.69 1.29
C LEU J 32 -12.85 39.99 0.41
N THR J 33 -12.82 39.56 -0.86
CA THR J 33 -14.00 39.69 -1.70
C THR J 33 -15.19 38.97 -1.09
N ILE J 34 -14.96 37.79 -0.50
CA ILE J 34 -16.03 37.07 0.18
C ILE J 34 -16.49 37.85 1.41
N ILE J 35 -15.53 38.47 2.12
CA ILE J 35 -15.88 39.20 3.34
C ILE J 35 -16.80 40.37 3.03
N GLN J 36 -16.52 41.10 1.94
CA GLN J 36 -17.40 42.20 1.56
C GLN J 36 -18.80 41.70 1.21
N GLU J 37 -18.88 40.66 0.39
CA GLU J 37 -20.17 40.28 -0.20
C GLU J 37 -21.18 39.86 0.85
N GLU J 38 -20.77 39.05 1.83
CA GLU J 38 -21.71 38.63 2.86
C GLU J 38 -21.96 39.75 3.85
N ALA J 39 -20.95 40.61 4.07
CA ALA J 39 -21.21 41.87 4.76
C ALA J 39 -22.12 42.77 3.94
N LYS J 40 -21.91 42.82 2.62
CA LYS J 40 -22.83 43.52 1.74
C LYS J 40 -24.24 42.95 1.79
N GLN J 41 -24.39 41.68 2.18
CA GLN J 41 -25.69 41.03 2.29
C GLN J 41 -26.18 40.96 3.73
N ASN J 42 -25.49 41.61 4.67
CA ASN J 42 -25.89 41.66 6.07
C ASN J 42 -25.89 40.27 6.70
N ARG J 43 -24.75 39.59 6.60
CA ARG J 43 -24.53 38.32 7.26
C ARG J 43 -23.03 38.22 7.60
N ILE J 44 -22.71 37.43 8.61
CA ILE J 44 -21.35 37.30 9.11
C ILE J 44 -20.80 35.96 8.63
N PHE J 45 -19.67 35.98 7.92
CA PHE J 45 -19.22 34.81 7.20
C PHE J 45 -18.91 33.66 8.16
N TYR J 46 -19.26 32.44 7.72
CA TYR J 46 -19.14 31.21 8.49
C TYR J 46 -18.06 30.33 7.86
N ASP J 47 -16.82 30.52 8.29
CA ASP J 47 -15.70 29.75 7.76
C ASP J 47 -15.50 28.51 8.65
N TYR J 48 -16.33 27.51 8.42
CA TYR J 48 -16.16 26.24 9.13
C TYR J 48 -14.80 25.64 8.82
N LYS J 49 -14.25 25.91 7.64
CA LYS J 49 -12.83 25.73 7.36
C LYS J 49 -12.11 26.98 7.86
N ARG J 50 -11.31 26.81 8.92
CA ARG J 50 -10.61 27.94 9.55
C ARG J 50 -9.48 28.39 8.64
N LYS J 51 -9.84 29.19 7.63
CA LYS J 51 -8.88 29.63 6.63
C LYS J 51 -8.45 31.08 6.79
N PHE J 52 -9.33 31.96 7.28
CA PHE J 52 -9.01 33.38 7.28
C PHE J 52 -7.89 33.70 8.27
N ARG J 53 -8.01 33.21 9.50
CA ARG J 53 -6.97 33.48 10.50
C ARG J 53 -5.60 32.96 10.12
N PRO J 54 -5.43 31.72 9.64
CA PRO J 54 -4.09 31.29 9.22
C PRO J 54 -3.50 32.13 8.11
N ALA J 55 -4.35 32.64 7.19
CA ALA J 55 -3.84 33.46 6.09
C ALA J 55 -3.28 34.78 6.61
N VAL J 56 -3.91 35.37 7.62
CA VAL J 56 -3.38 36.60 8.20
C VAL J 56 -1.97 36.38 8.71
N THR J 57 -1.72 35.23 9.35
CA THR J 57 -0.35 34.87 9.71
C THR J 57 0.51 34.67 8.48
N ARG J 58 -0.04 34.02 7.44
CA ARG J 58 0.72 33.80 6.22
C ARG J 58 1.11 35.12 5.57
N PHE J 59 0.18 36.06 5.48
CA PHE J 59 0.50 37.37 4.89
C PHE J 59 1.44 38.16 5.78
N THR J 60 1.20 38.16 7.09
CA THR J 60 2.03 38.95 7.99
C THR J 60 3.48 38.51 7.92
N ILE J 61 3.72 37.20 7.92
CA ILE J 61 5.08 36.67 7.87
C ILE J 61 5.76 37.04 6.56
N ASP J 62 4.99 37.10 5.46
CA ASP J 62 5.55 37.49 4.18
C ASP J 62 5.88 38.98 4.09
N ASN J 63 5.34 39.80 5.00
CA ASN J 63 5.60 41.23 5.00
C ASN J 63 6.56 41.63 6.13
N ASN J 64 7.56 40.77 6.40
CA ASN J 64 8.55 41.01 7.44
C ASN J 64 7.89 41.16 8.82
N PHE J 65 6.84 40.36 9.05
CA PHE J 65 6.11 40.36 10.32
C PHE J 65 5.55 41.74 10.63
N GLU J 66 4.87 42.31 9.64
CA GLU J 66 4.26 43.62 9.74
C GLU J 66 2.81 43.52 9.31
N ILE J 67 1.92 44.21 10.02
CA ILE J 67 0.49 44.10 9.74
C ILE J 67 -0.14 45.49 9.76
N PRO J 68 -1.09 45.76 8.88
CA PRO J 68 -1.81 47.05 8.93
C PRO J 68 -2.99 46.99 9.89
N ASP J 69 -3.74 48.11 9.91
CA ASP J 69 -4.86 48.23 10.84
C ASP J 69 -6.10 47.49 10.35
N CYS J 70 -6.30 47.40 9.03
CA CYS J 70 -7.55 46.84 8.51
C CYS J 70 -7.64 45.33 8.73
N LEU J 71 -6.52 44.63 8.57
CA LEU J 71 -6.52 43.19 8.79
C LEU J 71 -6.72 42.86 10.28
N VAL J 72 -6.14 43.67 11.16
CA VAL J 72 -6.25 43.44 12.60
C VAL J 72 -7.69 43.60 13.06
N LYS J 73 -8.35 44.68 12.64
CA LYS J 73 -9.72 44.91 13.07
C LYS J 73 -10.71 43.93 12.44
N LEU J 74 -10.29 43.19 11.42
CA LEU J 74 -11.11 42.16 10.81
C LEU J 74 -10.92 40.79 11.45
N LEU J 75 -10.00 40.67 12.41
CA LEU J 75 -9.76 39.38 13.05
C LEU J 75 -10.96 38.89 13.85
N SER J 76 -11.84 39.79 14.25
CA SER J 76 -13.05 39.46 15.01
C SER J 76 -14.29 39.37 14.14
N ALA J 77 -14.13 39.29 12.83
CA ALA J 77 -15.24 39.15 11.90
C ALA J 77 -15.62 37.71 11.62
N VAL J 78 -14.89 36.76 12.19
CA VAL J 78 -15.07 35.34 11.91
C VAL J 78 -16.03 34.72 12.92
N GLU J 79 -16.63 33.59 12.53
CA GLU J 79 -17.50 32.83 13.41
C GLU J 79 -16.81 31.65 14.08
N THR J 80 -16.11 30.82 13.29
CA THR J 80 -15.20 29.78 13.81
C THR J 80 -15.86 28.82 14.79
N PRO J 81 -16.62 27.81 14.28
CA PRO J 81 -17.36 26.86 15.15
C PRO J 81 -16.64 26.45 16.43
N LYS J 82 -17.42 26.24 17.50
CA LYS J 82 -16.91 26.28 18.86
C LYS J 82 -17.47 25.16 19.75
N ALA J 83 -17.62 23.95 19.22
CA ALA J 83 -18.19 22.83 19.98
C ALA J 83 -17.37 21.55 19.78
N TRP J 84 -16.05 21.64 20.00
CA TRP J 84 -15.12 20.53 19.86
C TRP J 84 -15.60 19.23 20.50
N SER J 85 -15.28 18.10 19.86
CA SER J 85 -15.55 16.77 20.39
C SER J 85 -14.30 16.02 20.83
N GLY J 86 -13.19 16.20 20.13
CA GLY J 86 -11.93 15.57 20.49
C GLY J 86 -11.51 14.52 19.48
N PHE J 87 -10.40 13.85 19.79
CA PHE J 87 -9.88 12.77 18.98
C PHE J 87 -10.03 11.40 19.63
N SER J 88 -10.00 11.32 20.96
CA SER J 88 -10.28 10.08 21.69
C SER J 88 -9.39 8.92 21.24
N ASP K 1 -45.33 -35.76 -23.23
CA ASP K 1 -44.72 -35.45 -24.52
C ASP K 1 -45.10 -34.05 -24.99
N LEU K 2 -44.62 -33.68 -26.18
CA LEU K 2 -44.84 -32.35 -26.73
C LEU K 2 -45.71 -32.50 -27.98
N ASN K 3 -46.82 -31.76 -28.02
CA ASN K 3 -47.74 -31.84 -29.15
C ASN K 3 -47.40 -30.75 -30.18
N PHE K 4 -48.21 -30.66 -31.24
CA PHE K 4 -47.87 -29.78 -32.37
C PHE K 4 -47.93 -28.31 -31.96
N ILE K 5 -48.93 -27.92 -31.18
CA ILE K 5 -48.98 -26.55 -30.69
C ILE K 5 -47.75 -26.25 -29.84
N GLN K 6 -47.38 -27.20 -28.97
CA GLN K 6 -46.22 -27.00 -28.11
C GLN K 6 -44.93 -26.91 -28.91
N VAL K 7 -44.75 -27.75 -29.94
CA VAL K 7 -43.50 -27.68 -30.70
C VAL K 7 -43.43 -26.39 -31.51
N ILE K 8 -44.55 -25.96 -32.12
CA ILE K 8 -44.52 -24.68 -32.85
C ILE K 8 -44.21 -23.53 -31.91
N LEU K 9 -44.82 -23.53 -30.72
CA LEU K 9 -44.56 -22.45 -29.76
C LEU K 9 -43.11 -22.47 -29.30
N VAL K 10 -42.57 -23.66 -29.04
CA VAL K 10 -41.17 -23.81 -28.67
C VAL K 10 -40.27 -23.25 -29.78
N ILE K 11 -40.58 -23.58 -31.02
CA ILE K 11 -39.76 -23.15 -32.15
C ILE K 11 -39.79 -21.64 -32.29
N PHE K 12 -40.97 -21.03 -32.14
CA PHE K 12 -41.05 -19.59 -32.30
C PHE K 12 -40.36 -18.85 -31.14
N VAL K 13 -40.47 -19.39 -29.92
CA VAL K 13 -39.74 -18.81 -28.80
C VAL K 13 -38.25 -18.89 -29.05
N ALA K 14 -37.78 -20.02 -29.60
CA ALA K 14 -36.37 -20.17 -29.94
C ALA K 14 -35.95 -19.16 -31.00
N PHE K 15 -36.80 -18.96 -32.01
CA PHE K 15 -36.49 -18.00 -33.06
C PHE K 15 -36.40 -16.58 -32.50
N LEU K 16 -37.32 -16.22 -31.59
CA LEU K 16 -37.29 -14.90 -31.00
C LEU K 16 -36.04 -14.71 -30.12
N ALA K 17 -35.64 -15.77 -29.42
CA ALA K 17 -34.39 -15.72 -28.67
C ALA K 17 -33.20 -15.51 -29.60
N GLY K 18 -33.20 -16.19 -30.75
CA GLY K 18 -32.14 -15.97 -31.73
C GLY K 18 -32.13 -14.55 -32.26
N VAL K 19 -33.32 -13.95 -32.43
CA VAL K 19 -33.40 -12.56 -32.86
C VAL K 19 -32.82 -11.64 -31.78
N GLU K 20 -33.24 -11.84 -30.54
CA GLU K 20 -32.81 -10.97 -29.45
C GLU K 20 -31.35 -11.20 -29.06
N GLY K 21 -30.73 -12.29 -29.50
CA GLY K 21 -29.32 -12.51 -29.20
C GLY K 21 -28.44 -11.40 -29.74
N ILE K 22 -28.78 -10.87 -30.91
CA ILE K 22 -28.04 -9.76 -31.47
C ILE K 22 -28.82 -8.45 -31.41
N LEU K 23 -30.16 -8.51 -31.36
CA LEU K 23 -30.93 -7.29 -31.27
C LEU K 23 -30.65 -6.57 -29.96
N ASP K 24 -30.57 -7.32 -28.87
CA ASP K 24 -30.21 -6.78 -27.56
C ASP K 24 -31.08 -5.58 -27.19
N GLN K 25 -32.38 -5.69 -27.49
CA GLN K 25 -33.32 -4.63 -27.13
C GLN K 25 -34.39 -5.11 -26.17
N PHE K 26 -35.15 -6.17 -26.50
CA PHE K 26 -36.19 -6.66 -25.62
C PHE K 26 -35.69 -7.69 -24.62
N HIS K 27 -34.52 -8.28 -24.87
CA HIS K 27 -33.88 -9.21 -23.94
C HIS K 27 -34.81 -10.35 -23.51
N PHE K 28 -35.52 -10.92 -24.50
CA PHE K 28 -36.07 -12.25 -24.34
C PHE K 28 -34.95 -13.29 -24.26
N HIS K 29 -33.77 -12.97 -24.82
CA HIS K 29 -32.66 -13.90 -24.93
C HIS K 29 -31.98 -14.16 -23.60
N GLN K 30 -32.35 -13.42 -22.57
CA GLN K 30 -31.81 -13.65 -21.24
C GLN K 30 -32.27 -14.99 -20.70
N PRO K 31 -31.45 -15.66 -19.88
CA PRO K 31 -31.83 -16.97 -19.35
C PRO K 31 -33.13 -17.00 -18.56
N VAL K 32 -33.41 -15.99 -17.72
CA VAL K 32 -34.64 -16.01 -16.95
C VAL K 32 -35.86 -15.92 -17.88
N ILE K 33 -35.86 -14.95 -18.79
CA ILE K 33 -37.01 -14.75 -19.67
C ILE K 33 -37.19 -15.95 -20.60
N ALA K 34 -36.08 -16.41 -21.19
CA ALA K 34 -36.15 -17.49 -22.16
C ALA K 34 -36.59 -18.80 -21.50
N CYS K 35 -35.95 -19.16 -20.38
CA CYS K 35 -36.33 -20.38 -19.68
C CYS K 35 -37.76 -20.30 -19.19
N THR K 36 -38.19 -19.13 -18.71
CA THR K 36 -39.57 -18.98 -18.28
C THR K 36 -40.54 -19.22 -19.43
N LEU K 37 -40.26 -18.62 -20.60
CA LEU K 37 -41.14 -18.82 -21.76
C LEU K 37 -41.19 -20.28 -22.20
N ILE K 38 -40.02 -20.93 -22.25
CA ILE K 38 -39.98 -22.33 -22.69
C ILE K 38 -40.73 -23.22 -21.70
N GLY K 39 -40.53 -23.00 -20.40
CA GLY K 39 -41.27 -23.77 -19.41
C GLY K 39 -42.77 -23.52 -19.48
N LEU K 40 -43.17 -22.28 -19.74
CA LEU K 40 -44.58 -21.97 -19.86
C LEU K 40 -45.21 -22.69 -21.05
N VAL K 41 -44.50 -22.74 -22.18
CA VAL K 41 -45.10 -23.36 -23.37
C VAL K 41 -44.97 -24.88 -23.33
N THR K 42 -44.07 -25.44 -22.52
CA THR K 42 -43.95 -26.89 -22.42
C THR K 42 -44.77 -27.50 -21.31
N GLY K 43 -45.26 -26.70 -20.36
CA GLY K 43 -45.98 -27.20 -19.21
C GLY K 43 -45.14 -27.49 -18.00
N ASN K 44 -43.81 -27.58 -18.15
CA ASN K 44 -42.89 -27.75 -17.03
C ASN K 44 -42.30 -26.38 -16.69
N LEU K 45 -43.05 -25.63 -15.87
CA LEU K 45 -42.77 -24.20 -15.66
C LEU K 45 -41.71 -23.97 -14.58
N LEU K 46 -41.97 -24.44 -13.36
CA LEU K 46 -41.11 -24.13 -12.22
C LEU K 46 -39.67 -24.62 -12.40
N PRO K 47 -39.40 -25.85 -12.85
CA PRO K 47 -38.00 -26.21 -13.11
C PRO K 47 -37.33 -25.29 -14.11
N CYS K 48 -38.06 -24.85 -15.14
CA CYS K 48 -37.48 -23.93 -16.10
C CYS K 48 -37.19 -22.56 -15.47
N LEU K 49 -38.09 -22.05 -14.62
CA LEU K 49 -37.84 -20.79 -13.94
C LEU K 49 -36.60 -20.88 -13.06
N ILE K 50 -36.49 -21.97 -12.29
CA ILE K 50 -35.32 -22.14 -11.42
C ILE K 50 -34.05 -22.22 -12.25
N LEU K 51 -34.08 -23.01 -13.33
CA LEU K 51 -32.91 -23.13 -14.20
C LEU K 51 -32.52 -21.79 -14.79
N GLY K 52 -33.52 -21.01 -15.25
CA GLY K 52 -33.23 -19.71 -15.83
C GLY K 52 -32.62 -18.74 -14.83
N GLY K 53 -33.13 -18.75 -13.59
CA GLY K 53 -32.47 -17.97 -12.55
C GLY K 53 -31.03 -18.38 -12.36
N THR K 54 -30.78 -19.69 -12.37
CA THR K 54 -29.41 -20.18 -12.21
C THR K 54 -28.50 -19.71 -13.33
N LEU K 55 -28.95 -19.81 -14.59
CA LEU K 55 -28.09 -19.37 -15.69
C LEU K 55 -27.90 -17.86 -15.67
N GLN K 56 -28.95 -17.12 -15.33
CA GLN K 56 -28.82 -15.66 -15.25
C GLN K 56 -27.79 -15.27 -14.22
N MET K 57 -27.74 -16.00 -13.09
CA MET K 57 -26.62 -15.84 -12.18
C MET K 57 -25.31 -16.18 -12.86
N ILE K 58 -25.27 -17.27 -13.62
CA ILE K 58 -24.06 -17.63 -14.37
C ILE K 58 -23.73 -16.56 -15.41
N ALA K 59 -24.74 -16.06 -16.13
CA ALA K 59 -24.52 -15.20 -17.28
C ALA K 59 -24.78 -13.73 -16.99
N LEU K 60 -24.46 -13.27 -15.78
CA LEU K 60 -24.67 -11.86 -15.45
C LEU K 60 -23.80 -10.94 -16.30
N GLY K 61 -22.54 -11.30 -16.49
CA GLY K 61 -21.58 -10.37 -17.08
C GLY K 61 -21.30 -10.55 -18.56
N TRP K 62 -22.15 -11.29 -19.27
CA TRP K 62 -21.94 -11.53 -20.70
C TRP K 62 -22.61 -10.41 -21.48
N ALA K 63 -21.79 -9.53 -22.05
CA ALA K 63 -22.27 -8.43 -22.87
C ALA K 63 -21.28 -8.19 -24.00
N ASN K 64 -21.78 -8.12 -25.22
CA ASN K 64 -20.93 -7.90 -26.37
C ASN K 64 -20.33 -6.50 -26.31
N VAL K 65 -19.00 -6.41 -26.44
CA VAL K 65 -18.29 -5.14 -26.40
C VAL K 65 -17.56 -5.01 -27.73
N GLY K 66 -17.89 -3.97 -28.49
CA GLY K 66 -17.25 -3.78 -29.78
C GLY K 66 -17.50 -4.96 -30.69
N ALA K 67 -16.44 -5.43 -31.34
CA ALA K 67 -16.54 -6.65 -32.14
C ALA K 67 -16.57 -7.89 -31.27
N ALA K 68 -16.00 -7.83 -30.07
CA ALA K 68 -16.02 -8.96 -29.16
C ALA K 68 -17.47 -9.25 -28.76
N VAL K 69 -17.85 -10.51 -28.82
CA VAL K 69 -19.23 -10.93 -28.57
C VAL K 69 -19.22 -12.04 -27.53
N ALA K 70 -20.22 -12.01 -26.65
CA ALA K 70 -20.35 -12.94 -25.54
C ALA K 70 -20.77 -14.32 -26.03
N PRO K 71 -20.61 -15.36 -25.19
CA PRO K 71 -21.03 -16.70 -25.62
C PRO K 71 -22.54 -16.92 -25.64
N ASP K 72 -23.26 -16.03 -26.33
CA ASP K 72 -24.61 -16.30 -26.81
C ASP K 72 -25.54 -16.96 -25.81
N ALA K 73 -25.90 -16.24 -24.74
CA ALA K 73 -26.74 -16.82 -23.71
C ALA K 73 -28.09 -17.31 -24.25
N ALA K 74 -28.51 -16.81 -25.41
CA ALA K 74 -29.79 -17.24 -25.97
C ALA K 74 -29.79 -18.73 -26.30
N LEU K 75 -28.78 -19.21 -27.05
CA LEU K 75 -28.72 -20.64 -27.36
C LEU K 75 -28.51 -21.46 -26.10
N ALA K 76 -27.64 -21.01 -25.19
CA ALA K 76 -27.41 -21.76 -23.96
C ALA K 76 -28.72 -21.95 -23.20
N SER K 77 -29.47 -20.88 -23.02
CA SER K 77 -30.74 -20.96 -22.30
C SER K 77 -31.75 -21.85 -23.03
N ILE K 78 -31.90 -21.66 -24.34
CA ILE K 78 -32.89 -22.42 -25.09
C ILE K 78 -32.57 -23.91 -25.05
N ALA K 79 -31.31 -24.25 -25.31
CA ALA K 79 -30.90 -25.65 -25.35
C ALA K 79 -30.96 -26.29 -23.97
N SER K 80 -30.56 -25.56 -22.92
CA SER K 80 -30.68 -26.11 -21.57
C SER K 80 -32.14 -26.35 -21.21
N ALA K 81 -33.02 -25.41 -21.56
CA ALA K 81 -34.43 -25.58 -21.27
C ALA K 81 -35.01 -26.78 -22.00
N ILE K 82 -34.62 -26.96 -23.27
CA ILE K 82 -35.17 -28.08 -24.03
C ILE K 82 -34.61 -29.41 -23.52
N ILE K 83 -33.33 -29.44 -23.15
CA ILE K 83 -32.78 -30.61 -22.47
C ILE K 83 -33.58 -30.90 -21.21
N LEU K 84 -33.92 -29.85 -20.47
CA LEU K 84 -34.58 -30.02 -19.18
C LEU K 84 -36.01 -30.55 -19.34
N VAL K 85 -36.71 -30.12 -20.40
CA VAL K 85 -38.08 -30.61 -20.60
C VAL K 85 -38.07 -32.02 -21.18
N LEU K 86 -37.23 -32.27 -22.20
CA LEU K 86 -37.29 -33.56 -22.88
C LEU K 86 -36.69 -34.67 -22.05
N GLY K 87 -35.62 -34.40 -21.30
CA GLY K 87 -35.00 -35.44 -20.51
C GLY K 87 -35.73 -35.84 -19.25
N GLY K 88 -36.86 -35.20 -18.95
CA GLY K 88 -37.49 -35.43 -17.67
C GLY K 88 -36.68 -34.77 -16.56
N GLN K 89 -36.93 -35.22 -15.33
CA GLN K 89 -36.18 -34.75 -14.16
C GLN K 89 -36.30 -33.24 -14.00
N GLY K 90 -37.53 -32.79 -13.71
CA GLY K 90 -37.81 -31.38 -13.55
C GLY K 90 -36.83 -30.64 -12.67
N LYS K 91 -36.85 -30.91 -11.37
CA LYS K 91 -35.89 -30.28 -10.48
C LYS K 91 -34.60 -31.07 -10.34
N ALA K 92 -34.60 -32.35 -10.76
CA ALA K 92 -33.40 -33.16 -10.71
C ALA K 92 -32.45 -32.88 -11.88
N GLY K 93 -32.97 -32.51 -13.04
CA GLY K 93 -32.17 -32.18 -14.19
C GLY K 93 -31.70 -30.76 -14.25
N VAL K 94 -31.95 -30.00 -13.18
CA VAL K 94 -31.49 -28.61 -13.12
C VAL K 94 -29.97 -28.56 -13.20
N THR K 95 -29.29 -29.39 -12.40
CA THR K 95 -27.82 -29.40 -12.41
C THR K 95 -27.29 -29.85 -13.76
N SER K 96 -27.90 -30.89 -14.35
CA SER K 96 -27.43 -31.38 -15.65
C SER K 96 -27.59 -30.33 -16.74
N ALA K 97 -28.74 -29.65 -16.78
CA ALA K 97 -28.95 -28.60 -17.77
C ALA K 97 -28.00 -27.43 -17.56
N ILE K 98 -27.77 -27.05 -16.31
CA ILE K 98 -26.82 -25.97 -16.04
C ILE K 98 -25.42 -26.37 -16.49
N ALA K 99 -25.03 -27.63 -16.24
CA ALA K 99 -23.73 -28.10 -16.69
C ALA K 99 -23.61 -28.10 -18.21
N ILE K 100 -24.67 -28.51 -18.92
CA ILE K 100 -24.62 -28.55 -20.38
C ILE K 100 -24.71 -27.16 -21.00
N ALA K 101 -25.16 -26.15 -20.26
CA ALA K 101 -25.36 -24.83 -20.85
C ALA K 101 -24.05 -24.22 -21.37
N VAL K 102 -22.99 -24.28 -20.57
CA VAL K 102 -21.77 -23.52 -20.90
C VAL K 102 -21.15 -23.95 -22.22
N PRO K 103 -20.87 -25.23 -22.47
CA PRO K 103 -20.38 -25.60 -23.81
C PRO K 103 -21.37 -25.26 -24.90
N LEU K 104 -22.67 -25.38 -24.61
CA LEU K 104 -23.69 -24.92 -25.55
C LEU K 104 -23.60 -23.41 -25.76
N ALA K 105 -23.25 -22.66 -24.70
CA ALA K 105 -23.03 -21.22 -24.85
C ALA K 105 -21.85 -20.93 -25.78
N VAL K 106 -20.78 -21.71 -25.67
CA VAL K 106 -19.63 -21.56 -26.58
C VAL K 106 -20.04 -21.91 -28.00
N ALA K 107 -20.83 -22.97 -28.17
CA ALA K 107 -21.32 -23.32 -29.50
C ALA K 107 -22.18 -22.21 -30.09
N GLY K 108 -23.03 -21.59 -29.28
CA GLY K 108 -23.80 -20.44 -29.73
C GLY K 108 -22.94 -19.25 -30.10
N LEU K 109 -21.86 -19.03 -29.36
CA LEU K 109 -20.89 -18.01 -29.73
C LEU K 109 -20.32 -18.28 -31.12
N LEU K 110 -19.93 -19.54 -31.37
CA LEU K 110 -19.39 -19.90 -32.69
C LEU K 110 -20.43 -19.65 -33.78
N LEU K 111 -21.68 -20.06 -33.53
CA LEU K 111 -22.73 -19.89 -34.52
C LEU K 111 -23.00 -18.42 -34.81
N THR K 112 -23.03 -17.59 -33.76
CA THR K 112 -23.27 -16.16 -33.96
C THR K 112 -22.11 -15.49 -34.69
N ILE K 113 -20.88 -15.96 -34.46
CA ILE K 113 -19.75 -15.39 -35.20
C ILE K 113 -19.82 -15.78 -36.66
N ILE K 114 -20.18 -17.04 -36.95
CA ILE K 114 -20.33 -17.49 -38.33
C ILE K 114 -21.39 -16.65 -39.03
N VAL K 115 -22.51 -16.39 -38.35
CA VAL K 115 -23.58 -15.61 -38.94
C VAL K 115 -23.13 -14.16 -39.16
N ARG K 116 -22.45 -13.56 -38.18
CA ARG K 116 -21.98 -12.19 -38.34
C ARG K 116 -20.95 -12.09 -39.46
N THR K 117 -20.21 -13.17 -39.71
CA THR K 117 -19.29 -13.17 -40.84
C THR K 117 -20.04 -13.30 -42.16
N LEU K 118 -21.12 -14.07 -42.18
CA LEU K 118 -21.93 -14.21 -43.39
C LEU K 118 -22.72 -12.95 -43.68
N ALA K 119 -22.88 -12.07 -42.69
CA ALA K 119 -23.64 -10.84 -42.86
C ALA K 119 -22.93 -9.82 -43.76
N THR K 120 -21.67 -10.07 -44.12
CA THR K 120 -20.96 -9.15 -45.00
C THR K 120 -21.58 -9.12 -46.40
N GLY K 121 -22.06 -10.26 -46.89
CA GLY K 121 -22.74 -10.26 -48.17
C GLY K 121 -24.00 -9.40 -48.14
N ILE K 122 -24.73 -9.45 -47.03
CA ILE K 122 -25.90 -8.59 -46.85
C ILE K 122 -25.50 -7.13 -46.84
N VAL K 123 -24.41 -6.80 -46.14
CA VAL K 123 -24.00 -5.40 -46.11
C VAL K 123 -23.56 -4.94 -47.50
N HIS K 124 -23.00 -5.84 -48.30
CA HIS K 124 -22.57 -5.47 -49.65
C HIS K 124 -23.77 -5.27 -50.57
N ILE K 125 -24.79 -6.12 -50.43
CA ILE K 125 -26.01 -5.93 -51.20
C ILE K 125 -26.68 -4.61 -50.81
N MET K 126 -26.59 -4.23 -49.54
CA MET K 126 -27.09 -2.93 -49.13
C MET K 126 -26.26 -1.80 -49.72
N ASP K 127 -24.94 -1.99 -49.83
CA ASP K 127 -24.12 -1.00 -50.53
C ASP K 127 -24.60 -0.82 -51.96
N ALA K 128 -24.90 -1.93 -52.64
CA ALA K 128 -25.43 -1.85 -53.99
C ALA K 128 -26.77 -1.13 -54.01
N ALA K 129 -27.63 -1.42 -53.03
CA ALA K 129 -28.92 -0.74 -52.94
C ALA K 129 -28.74 0.77 -52.76
N ALA K 130 -27.75 1.16 -51.97
CA ALA K 130 -27.39 2.57 -51.86
C ALA K 130 -26.93 3.13 -53.21
N LYS K 131 -26.14 2.35 -53.96
CA LYS K 131 -25.76 2.75 -55.30
C LYS K 131 -26.96 2.92 -56.22
N GLU K 132 -28.06 2.20 -55.96
CA GLU K 132 -29.28 2.35 -56.76
C GLU K 132 -30.41 3.02 -55.99
N GLY K 133 -30.20 3.36 -54.72
CA GLY K 133 -31.16 4.17 -53.97
C GLY K 133 -32.51 3.53 -53.74
N ASN K 134 -32.55 2.27 -53.31
CA ASN K 134 -33.81 1.59 -53.06
C ASN K 134 -33.97 1.37 -51.56
N PHE K 135 -35.03 1.95 -50.98
CA PHE K 135 -35.31 1.74 -49.56
C PHE K 135 -35.85 0.34 -49.30
N ARG K 136 -36.66 -0.17 -50.23
CA ARG K 136 -37.36 -1.43 -50.03
C ARG K 136 -36.40 -2.60 -49.92
N LYS K 137 -35.37 -2.63 -50.76
CA LYS K 137 -34.38 -3.70 -50.65
C LYS K 137 -33.66 -3.65 -49.32
N ILE K 138 -33.38 -2.44 -48.82
CA ILE K 138 -32.75 -2.28 -47.52
C ILE K 138 -33.63 -2.90 -46.44
N GLU K 139 -34.92 -2.55 -46.43
CA GLU K 139 -35.83 -3.09 -45.42
C GLU K 139 -35.96 -4.61 -45.55
N MET K 140 -36.12 -5.11 -46.78
CA MET K 140 -36.27 -6.55 -46.99
C MET K 140 -35.07 -7.31 -46.48
N TRP K 141 -33.86 -6.84 -46.82
CA TRP K 141 -32.66 -7.58 -46.45
C TRP K 141 -32.37 -7.44 -44.95
N GLN K 142 -32.76 -6.32 -44.34
CA GLN K 142 -32.62 -6.22 -42.90
C GLN K 142 -33.54 -7.20 -42.18
N TYR K 143 -34.79 -7.29 -42.63
CA TYR K 143 -35.69 -8.32 -42.12
C TYR K 143 -35.09 -9.71 -42.32
N ILE K 144 -34.49 -9.94 -43.48
CA ILE K 144 -33.91 -11.25 -43.81
C ILE K 144 -32.77 -11.59 -42.87
N ALA K 145 -31.89 -10.63 -42.58
CA ALA K 145 -30.79 -10.86 -41.65
C ALA K 145 -31.29 -11.12 -40.24
N ILE K 146 -32.30 -10.37 -39.81
CA ILE K 146 -32.91 -10.65 -38.51
C ILE K 146 -33.49 -12.06 -38.48
N ILE K 147 -34.08 -12.48 -39.60
CA ILE K 147 -34.63 -13.83 -39.69
C ILE K 147 -33.54 -14.89 -39.56
N MET K 148 -32.41 -14.72 -40.24
CA MET K 148 -31.35 -15.73 -40.08
C MET K 148 -30.73 -15.69 -38.69
N GLN K 149 -30.65 -14.52 -38.06
CA GLN K 149 -30.12 -14.53 -36.70
C GLN K 149 -31.07 -15.23 -35.74
N GLY K 150 -32.38 -15.15 -35.99
CA GLY K 150 -33.31 -15.96 -35.21
C GLY K 150 -33.19 -17.45 -35.50
N VAL K 151 -33.08 -17.81 -36.79
CA VAL K 151 -33.03 -19.22 -37.15
C VAL K 151 -31.70 -19.82 -36.71
N ARG K 152 -30.70 -18.98 -36.46
CA ARG K 152 -29.42 -19.45 -35.94
C ARG K 152 -29.60 -20.25 -34.64
N ILE K 153 -30.61 -19.93 -33.85
CA ILE K 153 -30.93 -20.70 -32.66
C ILE K 153 -32.19 -21.54 -32.86
N ALA K 154 -33.11 -21.12 -33.73
CA ALA K 154 -34.26 -21.96 -34.01
C ALA K 154 -33.85 -23.30 -34.64
N ILE K 155 -32.69 -23.35 -35.29
CA ILE K 155 -32.24 -24.56 -35.98
C ILE K 155 -31.69 -25.57 -34.97
N PRO K 156 -30.77 -25.21 -34.07
CA PRO K 156 -30.36 -26.19 -33.05
C PRO K 156 -31.52 -26.68 -32.21
N ALA K 157 -32.49 -25.81 -31.90
CA ALA K 157 -33.68 -26.25 -31.17
C ALA K 157 -34.51 -27.23 -31.99
N GLY K 158 -34.67 -26.96 -33.29
CA GLY K 158 -35.39 -27.88 -34.14
C GLY K 158 -34.71 -29.24 -34.23
N LEU K 159 -33.39 -29.25 -34.34
CA LEU K 159 -32.64 -30.51 -34.40
C LEU K 159 -32.69 -31.23 -33.05
N ILE K 160 -32.70 -30.50 -31.94
CA ILE K 160 -32.80 -31.15 -30.64
C ILE K 160 -34.19 -31.75 -30.44
N LEU K 161 -35.23 -31.04 -30.84
CA LEU K 161 -36.58 -31.62 -30.78
C LEU K 161 -36.74 -32.78 -31.75
N ALA K 162 -35.99 -32.76 -32.86
CA ALA K 162 -35.96 -33.90 -33.77
C ALA K 162 -35.37 -35.14 -33.09
N ILE K 163 -34.37 -34.95 -32.23
CA ILE K 163 -33.80 -36.05 -31.47
C ILE K 163 -34.68 -36.25 -30.25
N GLY K 164 -35.47 -37.32 -30.25
CA GLY K 164 -36.52 -37.50 -29.26
C GLY K 164 -36.07 -37.59 -27.82
N ALA K 165 -37.04 -37.65 -26.90
CA ALA K 165 -36.73 -37.72 -25.48
C ALA K 165 -35.90 -38.95 -25.12
N GLY K 166 -36.02 -40.03 -25.89
CA GLY K 166 -35.28 -41.23 -25.65
C GLY K 166 -33.77 -41.03 -25.65
N PRO K 167 -33.22 -40.66 -26.81
CA PRO K 167 -31.76 -40.44 -26.89
C PRO K 167 -31.26 -39.30 -26.02
N VAL K 168 -32.05 -38.26 -25.78
CA VAL K 168 -31.56 -37.21 -24.89
C VAL K 168 -31.51 -37.69 -23.45
N LYS K 169 -32.47 -38.52 -23.03
CA LYS K 169 -32.38 -39.16 -21.72
C LYS K 169 -31.18 -40.10 -21.64
N GLU K 170 -30.92 -40.84 -22.71
CA GLU K 170 -29.75 -41.72 -22.75
C GLU K 170 -28.45 -40.93 -22.62
N MET K 171 -28.33 -39.81 -23.34
CA MET K 171 -27.14 -38.98 -23.23
C MET K 171 -27.01 -38.35 -21.85
N LEU K 172 -28.12 -37.93 -21.25
CA LEU K 172 -28.10 -37.41 -19.90
C LEU K 172 -27.68 -38.45 -18.86
N THR K 173 -28.06 -39.71 -19.05
CA THR K 173 -27.65 -40.78 -18.13
C THR K 173 -26.27 -41.34 -18.45
N ALA K 174 -25.75 -41.11 -19.65
CA ALA K 174 -24.45 -41.62 -20.07
C ALA K 174 -23.36 -40.56 -19.97
N MET K 175 -23.44 -39.70 -18.95
CA MET K 175 -22.48 -38.62 -18.79
C MET K 175 -21.46 -39.01 -17.72
N PRO K 176 -20.20 -39.26 -18.09
CA PRO K 176 -19.19 -39.57 -17.07
C PRO K 176 -19.00 -38.39 -16.12
N VAL K 177 -18.65 -38.71 -14.87
CA VAL K 177 -18.42 -37.67 -13.87
C VAL K 177 -17.28 -36.76 -14.29
N TRP K 178 -16.20 -37.35 -14.83
CA TRP K 178 -15.01 -36.58 -15.13
C TRP K 178 -15.25 -35.58 -16.25
N LEU K 179 -16.11 -35.92 -17.23
CA LEU K 179 -16.44 -34.97 -18.28
C LEU K 179 -17.02 -33.69 -17.69
N THR K 180 -18.04 -33.83 -16.83
CA THR K 180 -18.66 -32.65 -16.22
C THR K 180 -17.68 -31.91 -15.32
N ASP K 181 -16.90 -32.66 -14.54
CA ASP K 181 -15.95 -32.02 -13.63
C ASP K 181 -14.90 -31.20 -14.38
N GLY K 182 -14.29 -31.80 -15.41
CA GLY K 182 -13.30 -31.08 -16.19
C GLY K 182 -13.90 -29.92 -16.97
N LEU K 183 -15.14 -30.07 -17.43
CA LEU K 183 -15.82 -28.95 -18.07
C LEU K 183 -16.03 -27.79 -17.10
N ALA K 184 -16.42 -28.09 -15.86
CA ALA K 184 -16.55 -27.04 -14.87
C ALA K 184 -15.20 -26.35 -14.61
N ILE K 185 -14.13 -27.15 -14.51
CA ILE K 185 -12.81 -26.56 -14.27
C ILE K 185 -12.39 -25.68 -15.44
N GLY K 186 -12.62 -26.15 -16.67
CA GLY K 186 -12.29 -25.33 -17.82
C GLY K 186 -13.11 -24.07 -17.91
N GLY K 187 -14.39 -24.14 -17.52
CA GLY K 187 -15.19 -22.93 -17.42
C GLY K 187 -14.65 -21.97 -16.37
N GLY K 188 -14.03 -22.52 -15.32
CA GLY K 188 -13.42 -21.69 -14.30
C GLY K 188 -12.10 -21.04 -14.69
N MET K 189 -11.58 -21.35 -15.88
CA MET K 189 -10.36 -20.72 -16.37
C MET K 189 -10.59 -19.72 -17.49
N VAL K 190 -11.83 -19.58 -17.95
CA VAL K 190 -12.13 -18.86 -19.19
C VAL K 190 -11.78 -17.38 -19.05
N VAL K 191 -12.10 -16.77 -17.90
CA VAL K 191 -11.98 -15.32 -17.75
C VAL K 191 -10.55 -14.83 -17.93
N ALA K 192 -9.58 -15.75 -17.96
CA ALA K 192 -8.21 -15.37 -18.26
C ALA K 192 -8.10 -14.78 -19.67
N VAL K 193 -8.82 -15.36 -20.64
CA VAL K 193 -8.79 -14.84 -22.00
C VAL K 193 -9.31 -13.41 -22.04
N GLY K 194 -10.45 -13.16 -21.37
CA GLY K 194 -11.01 -11.82 -21.36
C GLY K 194 -10.13 -10.81 -20.66
N TYR K 195 -9.58 -11.19 -19.50
CA TYR K 195 -8.69 -10.28 -18.79
C TYR K 195 -7.46 -9.98 -19.63
N ALA K 196 -6.91 -11.00 -20.30
CA ALA K 196 -5.76 -10.79 -21.16
C ALA K 196 -6.07 -9.85 -22.30
N MET K 197 -7.26 -9.99 -22.90
CA MET K 197 -7.63 -9.11 -23.99
C MET K 197 -7.79 -7.66 -23.51
N VAL K 198 -8.42 -7.46 -22.35
CA VAL K 198 -8.55 -6.10 -21.81
C VAL K 198 -7.18 -5.52 -21.47
N ILE K 199 -6.29 -6.32 -20.88
CA ILE K 199 -4.95 -5.84 -20.58
C ILE K 199 -4.21 -5.47 -21.85
N ASN K 200 -4.30 -6.32 -22.87
CA ASN K 200 -3.68 -6.00 -24.15
C ASN K 200 -4.19 -4.67 -24.69
N MET K 201 -5.47 -4.38 -24.46
CA MET K 201 -6.01 -3.09 -24.91
C MET K 201 -5.53 -1.94 -24.03
N MET K 202 -4.99 -2.24 -22.84
CA MET K 202 -4.65 -1.21 -21.87
C MET K 202 -3.18 -1.19 -21.47
N ALA K 203 -2.44 -2.28 -21.66
CA ALA K 203 -1.10 -2.37 -21.09
C ALA K 203 -0.13 -1.44 -21.80
N THR K 204 0.58 -0.64 -21.00
CA THR K 204 1.70 0.19 -21.45
C THR K 204 2.78 0.14 -20.38
N LYS K 205 3.98 0.57 -20.75
CA LYS K 205 5.09 0.58 -19.80
C LYS K 205 4.82 1.48 -18.60
N GLU K 206 3.89 2.44 -18.75
CA GLU K 206 3.58 3.33 -17.64
C GLU K 206 2.53 2.76 -16.68
N VAL K 207 1.89 1.65 -17.03
CA VAL K 207 0.82 1.11 -16.20
C VAL K 207 1.09 -0.29 -15.69
N TRP K 208 2.11 -0.97 -16.18
CA TRP K 208 2.43 -2.31 -15.66
C TRP K 208 2.74 -2.28 -14.17
N PRO K 209 3.49 -1.31 -13.65
CA PRO K 209 3.65 -1.22 -12.18
C PRO K 209 2.33 -1.19 -11.42
N PHE K 210 1.34 -0.44 -11.90
CA PHE K 210 0.06 -0.40 -11.18
C PHE K 210 -0.64 -1.76 -11.22
N PHE K 211 -0.51 -2.47 -12.34
CA PHE K 211 -0.97 -3.85 -12.40
C PHE K 211 -0.33 -4.68 -11.31
N ALA K 212 0.99 -4.55 -11.15
CA ALA K 212 1.69 -5.33 -10.12
C ALA K 212 1.23 -4.95 -8.72
N ILE K 213 1.08 -3.65 -8.44
CA ILE K 213 0.62 -3.23 -7.12
C ILE K 213 -0.75 -3.81 -6.83
N GLY K 214 -1.69 -3.67 -7.76
CA GLY K 214 -3.02 -4.21 -7.53
C GLY K 214 -3.02 -5.72 -7.35
N PHE K 215 -2.26 -6.42 -8.19
CA PHE K 215 -2.20 -7.88 -8.09
C PHE K 215 -1.67 -8.31 -6.74
N VAL K 216 -0.59 -7.67 -6.25
CA VAL K 216 -0.01 -8.05 -4.97
C VAL K 216 -0.93 -7.66 -3.82
N LEU K 217 -1.64 -6.53 -3.95
CA LEU K 217 -2.57 -6.13 -2.90
C LEU K 217 -3.79 -7.04 -2.84
N ALA K 218 -4.09 -7.72 -3.95
CA ALA K 218 -5.19 -8.68 -3.92
C ALA K 218 -4.91 -9.86 -2.99
N THR K 219 -3.66 -10.07 -2.57
CA THR K 219 -3.33 -11.19 -1.70
C THR K 219 -3.67 -10.92 -0.23
N ILE K 220 -4.06 -9.69 0.12
CA ILE K 220 -4.52 -9.42 1.48
C ILE K 220 -6.03 -9.57 1.50
N SER K 221 -6.51 -10.72 2.01
CA SER K 221 -7.89 -11.11 1.82
C SER K 221 -8.85 -10.29 2.68
N GLN K 222 -8.34 -9.51 3.64
CA GLN K 222 -9.21 -8.61 4.38
C GLN K 222 -9.64 -7.42 3.54
N LEU K 223 -8.80 -6.99 2.59
CA LEU K 223 -9.17 -5.91 1.69
C LEU K 223 -10.31 -6.36 0.78
N THR K 224 -11.32 -5.51 0.63
CA THR K 224 -12.43 -5.81 -0.25
C THR K 224 -12.20 -5.20 -1.63
N LEU K 225 -12.95 -5.67 -2.62
CA LEU K 225 -12.76 -5.22 -3.99
C LEU K 225 -13.11 -3.74 -4.15
N ILE K 226 -14.12 -3.27 -3.41
CA ILE K 226 -14.41 -1.84 -3.38
C ILE K 226 -13.20 -1.09 -2.81
N GLY K 227 -12.60 -1.63 -1.75
CA GLY K 227 -11.41 -1.00 -1.20
C GLY K 227 -10.25 -0.98 -2.18
N LEU K 228 -10.08 -2.07 -2.93
CA LEU K 228 -9.04 -2.11 -3.96
C LEU K 228 -9.30 -1.08 -5.03
N GLY K 229 -10.56 -0.92 -5.43
CA GLY K 229 -10.90 0.12 -6.39
C GLY K 229 -10.61 1.51 -5.85
N ALA K 230 -10.91 1.74 -4.57
CA ALA K 230 -10.60 3.03 -3.96
C ALA K 230 -9.11 3.31 -3.98
N ILE K 231 -8.30 2.30 -3.65
CA ILE K 231 -6.85 2.45 -3.71
C ILE K 231 -6.42 2.77 -5.13
N GLY K 232 -7.01 2.10 -6.12
CA GLY K 232 -6.67 2.36 -7.52
C GLY K 232 -7.00 3.78 -7.95
N ILE K 233 -8.20 4.26 -7.60
CA ILE K 233 -8.58 5.64 -7.93
C ILE K 233 -7.63 6.61 -7.26
N SER K 234 -7.27 6.36 -6.01
CA SER K 234 -6.40 7.28 -5.28
C SER K 234 -5.02 7.35 -5.94
N LEU K 235 -4.47 6.20 -6.31
CA LEU K 235 -3.18 6.20 -7.02
C LEU K 235 -3.30 6.91 -8.36
N ALA K 236 -4.41 6.70 -9.08
CA ALA K 236 -4.58 7.34 -10.39
C ALA K 236 -4.63 8.85 -10.25
N LEU K 237 -5.37 9.35 -9.26
CA LEU K 237 -5.49 10.78 -9.07
C LEU K 237 -4.17 11.40 -8.62
N ILE K 238 -3.46 10.74 -7.71
CA ILE K 238 -2.15 11.25 -7.31
C ILE K 238 -1.20 11.27 -8.51
N TYR K 239 -1.21 10.22 -9.33
CA TYR K 239 -0.35 10.17 -10.51
C TYR K 239 -0.66 11.28 -11.48
N LEU K 240 -1.94 11.54 -11.75
CA LEU K 240 -2.28 12.59 -12.70
C LEU K 240 -1.94 13.96 -12.16
N ALA K 241 -2.20 14.20 -10.86
CA ALA K 241 -1.85 15.49 -10.27
C ALA K 241 -0.34 15.75 -10.31
N LEU K 242 0.46 14.70 -10.06
CA LEU K 242 1.91 14.83 -10.16
C LEU K 242 2.39 15.01 -11.59
N SER K 243 1.79 14.29 -12.55
CA SER K 243 2.28 14.36 -13.93
C SER K 243 1.86 15.67 -14.59
N LYS K 244 0.75 16.26 -14.16
CA LYS K 244 0.37 17.58 -14.68
C LYS K 244 1.37 18.65 -14.24
N GLN K 245 1.85 18.58 -13.00
CA GLN K 245 2.95 19.43 -12.59
C GLN K 245 4.23 19.10 -13.37
N GLY K 246 4.45 17.80 -13.63
CA GLY K 246 5.63 17.41 -14.39
C GLY K 246 5.67 18.00 -15.79
N SER K 247 4.52 18.02 -16.46
CA SER K 247 4.47 18.59 -17.81
C SER K 247 4.68 20.11 -17.78
N GLY K 248 4.38 20.73 -16.66
CA GLY K 248 4.56 22.16 -16.49
C GLY K 248 3.37 22.81 -15.80
N GLN L 1 -39.97 24.59 -44.32
CA GLN L 1 -40.14 23.79 -45.54
C GLN L 1 -40.20 22.30 -45.22
N LEU L 2 -39.06 21.63 -45.33
CA LEU L 2 -38.98 20.19 -45.08
C LEU L 2 -38.77 19.94 -43.58
N LYS L 3 -39.77 20.32 -42.80
CA LYS L 3 -39.77 20.05 -41.37
C LYS L 3 -40.25 18.62 -41.12
N LEU L 4 -39.69 17.98 -40.10
CA LEU L 4 -40.04 16.61 -39.74
C LEU L 4 -41.11 16.65 -38.64
N THR L 5 -42.22 15.95 -38.86
CA THR L 5 -43.30 15.90 -37.90
C THR L 5 -43.00 14.87 -36.80
N LYS L 6 -43.87 14.86 -35.77
CA LYS L 6 -43.68 13.94 -34.65
C LYS L 6 -43.82 12.49 -35.10
N LYS L 7 -44.68 12.23 -36.08
CA LYS L 7 -44.89 10.86 -36.54
C LYS L 7 -43.61 10.23 -37.07
N ASP L 8 -42.85 10.96 -37.88
CA ASP L 8 -41.62 10.42 -38.42
C ASP L 8 -40.59 10.17 -37.32
N ARG L 9 -40.56 11.03 -36.31
CA ARG L 9 -39.66 10.81 -35.18
C ARG L 9 -40.06 9.55 -34.41
N ILE L 10 -41.36 9.30 -34.24
CA ILE L 10 -41.78 8.09 -33.55
C ILE L 10 -41.45 6.85 -34.39
N SER L 11 -41.59 6.97 -35.71
CA SER L 11 -41.24 5.85 -36.58
C SER L 11 -39.74 5.56 -36.50
N VAL L 12 -38.92 6.60 -36.45
CA VAL L 12 -37.48 6.42 -36.24
C VAL L 12 -37.23 5.73 -34.91
N TRP L 13 -37.97 6.13 -33.87
CA TRP L 13 -37.90 5.44 -32.57
C TRP L 13 -38.16 3.95 -32.72
N LEU L 14 -39.26 3.58 -33.37
CA LEU L 14 -39.62 2.18 -33.47
C LEU L 14 -38.59 1.41 -34.30
N ARG L 15 -38.06 2.03 -35.35
CA ARG L 15 -37.09 1.34 -36.19
C ARG L 15 -35.72 1.22 -35.55
N SER L 16 -35.41 2.08 -34.55
CA SER L 16 -34.09 2.01 -33.92
C SER L 16 -33.88 0.72 -33.14
N THR L 17 -34.94 -0.03 -32.82
CA THR L 17 -34.76 -1.30 -32.12
C THR L 17 -33.98 -2.30 -32.96
N PHE L 18 -34.06 -2.17 -34.29
CA PHE L 18 -33.40 -3.06 -35.23
C PHE L 18 -32.04 -2.50 -35.65
N LEU L 19 -31.44 -1.66 -34.81
CA LEU L 19 -30.21 -0.96 -35.17
C LEU L 19 -29.07 -1.96 -35.35
N GLN L 20 -29.20 -3.14 -34.76
CA GLN L 20 -28.21 -4.21 -34.86
C GLN L 20 -28.67 -5.33 -35.79
N GLY L 21 -29.47 -5.00 -36.81
CA GLY L 21 -30.05 -6.05 -37.64
C GLY L 21 -29.04 -6.81 -38.47
N SER L 22 -28.15 -6.10 -39.15
CA SER L 22 -27.18 -6.75 -40.04
C SER L 22 -25.97 -7.24 -39.27
N TRP L 23 -25.25 -6.34 -38.60
CA TRP L 23 -24.08 -6.65 -37.78
C TRP L 23 -23.07 -7.55 -38.50
N ASN L 24 -22.54 -6.99 -39.58
CA ASN L 24 -21.33 -7.54 -40.15
C ASN L 24 -20.13 -6.91 -39.46
N TYR L 25 -18.96 -7.51 -39.66
CA TYR L 25 -17.74 -7.05 -39.02
C TYR L 25 -17.05 -5.93 -39.79
N GLU L 26 -17.34 -5.79 -41.09
CA GLU L 26 -16.66 -4.79 -41.91
C GLU L 26 -17.16 -3.39 -41.58
N ARG L 27 -18.45 -3.14 -41.79
CA ARG L 27 -19.12 -1.94 -41.30
C ARG L 27 -20.17 -2.40 -40.30
N MET L 28 -20.06 -1.91 -39.06
CA MET L 28 -20.59 -2.65 -37.92
C MET L 28 -22.11 -2.59 -37.87
N GLN L 29 -22.66 -1.39 -37.70
CA GLN L 29 -24.10 -1.22 -37.55
C GLN L 29 -24.69 -0.29 -38.60
N ASN L 30 -24.08 -0.26 -39.79
CA ASN L 30 -24.58 0.62 -40.84
C ASN L 30 -25.96 0.17 -41.34
N GLY L 31 -26.24 -1.13 -41.30
CA GLY L 31 -27.54 -1.60 -41.77
C GLY L 31 -28.68 -1.07 -40.93
N GLY L 32 -28.62 -1.31 -39.62
CA GLY L 32 -29.67 -0.83 -38.73
C GLY L 32 -29.72 0.69 -38.66
N TRP L 33 -28.54 1.33 -38.71
CA TRP L 33 -28.49 2.78 -38.71
C TRP L 33 -29.22 3.35 -39.92
N ALA L 34 -28.90 2.85 -41.12
CA ALA L 34 -29.56 3.32 -42.32
C ALA L 34 -31.04 2.96 -42.32
N TYR L 35 -31.39 1.81 -41.77
CA TYR L 35 -32.79 1.40 -41.69
C TYR L 35 -33.58 2.36 -40.81
N THR L 36 -33.01 2.78 -39.68
CA THR L 36 -33.69 3.71 -38.79
C THR L 36 -33.94 5.06 -39.46
N LEU L 37 -33.12 5.42 -40.44
CA LEU L 37 -33.18 6.72 -41.09
C LEU L 37 -33.99 6.71 -42.39
N ILE L 38 -34.57 5.56 -42.76
CA ILE L 38 -35.32 5.48 -44.02
C ILE L 38 -36.50 6.45 -44.04
N PRO L 39 -37.32 6.56 -42.99
CA PRO L 39 -38.37 7.60 -43.03
C PRO L 39 -37.83 9.01 -43.20
N ALA L 40 -36.71 9.33 -42.56
CA ALA L 40 -36.11 10.65 -42.74
C ALA L 40 -35.65 10.86 -44.17
N LEU L 41 -34.97 9.85 -44.74
CA LEU L 41 -34.46 9.98 -46.09
C LEU L 41 -35.61 10.03 -47.10
N LYS L 42 -36.71 9.36 -46.81
CA LYS L 42 -37.90 9.44 -47.66
C LYS L 42 -38.49 10.84 -47.62
N LYS L 43 -38.72 11.36 -46.41
CA LYS L 43 -39.47 12.59 -46.25
C LYS L 43 -38.64 13.82 -46.59
N LEU L 44 -37.31 13.70 -46.57
CA LEU L 44 -36.45 14.85 -46.81
C LEU L 44 -36.12 15.07 -48.27
N TYR L 45 -35.72 14.03 -48.99
CA TYR L 45 -35.23 14.15 -50.36
C TYR L 45 -36.12 13.32 -51.26
N LYS L 46 -36.39 13.81 -52.47
CA LYS L 46 -37.27 13.12 -53.41
C LYS L 46 -36.65 12.79 -54.76
N THR L 47 -35.49 13.35 -55.07
CA THR L 47 -34.83 13.02 -56.33
C THR L 47 -34.14 11.68 -56.22
N LYS L 48 -33.99 11.01 -57.36
CA LYS L 48 -33.30 9.71 -57.36
C LYS L 48 -31.83 9.86 -57.00
N GLU L 49 -31.19 10.94 -57.46
CA GLU L 49 -29.80 11.18 -57.09
C GLU L 49 -29.64 11.47 -55.60
N ASP L 50 -30.59 12.21 -55.01
CA ASP L 50 -30.44 12.61 -53.60
C ASP L 50 -30.68 11.43 -52.66
N ARG L 51 -31.67 10.59 -52.98
CA ARG L 51 -31.87 9.39 -52.17
C ARG L 51 -30.66 8.47 -52.22
N SER L 52 -30.06 8.32 -53.41
CA SER L 52 -28.82 7.54 -53.50
C SER L 52 -27.69 8.20 -52.70
N ALA L 53 -27.60 9.53 -52.75
CA ALA L 53 -26.57 10.22 -51.98
C ALA L 53 -26.72 9.94 -50.49
N ALA L 54 -27.96 10.06 -49.98
CA ALA L 54 -28.20 9.81 -48.56
C ALA L 54 -27.94 8.35 -48.18
N LEU L 55 -28.37 7.41 -49.04
CA LEU L 55 -28.18 5.99 -48.70
C LEU L 55 -26.70 5.61 -48.72
N VAL L 56 -25.95 6.06 -49.75
CA VAL L 56 -24.51 5.80 -49.77
C VAL L 56 -23.86 6.44 -48.56
N ARG L 57 -24.34 7.63 -48.16
CA ARG L 57 -23.81 8.30 -46.98
C ARG L 57 -24.00 7.48 -45.72
N HIS L 58 -25.20 6.90 -45.56
CA HIS L 58 -25.56 6.24 -44.31
C HIS L 58 -25.28 4.74 -44.32
N MET L 59 -24.71 4.18 -45.39
CA MET L 59 -24.17 2.83 -45.35
C MET L 59 -22.73 2.77 -44.85
N GLU L 60 -22.15 3.89 -44.44
CA GLU L 60 -20.79 3.88 -43.95
C GLU L 60 -20.71 3.40 -42.50
N PHE L 61 -19.48 3.24 -42.02
CA PHE L 61 -19.21 2.54 -40.77
C PHE L 61 -19.80 3.28 -39.58
N PHE L 62 -20.64 2.58 -38.80
CA PHE L 62 -21.23 3.13 -37.60
C PHE L 62 -21.34 2.05 -36.54
N ASN L 63 -20.95 2.38 -35.31
CA ASN L 63 -21.08 1.47 -34.18
C ASN L 63 -21.03 2.24 -32.86
N THR L 64 -21.88 1.83 -31.93
CA THR L 64 -21.84 2.31 -30.55
C THR L 64 -22.71 1.37 -29.74
N HIS L 65 -22.95 1.74 -28.49
CA HIS L 65 -23.96 1.03 -27.71
C HIS L 65 -25.34 1.44 -28.23
N PRO L 66 -26.21 0.48 -28.58
CA PRO L 66 -27.41 0.84 -29.35
C PRO L 66 -28.39 1.73 -28.60
N TYR L 67 -28.33 1.77 -27.27
CA TYR L 67 -29.25 2.63 -26.54
C TYR L 67 -28.82 4.10 -26.58
N VAL L 68 -27.52 4.37 -26.54
CA VAL L 68 -27.02 5.74 -26.43
C VAL L 68 -26.80 6.34 -27.81
N ALA L 69 -27.30 5.68 -28.85
CA ALA L 69 -27.25 6.25 -30.20
C ALA L 69 -28.36 7.28 -30.43
N ALA L 70 -29.35 7.35 -29.55
CA ALA L 70 -30.47 8.26 -29.77
C ALA L 70 -30.07 9.73 -29.82
N PRO L 71 -29.19 10.24 -28.95
CA PRO L 71 -28.70 11.62 -29.16
C PRO L 71 -27.98 11.80 -30.48
N ILE L 72 -27.24 10.79 -30.93
CA ILE L 72 -26.67 10.83 -32.27
C ILE L 72 -27.78 10.85 -33.31
N LEU L 73 -28.83 10.05 -33.09
CA LEU L 73 -29.97 10.05 -34.00
C LEU L 73 -30.55 11.45 -34.14
N GLY L 74 -30.74 12.13 -33.01
CA GLY L 74 -31.32 13.47 -33.04
C GLY L 74 -30.42 14.49 -33.72
N VAL L 75 -29.11 14.46 -33.42
CA VAL L 75 -28.21 15.44 -34.04
C VAL L 75 -28.09 15.16 -35.54
N THR L 76 -28.06 13.89 -35.93
CA THR L 76 -28.04 13.53 -37.34
C THR L 76 -29.31 14.00 -38.04
N LEU L 77 -30.46 13.83 -37.40
CA LEU L 77 -31.71 14.28 -38.00
C LEU L 77 -31.73 15.80 -38.17
N ALA L 78 -31.23 16.53 -37.17
CA ALA L 78 -31.16 17.98 -37.29
C ALA L 78 -30.23 18.40 -38.44
N LEU L 79 -29.08 17.75 -38.56
CA LEU L 79 -28.14 18.08 -39.62
C LEU L 79 -28.72 17.78 -40.99
N GLU L 80 -29.42 16.66 -41.12
CA GLU L 80 -30.00 16.32 -42.42
C GLU L 80 -31.19 17.21 -42.77
N GLU L 81 -31.96 17.64 -41.76
CA GLU L 81 -33.02 18.60 -42.01
C GLU L 81 -32.44 19.92 -42.52
N GLU L 82 -31.35 20.37 -41.89
CA GLU L 82 -30.65 21.55 -42.39
C GLU L 82 -30.14 21.35 -43.81
N ARG L 83 -29.56 20.17 -44.09
CA ARG L 83 -29.06 19.89 -45.43
C ARG L 83 -30.18 19.93 -46.46
N ALA L 84 -31.35 19.41 -46.09
CA ALA L 84 -32.49 19.42 -47.00
C ALA L 84 -33.00 20.84 -47.23
N ASN L 85 -33.02 21.66 -46.18
CA ASN L 85 -33.55 23.01 -46.34
C ASN L 85 -32.53 23.98 -46.90
N GLY L 86 -31.29 23.54 -47.11
CA GLY L 86 -30.26 24.43 -47.62
C GLY L 86 -29.29 24.86 -46.54
N ALA L 87 -28.11 24.25 -46.53
CA ALA L 87 -27.04 24.60 -45.60
C ALA L 87 -25.77 23.98 -46.14
N PRO L 88 -24.67 24.72 -46.19
CA PRO L 88 -23.42 24.12 -46.67
C PRO L 88 -22.86 23.09 -45.71
N ILE L 89 -23.52 21.94 -45.63
CA ILE L 89 -23.02 20.75 -44.94
C ILE L 89 -22.72 19.72 -46.03
N ASP L 90 -21.46 19.33 -46.15
CA ASP L 90 -21.03 18.51 -47.29
C ASP L 90 -20.25 17.30 -46.78
N ASP L 91 -20.97 16.25 -46.38
CA ASP L 91 -20.40 14.93 -46.15
C ASP L 91 -19.30 14.91 -45.08
N VAL L 92 -19.03 16.07 -44.48
CA VAL L 92 -17.88 16.21 -43.59
C VAL L 92 -18.40 16.45 -42.17
N THR L 93 -19.55 17.09 -42.07
CA THR L 93 -20.15 17.34 -40.76
C THR L 93 -21.13 16.23 -40.36
N ILE L 94 -21.84 15.67 -41.33
CA ILE L 94 -22.66 14.49 -41.05
C ILE L 94 -21.80 13.38 -40.44
N GLN L 95 -20.83 12.89 -41.23
CA GLN L 95 -19.93 11.86 -40.75
C GLN L 95 -19.08 12.35 -39.58
N GLY L 96 -18.69 13.63 -39.58
CA GLY L 96 -17.83 14.12 -38.52
C GLY L 96 -18.50 14.08 -37.16
N VAL L 97 -19.72 14.63 -37.07
CA VAL L 97 -20.44 14.62 -35.81
C VAL L 97 -20.81 13.19 -35.43
N LYS L 98 -21.20 12.39 -36.42
CA LYS L 98 -21.51 10.99 -36.14
C LYS L 98 -20.34 10.28 -35.47
N VAL L 99 -19.15 10.33 -36.09
CA VAL L 99 -17.99 9.60 -35.57
C VAL L 99 -17.48 10.23 -34.28
N GLY L 100 -17.64 11.54 -34.12
CA GLY L 100 -17.31 12.16 -32.86
C GLY L 100 -18.17 11.64 -31.73
N MET L 101 -19.44 11.34 -32.02
CA MET L 101 -20.36 10.90 -30.99
C MET L 101 -20.31 9.39 -30.72
N MET L 102 -19.90 8.60 -31.72
CA MET L 102 -19.87 7.13 -31.56
C MET L 102 -19.01 6.71 -30.36
N GLY L 103 -17.79 7.21 -30.26
CA GLY L 103 -16.82 6.69 -29.34
C GLY L 103 -17.14 6.91 -27.87
N PRO L 104 -17.12 8.18 -27.45
CA PRO L 104 -17.34 8.47 -26.02
C PRO L 104 -18.68 8.00 -25.50
N LEU L 105 -19.74 8.06 -26.32
CA LEU L 105 -21.03 7.55 -25.85
C LEU L 105 -21.00 6.04 -25.69
N ALA L 106 -20.29 5.32 -26.56
CA ALA L 106 -20.14 3.89 -26.35
C ALA L 106 -19.37 3.60 -25.06
N GLY L 107 -18.30 4.35 -24.81
CA GLY L 107 -17.53 4.16 -23.59
C GLY L 107 -18.25 4.59 -22.33
N ILE L 108 -19.27 5.43 -22.44
CA ILE L 108 -20.07 5.79 -21.29
C ILE L 108 -21.33 4.91 -21.17
N GLY L 109 -21.71 4.22 -22.25
CA GLY L 109 -22.89 3.38 -22.24
C GLY L 109 -22.60 1.94 -21.86
N ASP L 110 -21.49 1.40 -22.36
CA ASP L 110 -21.10 0.03 -22.00
C ASP L 110 -21.03 -0.17 -20.49
N PRO L 111 -20.48 0.74 -19.69
CA PRO L 111 -20.60 0.57 -18.24
C PRO L 111 -22.03 0.72 -17.73
N VAL L 112 -22.74 1.78 -18.12
CA VAL L 112 -24.03 2.11 -17.50
C VAL L 112 -25.04 0.99 -17.74
N PHE L 113 -25.18 0.56 -18.99
CA PHE L 113 -26.25 -0.37 -19.35
C PHE L 113 -25.81 -1.83 -19.25
N TRP L 114 -24.60 -2.16 -19.73
CA TRP L 114 -24.16 -3.56 -19.73
C TRP L 114 -23.69 -4.05 -18.36
N PHE L 115 -22.68 -3.39 -17.78
CA PHE L 115 -21.96 -3.92 -16.63
C PHE L 115 -22.36 -3.30 -15.30
N THR L 116 -23.33 -2.38 -15.27
CA THR L 116 -23.78 -1.78 -14.02
C THR L 116 -25.25 -2.04 -13.73
N VAL L 117 -26.15 -1.72 -14.66
CA VAL L 117 -27.58 -1.84 -14.39
C VAL L 117 -28.11 -3.23 -14.80
N LYS L 118 -27.64 -3.75 -15.95
CA LYS L 118 -28.09 -5.06 -16.38
C LYS L 118 -27.79 -6.16 -15.37
N PRO L 119 -26.56 -6.29 -14.84
CA PRO L 119 -26.32 -7.36 -13.86
C PRO L 119 -27.08 -7.21 -12.54
N ILE L 120 -27.35 -5.99 -12.07
CA ILE L 120 -28.12 -5.85 -10.83
C ILE L 120 -29.57 -6.25 -11.05
N ILE L 121 -30.16 -5.77 -12.16
CA ILE L 121 -31.52 -6.19 -12.48
C ILE L 121 -31.58 -7.70 -12.67
N GLY L 122 -30.57 -8.26 -13.34
CA GLY L 122 -30.50 -9.70 -13.54
C GLY L 122 -30.34 -10.49 -12.25
N ALA L 123 -29.54 -9.98 -11.33
CA ALA L 123 -29.37 -10.64 -10.04
C ALA L 123 -30.67 -10.64 -9.26
N LEU L 124 -31.39 -9.51 -9.26
CA LEU L 124 -32.69 -9.48 -8.60
C LEU L 124 -33.64 -10.49 -9.23
N ALA L 125 -33.71 -10.51 -10.57
CA ALA L 125 -34.60 -11.45 -11.25
C ALA L 125 -34.19 -12.89 -10.98
N ALA L 126 -32.89 -13.17 -10.93
CA ALA L 126 -32.41 -14.53 -10.71
C ALA L 126 -32.71 -15.00 -9.29
N SER L 127 -32.50 -14.14 -8.29
CA SER L 127 -32.85 -14.49 -6.92
C SER L 127 -34.35 -14.76 -6.80
N LEU L 128 -35.16 -13.92 -7.46
CA LEU L 128 -36.60 -14.13 -7.44
C LEU L 128 -36.99 -15.44 -8.11
N ALA L 129 -36.39 -15.73 -9.27
CA ALA L 129 -36.73 -16.93 -10.03
C ALA L 129 -36.30 -18.20 -9.29
N MET L 130 -35.13 -18.18 -8.66
CA MET L 130 -34.68 -19.34 -7.90
C MET L 130 -35.43 -19.48 -6.58
N SER L 131 -36.00 -18.38 -6.09
CA SER L 131 -36.82 -18.47 -4.88
C SER L 131 -38.21 -19.04 -5.16
N GLY L 132 -38.51 -19.44 -6.39
CA GLY L 132 -39.82 -19.96 -6.73
C GLY L 132 -40.87 -18.92 -7.07
N ASN L 133 -40.52 -17.64 -7.08
CA ASN L 133 -41.44 -16.58 -7.45
C ASN L 133 -41.35 -16.33 -8.95
N ILE L 134 -42.50 -16.41 -9.63
CA ILE L 134 -42.57 -16.08 -11.05
C ILE L 134 -42.32 -14.60 -11.31
N LEU L 135 -42.31 -13.77 -10.26
CA LEU L 135 -42.19 -12.33 -10.41
C LEU L 135 -40.81 -11.90 -10.90
N GLY L 136 -39.83 -12.80 -10.91
CA GLY L 136 -38.49 -12.47 -11.35
C GLY L 136 -38.38 -12.02 -12.78
N PRO L 137 -38.66 -12.92 -13.72
CA PRO L 137 -38.59 -12.54 -15.15
C PRO L 137 -39.56 -11.43 -15.51
N ILE L 138 -40.72 -11.37 -14.87
CA ILE L 138 -41.67 -10.30 -15.15
C ILE L 138 -41.07 -8.95 -14.76
N ILE L 139 -40.53 -8.86 -13.55
CA ILE L 139 -39.90 -7.62 -13.11
C ILE L 139 -38.73 -7.26 -14.03
N TYR L 140 -37.93 -8.26 -14.41
CA TYR L 140 -36.77 -8.01 -15.26
C TYR L 140 -37.18 -7.40 -16.59
N PHE L 141 -38.11 -8.04 -17.28
CA PHE L 141 -38.57 -7.54 -18.58
C PHE L 141 -39.17 -6.15 -18.43
N VAL L 142 -40.04 -5.98 -17.43
CA VAL L 142 -40.70 -4.69 -17.24
C VAL L 142 -39.67 -3.58 -17.03
N ALA L 143 -38.75 -3.79 -16.08
CA ALA L 143 -37.81 -2.74 -15.71
C ALA L 143 -36.87 -2.43 -16.86
N TRP L 144 -36.25 -3.45 -17.44
CA TRP L 144 -35.26 -3.20 -18.49
C TRP L 144 -35.92 -2.52 -19.70
N ASN L 145 -37.10 -3.01 -20.12
CA ASN L 145 -37.74 -2.40 -21.27
C ASN L 145 -38.21 -0.97 -20.99
N ALA L 146 -38.74 -0.70 -19.79
CA ALA L 146 -39.13 0.67 -19.47
C ALA L 146 -37.93 1.60 -19.50
N ILE L 147 -36.83 1.17 -18.88
CA ILE L 147 -35.61 1.97 -18.87
C ILE L 147 -35.17 2.26 -20.30
N ARG L 148 -35.12 1.23 -21.13
CA ARG L 148 -34.62 1.40 -22.49
C ARG L 148 -35.52 2.34 -23.29
N MET L 149 -36.83 2.09 -23.29
CA MET L 149 -37.71 2.89 -24.13
C MET L 149 -37.71 4.35 -23.70
N ALA L 150 -37.79 4.61 -22.38
CA ALA L 150 -37.76 6.00 -21.93
C ALA L 150 -36.45 6.67 -22.31
N PHE L 151 -35.32 6.01 -22.05
CA PHE L 151 -34.03 6.60 -22.34
C PHE L 151 -33.90 6.90 -23.83
N THR L 152 -34.24 5.92 -24.68
CA THR L 152 -34.07 6.10 -26.12
C THR L 152 -34.93 7.23 -26.65
N TRP L 153 -36.21 7.27 -26.25
CA TRP L 153 -37.09 8.30 -26.80
C TRP L 153 -36.67 9.68 -26.33
N TYR L 154 -36.44 9.84 -25.01
CA TYR L 154 -36.06 11.14 -24.50
C TYR L 154 -34.73 11.62 -25.08
N THR L 155 -33.74 10.72 -25.17
CA THR L 155 -32.44 11.10 -25.70
C THR L 155 -32.54 11.46 -27.18
N GLN L 156 -33.37 10.76 -27.96
CA GLN L 156 -33.57 11.14 -29.34
C GLN L 156 -34.17 12.55 -29.44
N GLU L 157 -35.16 12.84 -28.60
CA GLU L 157 -35.79 14.16 -28.66
C GLU L 157 -34.79 15.25 -28.28
N PHE L 158 -33.98 15.00 -27.25
CA PHE L 158 -32.95 15.96 -26.86
C PHE L 158 -31.91 16.16 -27.97
N GLY L 159 -31.45 15.06 -28.58
CA GLY L 159 -30.47 15.19 -29.64
C GLY L 159 -31.01 15.94 -30.84
N TYR L 160 -32.30 15.80 -31.12
CA TYR L 160 -32.89 16.56 -32.21
C TYR L 160 -33.02 18.04 -31.84
N ARG L 161 -33.49 18.33 -30.64
CA ARG L 161 -33.70 19.72 -30.25
C ARG L 161 -32.41 20.46 -30.00
N ALA L 162 -31.35 19.77 -29.57
CA ALA L 162 -30.10 20.42 -29.19
C ALA L 162 -29.20 20.79 -30.36
N GLY L 163 -29.50 20.31 -31.56
CA GLY L 163 -28.65 20.59 -32.70
C GLY L 163 -27.23 20.05 -32.49
N SER L 164 -26.30 20.59 -33.26
CA SER L 164 -24.88 20.27 -33.12
C SER L 164 -24.17 21.19 -32.15
N LYS L 165 -24.89 21.79 -31.21
CA LYS L 165 -24.34 22.73 -30.23
C LYS L 165 -23.91 22.06 -28.94
N ILE L 166 -23.97 20.73 -28.86
CA ILE L 166 -23.42 19.99 -27.73
C ILE L 166 -21.98 19.57 -27.95
N THR L 167 -21.61 19.15 -29.17
CA THR L 167 -20.28 18.65 -29.44
C THR L 167 -19.23 19.75 -29.60
N GLU L 168 -19.65 21.00 -29.81
CA GLU L 168 -18.69 22.11 -29.89
C GLU L 168 -17.99 22.32 -28.56
N ASP L 169 -18.72 22.15 -27.46
CA ASP L 169 -18.14 22.24 -26.11
C ASP L 169 -17.72 20.84 -25.69
N LEU L 170 -16.98 20.16 -26.56
CA LEU L 170 -16.50 18.81 -26.26
C LEU L 170 -15.03 18.72 -26.63
N SER L 171 -14.22 19.67 -26.16
CA SER L 171 -12.80 19.70 -26.46
C SER L 171 -12.10 18.46 -25.90
N GLY L 172 -11.01 18.05 -26.54
CA GLY L 172 -10.32 16.84 -26.17
C GLY L 172 -9.19 17.05 -25.18
N GLY L 173 -9.19 18.19 -24.48
CA GLY L 173 -8.15 18.45 -23.51
C GLY L 173 -8.34 17.68 -22.22
N ILE L 174 -9.51 17.09 -22.02
CA ILE L 174 -9.80 16.40 -20.76
C ILE L 174 -10.04 14.90 -20.95
N LEU L 175 -10.42 14.46 -22.16
CA LEU L 175 -10.65 13.04 -22.39
C LEU L 175 -9.35 12.26 -22.23
N GLN L 176 -8.22 12.90 -22.50
CA GLN L 176 -6.93 12.27 -22.24
C GLN L 176 -6.76 11.95 -20.76
N ASP L 177 -7.08 12.92 -19.90
CA ASP L 177 -6.96 12.70 -18.46
C ASP L 177 -7.92 11.63 -17.99
N ILE L 178 -9.16 11.64 -18.50
CA ILE L 178 -10.13 10.61 -18.14
C ILE L 178 -9.61 9.24 -18.55
N THR L 179 -9.07 9.13 -19.77
CA THR L 179 -8.56 7.84 -20.25
C THR L 179 -7.37 7.36 -19.42
N LYS L 180 -6.47 8.27 -19.05
CA LYS L 180 -5.28 7.86 -18.31
C LYS L 180 -5.66 7.38 -16.91
N GLY L 181 -6.50 8.13 -16.21
CA GLY L 181 -6.98 7.65 -14.92
C GLY L 181 -7.74 6.34 -15.04
N ALA L 182 -8.50 6.20 -16.12
CA ALA L 182 -9.21 4.95 -16.37
C ALA L 182 -8.24 3.79 -16.53
N SER L 183 -7.14 4.01 -17.26
CA SER L 183 -6.17 2.94 -17.47
C SER L 183 -5.46 2.56 -16.18
N ILE L 184 -5.12 3.55 -15.34
CA ILE L 184 -4.50 3.23 -14.05
C ILE L 184 -5.45 2.39 -13.19
N LEU L 185 -6.69 2.85 -13.05
CA LEU L 185 -7.67 2.12 -12.25
C LEU L 185 -7.92 0.73 -12.82
N GLY L 186 -8.05 0.63 -14.14
CA GLY L 186 -8.35 -0.65 -14.76
C GLY L 186 -7.21 -1.64 -14.64
N MET L 187 -5.96 -1.18 -14.79
CA MET L 187 -4.84 -2.10 -14.62
C MET L 187 -4.76 -2.59 -13.18
N PHE L 188 -4.95 -1.70 -12.21
CA PHE L 188 -4.96 -2.14 -10.82
C PHE L 188 -6.05 -3.18 -10.59
N ILE L 189 -7.29 -2.87 -10.99
CA ILE L 189 -8.41 -3.74 -10.66
C ILE L 189 -8.31 -5.04 -11.45
N LEU L 190 -7.70 -5.01 -12.64
CA LEU L 190 -7.54 -6.24 -13.39
C LEU L 190 -6.45 -7.11 -12.80
N GLY L 191 -5.40 -6.52 -12.22
CA GLY L 191 -4.47 -7.32 -11.44
C GLY L 191 -5.15 -8.00 -10.26
N SER L 192 -5.99 -7.23 -9.54
CA SER L 192 -6.70 -7.81 -8.40
C SER L 192 -7.63 -8.93 -8.84
N LEU L 193 -8.34 -8.73 -9.96
CA LEU L 193 -9.23 -9.76 -10.47
C LEU L 193 -8.48 -10.97 -11.01
N VAL L 194 -7.28 -10.76 -11.57
CA VAL L 194 -6.46 -11.89 -11.97
C VAL L 194 -6.09 -12.71 -10.76
N ASN L 195 -5.72 -12.05 -9.66
CA ASN L 195 -5.34 -12.80 -8.47
C ASN L 195 -6.55 -13.50 -7.84
N ARG L 196 -7.73 -12.90 -7.92
CA ARG L 196 -8.85 -13.35 -7.09
C ARG L 196 -9.95 -14.10 -7.81
N TRP L 197 -10.12 -13.93 -9.13
CA TRP L 197 -11.23 -14.55 -9.85
C TRP L 197 -10.83 -15.64 -10.83
N VAL L 198 -9.58 -15.72 -11.25
CA VAL L 198 -9.10 -16.79 -12.12
C VAL L 198 -8.47 -17.86 -11.23
N SER L 199 -9.13 -19.01 -11.13
CA SER L 199 -8.69 -20.10 -10.26
C SER L 199 -7.91 -21.12 -11.07
N VAL L 200 -6.61 -21.21 -10.84
CA VAL L 200 -5.76 -22.26 -11.40
C VAL L 200 -5.09 -22.96 -10.22
N LYS L 201 -5.74 -24.00 -9.70
CA LYS L 201 -5.31 -24.69 -8.49
C LYS L 201 -4.85 -26.10 -8.83
N PHE L 202 -3.73 -26.51 -8.25
CA PHE L 202 -3.15 -27.83 -8.46
C PHE L 202 -3.40 -28.71 -7.23
N THR L 203 -3.87 -29.94 -7.48
CA THR L 203 -4.18 -30.93 -6.45
C THR L 203 -3.01 -31.73 -5.89
N PRO L 204 -2.08 -32.25 -6.72
CA PRO L 204 -1.21 -33.35 -6.27
C PRO L 204 -0.34 -32.98 -5.07
N THR L 205 -0.06 -33.98 -4.23
CA THR L 205 0.74 -33.81 -3.03
C THR L 205 2.22 -34.01 -3.33
N VAL L 206 3.08 -33.44 -2.49
CA VAL L 206 4.53 -33.51 -2.68
C VAL L 206 5.22 -34.22 -1.53
N SER L 207 5.14 -33.67 -0.32
CA SER L 207 5.92 -34.16 0.81
C SER L 207 5.00 -34.48 1.98
N SER L 208 5.32 -35.58 2.67
CA SER L 208 4.52 -36.12 3.76
C SER L 208 5.41 -36.49 4.94
N VAL L 209 6.30 -35.57 5.32
CA VAL L 209 7.29 -35.88 6.35
C VAL L 209 6.60 -36.31 7.64
N LYS L 210 7.25 -37.24 8.35
CA LYS L 210 6.71 -37.78 9.58
C LYS L 210 7.29 -37.02 10.76
N LEU L 211 6.41 -36.40 11.54
CA LEU L 211 6.83 -35.46 12.57
C LEU L 211 7.34 -36.17 13.82
N ASP L 212 8.22 -35.50 14.53
CA ASP L 212 8.73 -36.00 15.79
C ASP L 212 7.74 -35.72 16.92
N LYS L 213 8.10 -36.18 18.12
CA LYS L 213 7.28 -35.90 19.30
C LYS L 213 7.35 -34.42 19.63
N GLY L 214 6.23 -33.87 20.10
CA GLY L 214 6.11 -32.45 20.35
C GLY L 214 5.60 -31.64 19.18
N ALA L 215 5.48 -32.25 18.01
CA ALA L 215 4.94 -31.56 16.84
C ALA L 215 3.44 -31.77 16.68
N PHE L 216 2.94 -32.99 16.88
CA PHE L 216 1.53 -33.28 16.77
C PHE L 216 0.93 -33.49 18.15
N ILE L 217 -0.40 -33.44 18.21
CA ILE L 217 -1.08 -33.42 19.50
C ILE L 217 -0.98 -34.77 20.20
N ASP L 218 -0.96 -35.88 19.45
CA ASP L 218 -0.78 -37.22 20.01
C ASP L 218 -1.91 -37.56 20.98
N TRP L 219 -3.09 -37.77 20.41
CA TRP L 219 -4.32 -38.02 21.14
C TRP L 219 -4.33 -39.40 21.79
N ASP L 220 -3.38 -39.65 22.69
CA ASP L 220 -3.38 -40.86 23.49
C ASP L 220 -3.27 -40.49 24.96
N LYS L 221 -2.52 -39.43 25.26
CA LYS L 221 -2.31 -38.94 26.61
C LYS L 221 -3.31 -37.85 27.00
N LEU L 222 -4.27 -37.54 26.13
CA LEU L 222 -5.22 -36.47 26.42
C LEU L 222 -6.10 -36.84 27.63
N PRO L 223 -6.43 -35.87 28.47
CA PRO L 223 -7.31 -36.16 29.61
C PRO L 223 -8.72 -36.48 29.16
N SER L 224 -9.46 -37.14 30.04
CA SER L 224 -10.78 -37.67 29.73
C SER L 224 -11.83 -36.87 30.50
N GLY L 225 -12.43 -35.89 29.85
CA GLY L 225 -13.56 -35.17 30.42
C GLY L 225 -13.25 -33.79 30.96
N ALA L 226 -13.72 -32.76 30.26
CA ALA L 226 -13.70 -31.37 30.74
C ALA L 226 -12.28 -30.82 30.89
N LYS L 227 -11.28 -31.62 30.55
CA LYS L 227 -9.90 -31.17 30.48
C LYS L 227 -9.20 -31.60 29.20
N GLY L 228 -9.66 -32.69 28.57
CA GLY L 228 -9.13 -33.07 27.28
C GLY L 228 -9.34 -32.00 26.23
N ILE L 229 -10.54 -31.41 26.20
CA ILE L 229 -10.82 -30.33 25.25
C ILE L 229 -9.93 -29.13 25.55
N GLN L 230 -9.76 -28.80 26.83
CA GLN L 230 -8.88 -27.70 27.21
C GLN L 230 -7.47 -27.90 26.65
N SER L 231 -6.88 -29.07 26.91
CA SER L 231 -5.52 -29.32 26.48
C SER L 231 -5.43 -29.39 24.96
N ALA L 232 -6.46 -29.92 24.31
CA ALA L 232 -6.49 -29.96 22.86
C ALA L 232 -6.48 -28.55 22.27
N LEU L 233 -7.29 -27.65 22.83
CA LEU L 233 -7.32 -26.28 22.35
C LEU L 233 -6.02 -25.54 22.62
N GLN L 234 -5.39 -25.76 23.78
CA GLN L 234 -4.11 -25.11 24.03
C GLN L 234 -3.03 -25.62 23.08
N GLN L 235 -2.99 -26.93 22.83
CA GLN L 235 -1.99 -27.46 21.91
C GLN L 235 -2.26 -27.02 20.47
N GLN L 236 -3.53 -26.88 20.10
CA GLN L 236 -3.86 -26.34 18.79
C GLN L 236 -3.44 -24.88 18.66
N ALA L 237 -3.69 -24.09 19.71
CA ALA L 237 -3.35 -22.67 19.68
C ALA L 237 -1.84 -22.45 19.65
N GLN L 238 -1.07 -23.33 20.29
CA GLN L 238 0.39 -23.21 20.27
C GLN L 238 1.00 -23.62 18.93
N GLY L 239 0.21 -24.16 18.01
CA GLY L 239 0.70 -24.53 16.70
C GLY L 239 1.01 -25.99 16.50
N LEU L 240 0.76 -26.85 17.48
CA LEU L 240 0.97 -28.27 17.29
C LEU L 240 0.02 -28.82 16.22
N SER L 241 0.56 -29.63 15.32
CA SER L 241 -0.18 -30.10 14.16
C SER L 241 -1.23 -31.12 14.60
N LEU L 242 -2.42 -31.02 14.02
CA LEU L 242 -3.54 -31.84 14.47
C LEU L 242 -3.43 -33.28 14.00
N THR L 243 -2.38 -33.63 13.27
CA THR L 243 -2.17 -34.98 12.77
C THR L 243 -0.67 -35.28 12.81
N ASP L 244 -0.33 -36.57 12.82
CA ASP L 244 1.06 -36.98 12.86
C ASP L 244 1.72 -36.93 11.49
N HIS L 245 1.09 -36.28 10.51
CA HIS L 245 1.64 -36.12 9.17
C HIS L 245 1.42 -34.69 8.69
N LYS L 246 2.42 -34.14 8.00
CA LYS L 246 2.34 -32.81 7.42
C LYS L 246 2.20 -32.94 5.91
N ILE L 247 1.11 -32.40 5.36
CA ILE L 247 0.79 -32.51 3.94
C ILE L 247 1.27 -31.25 3.24
N THR L 248 2.08 -31.43 2.19
CA THR L 248 2.55 -30.32 1.37
C THR L 248 2.16 -30.58 -0.08
N THR L 249 1.29 -29.73 -0.60
CA THR L 249 0.81 -29.84 -1.97
C THR L 249 1.54 -28.86 -2.88
N LEU L 250 1.45 -29.11 -4.19
CA LEU L 250 2.06 -28.21 -5.15
C LEU L 250 1.41 -26.83 -5.08
N GLN L 251 0.13 -26.78 -4.74
CA GLN L 251 -0.50 -25.47 -4.56
C GLN L 251 0.15 -24.69 -3.43
N ASP L 252 0.49 -25.39 -2.34
CA ASP L 252 1.21 -24.73 -1.25
C ASP L 252 2.61 -24.29 -1.69
N ASN L 253 3.29 -25.10 -2.51
CA ASN L 253 4.61 -24.71 -3.00
C ASN L 253 4.53 -23.45 -3.85
N LEU L 254 3.51 -23.36 -4.71
CA LEU L 254 3.32 -22.15 -5.51
C LEU L 254 2.92 -20.97 -4.65
N ASP L 255 2.04 -21.20 -3.68
CA ASP L 255 1.52 -20.14 -2.82
C ASP L 255 2.61 -19.57 -1.92
N SER L 256 3.58 -20.40 -1.54
CA SER L 256 4.73 -19.90 -0.80
C SER L 256 5.48 -18.84 -1.60
N LEU L 257 5.45 -18.94 -2.92
CA LEU L 257 6.01 -17.89 -3.76
C LEU L 257 5.09 -16.68 -3.77
N ILE L 258 3.88 -16.84 -4.29
CA ILE L 258 2.90 -15.76 -4.34
C ILE L 258 1.54 -16.34 -4.71
N PRO L 259 0.45 -15.89 -4.10
CA PRO L 259 -0.88 -16.36 -4.52
C PRO L 259 -1.18 -15.96 -5.95
N GLY L 260 -1.89 -16.83 -6.66
CA GLY L 260 -2.30 -16.54 -8.02
C GLY L 260 -1.21 -16.59 -9.05
N LEU L 261 -0.09 -17.27 -8.79
CA LEU L 261 1.00 -17.33 -9.74
C LEU L 261 0.60 -18.04 -11.02
N ALA L 262 -0.10 -19.18 -10.89
CA ALA L 262 -0.57 -19.91 -12.07
C ALA L 262 -1.60 -19.08 -12.84
N ALA L 263 -2.47 -18.36 -12.14
CA ALA L 263 -3.44 -17.49 -12.80
C ALA L 263 -2.74 -16.40 -13.60
N LEU L 264 -1.69 -15.80 -13.02
CA LEU L 264 -0.93 -14.80 -13.75
C LEU L 264 -0.24 -15.41 -14.98
N GLY L 265 0.28 -16.63 -14.82
CA GLY L 265 0.89 -17.29 -15.97
C GLY L 265 -0.08 -17.53 -17.10
N LEU L 266 -1.29 -18.01 -16.77
CA LEU L 266 -2.32 -18.19 -17.79
C LEU L 266 -2.73 -16.87 -18.42
N THR L 267 -2.84 -15.81 -17.61
CA THR L 267 -3.17 -14.50 -18.15
C THR L 267 -2.11 -14.02 -19.14
N LEU L 268 -0.84 -14.17 -18.77
CA LEU L 268 0.25 -13.78 -19.66
C LEU L 268 0.21 -14.60 -20.94
N PHE L 269 -0.06 -15.91 -20.83
CA PHE L 269 -0.08 -16.76 -22.01
C PHE L 269 -1.23 -16.41 -22.94
N CYS L 270 -2.38 -16.06 -22.37
CA CYS L 270 -3.51 -15.61 -23.20
C CYS L 270 -3.18 -14.30 -23.90
N MET L 271 -2.53 -13.37 -23.19
CA MET L 271 -2.09 -12.14 -23.85
C MET L 271 -1.15 -12.45 -25.02
N TRP L 272 -0.17 -13.32 -24.78
CA TRP L 272 0.81 -13.63 -25.81
C TRP L 272 0.16 -14.30 -27.01
N LEU L 273 -0.76 -15.24 -26.76
CA LEU L 273 -1.41 -15.95 -27.85
C LEU L 273 -2.36 -15.04 -28.63
N LEU L 274 -3.05 -14.13 -27.95
CA LEU L 274 -3.90 -13.18 -28.66
C LEU L 274 -3.08 -12.23 -29.51
N LYS L 275 -1.91 -11.81 -29.00
CA LYS L 275 -0.98 -11.02 -29.81
C LYS L 275 -0.46 -11.81 -31.02
N LYS L 276 -0.40 -13.13 -30.90
CA LYS L 276 0.10 -13.99 -31.97
C LYS L 276 -1.01 -14.50 -32.88
N LYS L 277 -2.10 -13.72 -33.04
CA LYS L 277 -3.16 -13.99 -34.02
C LYS L 277 -3.78 -15.38 -33.83
N VAL L 278 -4.23 -15.66 -32.62
CA VAL L 278 -4.97 -16.88 -32.31
C VAL L 278 -6.39 -16.47 -31.97
N SER L 279 -7.36 -17.00 -32.71
CA SER L 279 -8.75 -16.61 -32.50
C SER L 279 -9.20 -17.05 -31.12
N PRO L 280 -9.76 -16.14 -30.32
CA PRO L 280 -10.05 -16.47 -28.91
C PRO L 280 -11.04 -17.62 -28.74
N ILE L 281 -11.84 -17.93 -29.75
CA ILE L 281 -12.67 -19.14 -29.69
C ILE L 281 -11.79 -20.38 -29.60
N VAL L 282 -10.71 -20.43 -30.37
CA VAL L 282 -9.79 -21.56 -30.30
C VAL L 282 -9.12 -21.62 -28.92
N ILE L 283 -8.72 -20.46 -28.39
CA ILE L 283 -8.08 -20.43 -27.08
C ILE L 283 -9.04 -20.93 -26.00
N ILE L 284 -10.30 -20.51 -26.06
CA ILE L 284 -11.26 -20.89 -25.01
C ILE L 284 -11.63 -22.38 -25.13
N LEU L 285 -11.83 -22.87 -26.35
CA LEU L 285 -12.08 -24.30 -26.51
C LEU L 285 -10.89 -25.11 -26.02
N GLY L 286 -9.67 -24.65 -26.34
CA GLY L 286 -8.49 -25.31 -25.84
C GLY L 286 -8.37 -25.25 -24.33
N LEU L 287 -8.82 -24.16 -23.73
CA LEU L 287 -8.84 -24.05 -22.28
C LEU L 287 -9.81 -25.06 -21.66
N PHE L 288 -10.98 -25.22 -22.27
CA PHE L 288 -11.93 -26.22 -21.79
C PHE L 288 -11.32 -27.62 -21.87
N VAL L 289 -10.67 -27.93 -22.99
CA VAL L 289 -10.08 -29.25 -23.15
C VAL L 289 -8.90 -29.43 -22.18
N VAL L 290 -8.15 -28.35 -21.94
CA VAL L 290 -7.05 -28.38 -20.98
C VAL L 290 -7.58 -28.71 -19.59
N GLY L 291 -8.68 -28.06 -19.19
CA GLY L 291 -9.32 -28.41 -17.93
C GLY L 291 -9.73 -29.87 -17.88
N ILE L 292 -10.32 -30.37 -18.97
CA ILE L 292 -10.73 -31.77 -19.05
C ILE L 292 -9.54 -32.69 -18.80
N VAL L 293 -8.43 -32.44 -19.51
CA VAL L 293 -7.28 -33.33 -19.42
C VAL L 293 -6.61 -33.22 -18.05
N PHE L 294 -6.34 -32.00 -17.59
CA PHE L 294 -5.65 -31.84 -16.31
C PHE L 294 -6.49 -32.39 -15.15
N HIS L 295 -7.82 -32.35 -15.25
CA HIS L 295 -8.60 -33.05 -14.23
C HIS L 295 -8.54 -34.56 -14.42
N LEU L 296 -8.49 -35.04 -15.66
CA LEU L 296 -8.28 -36.47 -15.88
C LEU L 296 -6.93 -36.92 -15.34
N LEU L 297 -5.88 -36.13 -15.56
CA LEU L 297 -4.54 -36.46 -15.06
C LEU L 297 -4.39 -36.16 -13.57
N HIS L 298 -5.48 -35.77 -12.90
CA HIS L 298 -5.49 -35.46 -11.47
C HIS L 298 -4.60 -34.27 -11.13
N LEU L 299 -4.33 -33.40 -12.12
CA LEU L 299 -3.56 -32.20 -11.82
C LEU L 299 -4.42 -31.12 -11.19
N MET L 300 -5.38 -30.57 -11.93
CA MET L 300 -6.28 -29.58 -11.36
C MET L 300 -7.39 -30.26 -10.57
C1 MAN M . 35.86 -8.48 -4.15
C2 MAN M . 35.31 -9.63 -3.33
C3 MAN M . 34.52 -10.54 -4.25
C4 MAN M . 33.43 -9.74 -4.96
C5 MAN M . 34.07 -8.58 -5.74
C6 MAN M . 33.06 -7.66 -6.40
O1 MAN M . 36.83 -9.05 -4.99
O2 MAN M . 34.37 -9.16 -2.36
O3 MAN M . 33.98 -11.67 -3.57
O4 MAN M . 32.70 -10.58 -5.86
O5 MAN M . 34.86 -7.78 -4.86
O6 MAN M . 32.51 -6.83 -5.40
C1 MAN N . -7.58 28.71 22.12
C2 MAN N . -7.91 27.56 23.06
C3 MAN N . -6.59 27.03 23.63
C4 MAN N . -5.66 26.63 22.49
C5 MAN N . -5.40 27.84 21.60
C6 MAN N . -4.53 27.56 20.40
O1 MAN N . -7.10 29.74 22.95
O2 MAN N . -8.48 26.48 22.34
O3 MAN N . -6.79 25.95 24.55
O4 MAN N . -4.44 26.15 23.03
O5 MAN N . -6.66 28.35 21.12
O6 MAN N . -5.35 26.95 19.41
C1 MAN O . -20.89 -3.20 -30.27
C2 MAN O . -21.84 -4.15 -29.51
C3 MAN O . -22.56 -3.38 -28.41
C4 MAN O . -21.56 -2.62 -27.53
C5 MAN O . -20.75 -1.66 -28.41
C6 MAN O . -19.69 -0.88 -27.65
O1 MAN O . -21.72 -2.44 -31.09
O2 MAN O . -21.13 -5.21 -28.87
O3 MAN O . -23.39 -4.23 -27.62
O4 MAN O . -22.24 -1.89 -26.52
O5 MAN O . -20.07 -2.42 -29.43
O6 MAN O . -18.43 -1.53 -27.82
#